data_5I0C
# 
_entry.id   5I0C 
# 
_audit_conform.dict_name       mmcif_pdbx.dic 
_audit_conform.dict_version    5.399 
_audit_conform.dict_location   http://mmcif.pdb.org/dictionaries/ascii/mmcif_pdbx.dic 
# 
loop_
_database_2.database_id 
_database_2.database_code 
_database_2.pdbx_database_accession 
_database_2.pdbx_DOI 
PDB   5I0C         pdb_00005i0c 10.2210/pdb5i0c/pdb 
WWPDB D_1000218033 ?            ?                   
# 
loop_
_pdbx_audit_revision_history.ordinal 
_pdbx_audit_revision_history.data_content_type 
_pdbx_audit_revision_history.major_revision 
_pdbx_audit_revision_history.minor_revision 
_pdbx_audit_revision_history.revision_date 
1 'Structure model' 1 0 2016-02-24 
2 'Structure model' 1 1 2024-11-20 
# 
_pdbx_audit_revision_details.ordinal             1 
_pdbx_audit_revision_details.revision_ordinal    1 
_pdbx_audit_revision_details.data_content_type   'Structure model' 
_pdbx_audit_revision_details.provider            repository 
_pdbx_audit_revision_details.type                'Initial release' 
_pdbx_audit_revision_details.description         ? 
_pdbx_audit_revision_details.details             ? 
# 
loop_
_pdbx_audit_revision_group.ordinal 
_pdbx_audit_revision_group.revision_ordinal 
_pdbx_audit_revision_group.data_content_type 
_pdbx_audit_revision_group.group 
1 2 'Structure model' 'Data collection'      
2 2 'Structure model' 'Database references'  
3 2 'Structure model' 'Derived calculations' 
4 2 'Structure model' 'Structure summary'    
# 
loop_
_pdbx_audit_revision_category.ordinal 
_pdbx_audit_revision_category.revision_ordinal 
_pdbx_audit_revision_category.data_content_type 
_pdbx_audit_revision_category.category 
1  2 'Structure model' chem_comp_atom            
2  2 'Structure model' chem_comp_bond            
3  2 'Structure model' database_2                
4  2 'Structure model' pdbx_entry_details        
5  2 'Structure model' pdbx_modification_feature 
6  2 'Structure model' pdbx_prerelease_seq       
7  2 'Structure model' pdbx_struct_conn_angle    
8  2 'Structure model' pdbx_struct_oper_list     
9  2 'Structure model' struct_conn               
10 2 'Structure model' struct_conn_type          
# 
loop_
_pdbx_audit_revision_item.ordinal 
_pdbx_audit_revision_item.revision_ordinal 
_pdbx_audit_revision_item.data_content_type 
_pdbx_audit_revision_item.item 
1  2 'Structure model' '_database_2.pdbx_DOI'                        
2  2 'Structure model' '_database_2.pdbx_database_accession'         
3  2 'Structure model' '_pdbx_struct_conn_angle.ptnr1_auth_comp_id'  
4  2 'Structure model' '_pdbx_struct_conn_angle.ptnr1_auth_seq_id'   
5  2 'Structure model' '_pdbx_struct_conn_angle.ptnr1_label_asym_id' 
6  2 'Structure model' '_pdbx_struct_conn_angle.ptnr1_label_atom_id' 
7  2 'Structure model' '_pdbx_struct_conn_angle.ptnr1_label_comp_id' 
8  2 'Structure model' '_pdbx_struct_conn_angle.ptnr1_label_seq_id'  
9  2 'Structure model' '_pdbx_struct_conn_angle.ptnr3_auth_comp_id'  
10 2 'Structure model' '_pdbx_struct_conn_angle.ptnr3_auth_seq_id'   
11 2 'Structure model' '_pdbx_struct_conn_angle.ptnr3_label_asym_id' 
12 2 'Structure model' '_pdbx_struct_conn_angle.ptnr3_label_atom_id' 
13 2 'Structure model' '_pdbx_struct_conn_angle.ptnr3_label_comp_id' 
14 2 'Structure model' '_pdbx_struct_conn_angle.ptnr3_label_seq_id'  
15 2 'Structure model' '_pdbx_struct_conn_angle.value'               
16 2 'Structure model' '_pdbx_struct_oper_list.symmetry_operation'   
17 2 'Structure model' '_struct_conn.conn_type_id'                   
18 2 'Structure model' '_struct_conn.id'                             
19 2 'Structure model' '_struct_conn.pdbx_dist_value'                
20 2 'Structure model' '_struct_conn.pdbx_leaving_atom_flag'         
21 2 'Structure model' '_struct_conn.ptnr1_auth_comp_id'             
22 2 'Structure model' '_struct_conn.ptnr1_auth_seq_id'              
23 2 'Structure model' '_struct_conn.ptnr1_label_asym_id'            
24 2 'Structure model' '_struct_conn.ptnr1_label_atom_id'            
25 2 'Structure model' '_struct_conn.ptnr1_label_comp_id'            
26 2 'Structure model' '_struct_conn.ptnr1_label_seq_id'             
27 2 'Structure model' '_struct_conn.ptnr2_auth_comp_id'             
28 2 'Structure model' '_struct_conn.ptnr2_auth_seq_id'              
29 2 'Structure model' '_struct_conn.ptnr2_label_asym_id'            
30 2 'Structure model' '_struct_conn.ptnr2_label_atom_id'            
31 2 'Structure model' '_struct_conn.ptnr2_label_comp_id'            
32 2 'Structure model' '_struct_conn.ptnr2_label_seq_id'             
33 2 'Structure model' '_struct_conn.ptnr2_symmetry'                 
34 2 'Structure model' '_struct_conn_type.id'                        
# 
_pdbx_database_status.status_code                     REL 
_pdbx_database_status.status_code_sf                  REL 
_pdbx_database_status.status_code_mr                  ? 
_pdbx_database_status.entry_id                        5I0C 
_pdbx_database_status.recvd_initial_deposition_date   2016-02-03 
_pdbx_database_status.SG_entry                        Y 
_pdbx_database_status.deposit_site                    RCSB 
_pdbx_database_status.process_site                    RCSB 
_pdbx_database_status.status_code_cs                  ? 
_pdbx_database_status.methods_development_category    ? 
_pdbx_database_status.pdb_format_compatible           Y 
_pdbx_database_status.status_code_nmr_data            ? 
# 
_pdbx_database_related.db_name        TargetTrack 
_pdbx_database_related.details        . 
_pdbx_database_related.db_id          CSGID-IDP92641 
_pdbx_database_related.content_type   unspecified 
# 
loop_
_audit_author.name 
_audit_author.pdbx_ordinal 
'Filippova, E.V.'                                               1  
'Minasov, G.'                                                   2  
'Wawrzak, Z.'                                                   3  
'Shuvalova, L.'                                                 4  
'Dubrovska, I.'                                                 5  
'Winsor, J.'                                                    6  
'Grimshaw, S.'                                                  7  
'Wolfe, A.J.'                                                   8  
'Anderson, W.F.'                                                9  
'Center for Structural Genomics of Infectious Diseases (CSGID)' 10 
# 
_citation.abstract                  ? 
_citation.abstract_id_CAS           ? 
_citation.book_id_ISBN              ? 
_citation.book_publisher            ? 
_citation.book_publisher_city       ? 
_citation.book_title                ? 
_citation.coordinate_linkage        ? 
_citation.country                   ? 
_citation.database_id_Medline       ? 
_citation.details                   ? 
_citation.id                        primary 
_citation.journal_abbrev            'To Be Published' 
_citation.journal_id_ASTM           ? 
_citation.journal_id_CSD            0353 
_citation.journal_id_ISSN           ? 
_citation.journal_full              ? 
_citation.journal_issue             ? 
_citation.journal_volume            ? 
_citation.language                  ? 
_citation.page_first                ? 
_citation.page_last                 ? 
_citation.title                     
'Crystal structure of predicted acyltransferase YjdJ with acyl-CoA N-acyltransferase domain from Escherichia coli str. K-12' 
_citation.year                      ? 
_citation.database_id_CSD           ? 
_citation.pdbx_database_id_DOI      ? 
_citation.pdbx_database_id_PubMed   ? 
_citation.unpublished_flag          ? 
# 
loop_
_citation_author.citation_id 
_citation_author.name 
_citation_author.ordinal 
_citation_author.identifier_ORCID 
primary 'Filippova, E.V.'                                               1  ? 
primary 'Minasov, G.'                                                   2  ? 
primary 'Wawrzak, Z.'                                                   3  ? 
primary 'Shuvalova, L.'                                                 4  ? 
primary 'Dubrovska, I.'                                                 5  ? 
primary 'Winsor, J.'                                                    6  ? 
primary 'Grimshaw, S.'                                                  7  ? 
primary 'Wolfe, A.J.'                                                   8  ? 
primary 'Anderson, W.F.'                                                9  ? 
primary 'Center for Structural Genomics of Infectious Diseases (CSGID)' 10 ? 
# 
loop_
_entity.id 
_entity.type 
_entity.src_method 
_entity.pdbx_description 
_entity.formula_weight 
_entity.pdbx_number_of_molecules 
_entity.pdbx_ec 
_entity.pdbx_mutation 
_entity.pdbx_fragment 
_entity.details 
1 polymer     man 'Uncharacterized protein YjdJ' 10854.135 1  ? ? ? ? 
2 non-polymer syn 'NICKEL (II) ION'              58.693    3  ? ? ? ? 
3 non-polymer syn 'CADMIUM ION'                  112.411   1  ? ? ? ? 
4 non-polymer syn 'PHOSPHATE ION'                94.971    1  ? ? ? ? 
5 water       nat water                          18.015    61 ? ? ? ? 
# 
_entity_poly.entity_id                      1 
_entity_poly.type                           'polypeptide(L)' 
_entity_poly.nstd_linkage                   no 
_entity_poly.nstd_monomer                   yes 
_entity_poly.pdbx_seq_one_letter_code       
;(MSE)EIREGHNKFYINDKQGKQIAEIVFVPTGENLAIIEHTDVDESLKGQGIGKQLVAKVVEK(MSE)RREKRKIIPLC
PFAKHEFDKTREYDDIRSASN
;
_entity_poly.pdbx_seq_one_letter_code_can   
;MEIREGHNKFYINDKQGKQIAEIVFVPTGENLAIIEHTDVDESLKGQGIGKQLVAKVVEKMRREKRKIIPLCPFAKHEFD
KTREYDDIRSASN
;
_entity_poly.pdbx_strand_id                 A 
_entity_poly.pdbx_target_identifier         CSGID-IDP92641 
# 
loop_
_pdbx_entity_nonpoly.entity_id 
_pdbx_entity_nonpoly.name 
_pdbx_entity_nonpoly.comp_id 
2 'NICKEL (II) ION' NI  
3 'CADMIUM ION'     CD  
4 'PHOSPHATE ION'   PO4 
5 water             HOH 
# 
loop_
_entity_poly_seq.entity_id 
_entity_poly_seq.num 
_entity_poly_seq.mon_id 
_entity_poly_seq.hetero 
1 1  MSE n 
1 2  GLU n 
1 3  ILE n 
1 4  ARG n 
1 5  GLU n 
1 6  GLY n 
1 7  HIS n 
1 8  ASN n 
1 9  LYS n 
1 10 PHE n 
1 11 TYR n 
1 12 ILE n 
1 13 ASN n 
1 14 ASP n 
1 15 LYS n 
1 16 GLN n 
1 17 GLY n 
1 18 LYS n 
1 19 GLN n 
1 20 ILE n 
1 21 ALA n 
1 22 GLU n 
1 23 ILE n 
1 24 VAL n 
1 25 PHE n 
1 26 VAL n 
1 27 PRO n 
1 28 THR n 
1 29 GLY n 
1 30 GLU n 
1 31 ASN n 
1 32 LEU n 
1 33 ALA n 
1 34 ILE n 
1 35 ILE n 
1 36 GLU n 
1 37 HIS n 
1 38 THR n 
1 39 ASP n 
1 40 VAL n 
1 41 ASP n 
1 42 GLU n 
1 43 SER n 
1 44 LEU n 
1 45 LYS n 
1 46 GLY n 
1 47 GLN n 
1 48 GLY n 
1 49 ILE n 
1 50 GLY n 
1 51 LYS n 
1 52 GLN n 
1 53 LEU n 
1 54 VAL n 
1 55 ALA n 
1 56 LYS n 
1 57 VAL n 
1 58 VAL n 
1 59 GLU n 
1 60 LYS n 
1 61 MSE n 
1 62 ARG n 
1 63 ARG n 
1 64 GLU n 
1 65 LYS n 
1 66 ARG n 
1 67 LYS n 
1 68 ILE n 
1 69 ILE n 
1 70 PRO n 
1 71 LEU n 
1 72 CYS n 
1 73 PRO n 
1 74 PHE n 
1 75 ALA n 
1 76 LYS n 
1 77 HIS n 
1 78 GLU n 
1 79 PHE n 
1 80 ASP n 
1 81 LYS n 
1 82 THR n 
1 83 ARG n 
1 84 GLU n 
1 85 TYR n 
1 86 ASP n 
1 87 ASP n 
1 88 ILE n 
1 89 ARG n 
1 90 SER n 
1 91 ALA n 
1 92 SER n 
1 93 ASN n 
# 
_entity_src_gen.entity_id                          1 
_entity_src_gen.pdbx_src_id                        1 
_entity_src_gen.pdbx_alt_source_flag               sample 
_entity_src_gen.pdbx_seq_type                      'Biological sequence' 
_entity_src_gen.pdbx_beg_seq_num                   1 
_entity_src_gen.pdbx_end_seq_num                   93 
_entity_src_gen.gene_src_common_name               ? 
_entity_src_gen.gene_src_genus                     ? 
_entity_src_gen.pdbx_gene_src_gene                 'yjdJ, b4127, JW4088' 
_entity_src_gen.gene_src_species                   ? 
_entity_src_gen.gene_src_strain                    K12 
_entity_src_gen.gene_src_tissue                    ? 
_entity_src_gen.gene_src_tissue_fraction           ? 
_entity_src_gen.gene_src_details                   ? 
_entity_src_gen.pdbx_gene_src_fragment             ? 
_entity_src_gen.pdbx_gene_src_scientific_name      'Escherichia coli (strain K12)' 
_entity_src_gen.pdbx_gene_src_ncbi_taxonomy_id     83333 
_entity_src_gen.pdbx_gene_src_variant              ? 
_entity_src_gen.pdbx_gene_src_cell_line            ? 
_entity_src_gen.pdbx_gene_src_atcc                 ? 
_entity_src_gen.pdbx_gene_src_organ                ? 
_entity_src_gen.pdbx_gene_src_organelle            ? 
_entity_src_gen.pdbx_gene_src_cell                 ? 
_entity_src_gen.pdbx_gene_src_cellular_location    ? 
_entity_src_gen.host_org_common_name               ? 
_entity_src_gen.pdbx_host_org_scientific_name      'Escherichia coli' 
_entity_src_gen.pdbx_host_org_ncbi_taxonomy_id     562 
_entity_src_gen.host_org_genus                     ? 
_entity_src_gen.pdbx_host_org_gene                 ? 
_entity_src_gen.pdbx_host_org_organ                ? 
_entity_src_gen.host_org_species                   ? 
_entity_src_gen.pdbx_host_org_tissue               ? 
_entity_src_gen.pdbx_host_org_tissue_fraction      ? 
_entity_src_gen.pdbx_host_org_strain               'BL21 Magic   ' 
_entity_src_gen.pdbx_host_org_variant              ? 
_entity_src_gen.pdbx_host_org_cell_line            ? 
_entity_src_gen.pdbx_host_org_atcc                 ? 
_entity_src_gen.pdbx_host_org_culture_collection   ? 
_entity_src_gen.pdbx_host_org_cell                 ? 
_entity_src_gen.pdbx_host_org_organelle            ? 
_entity_src_gen.pdbx_host_org_cellular_location    ? 
_entity_src_gen.pdbx_host_org_vector_type          plasmid 
_entity_src_gen.pdbx_host_org_vector               ? 
_entity_src_gen.host_org_details                   ? 
_entity_src_gen.expression_system_id               ? 
_entity_src_gen.plasmid_name                       pMCSG28 
_entity_src_gen.plasmid_details                    ? 
_entity_src_gen.pdbx_description                   ? 
# 
loop_
_chem_comp.id 
_chem_comp.type 
_chem_comp.mon_nstd_flag 
_chem_comp.name 
_chem_comp.pdbx_synonyms 
_chem_comp.formula 
_chem_comp.formula_weight 
ALA 'L-peptide linking' y ALANINE           ? 'C3 H7 N O2'     89.093  
ARG 'L-peptide linking' y ARGININE          ? 'C6 H15 N4 O2 1' 175.209 
ASN 'L-peptide linking' y ASPARAGINE        ? 'C4 H8 N2 O3'    132.118 
ASP 'L-peptide linking' y 'ASPARTIC ACID'   ? 'C4 H7 N O4'     133.103 
CD  non-polymer         . 'CADMIUM ION'     ? 'Cd 2'           112.411 
CYS 'L-peptide linking' y CYSTEINE          ? 'C3 H7 N O2 S'   121.158 
GLN 'L-peptide linking' y GLUTAMINE         ? 'C5 H10 N2 O3'   146.144 
GLU 'L-peptide linking' y 'GLUTAMIC ACID'   ? 'C5 H9 N O4'     147.129 
GLY 'peptide linking'   y GLYCINE           ? 'C2 H5 N O2'     75.067  
HIS 'L-peptide linking' y HISTIDINE         ? 'C6 H10 N3 O2 1' 156.162 
HOH non-polymer         . WATER             ? 'H2 O'           18.015  
ILE 'L-peptide linking' y ISOLEUCINE        ? 'C6 H13 N O2'    131.173 
LEU 'L-peptide linking' y LEUCINE           ? 'C6 H13 N O2'    131.173 
LYS 'L-peptide linking' y LYSINE            ? 'C6 H15 N2 O2 1' 147.195 
MSE 'L-peptide linking' n SELENOMETHIONINE  ? 'C5 H11 N O2 Se' 196.106 
NI  non-polymer         . 'NICKEL (II) ION' ? 'Ni 2'           58.693  
PHE 'L-peptide linking' y PHENYLALANINE     ? 'C9 H11 N O2'    165.189 
PO4 non-polymer         . 'PHOSPHATE ION'   ? 'O4 P -3'        94.971  
PRO 'L-peptide linking' y PROLINE           ? 'C5 H9 N O2'     115.130 
SER 'L-peptide linking' y SERINE            ? 'C3 H7 N O3'     105.093 
THR 'L-peptide linking' y THREONINE         ? 'C4 H9 N O3'     119.119 
TYR 'L-peptide linking' y TYROSINE          ? 'C9 H11 N O3'    181.189 
VAL 'L-peptide linking' y VALINE            ? 'C5 H11 N O2'    117.146 
# 
loop_
_pdbx_poly_seq_scheme.asym_id 
_pdbx_poly_seq_scheme.entity_id 
_pdbx_poly_seq_scheme.seq_id 
_pdbx_poly_seq_scheme.mon_id 
_pdbx_poly_seq_scheme.ndb_seq_num 
_pdbx_poly_seq_scheme.pdb_seq_num 
_pdbx_poly_seq_scheme.auth_seq_num 
_pdbx_poly_seq_scheme.pdb_mon_id 
_pdbx_poly_seq_scheme.auth_mon_id 
_pdbx_poly_seq_scheme.pdb_strand_id 
_pdbx_poly_seq_scheme.pdb_ins_code 
_pdbx_poly_seq_scheme.hetero 
A 1 1  MSE 1  1  ?  ?   ?   A . n 
A 1 2  GLU 2  2  2  GLU GLU A . n 
A 1 3  ILE 3  3  3  ILE ILE A . n 
A 1 4  ARG 4  4  4  ARG ARG A . n 
A 1 5  GLU 5  5  5  GLU GLU A . n 
A 1 6  GLY 6  6  6  GLY GLY A . n 
A 1 7  HIS 7  7  7  HIS HIS A . n 
A 1 8  ASN 8  8  8  ASN ASN A . n 
A 1 9  LYS 9  9  9  LYS LYS A . n 
A 1 10 PHE 10 10 10 PHE PHE A . n 
A 1 11 TYR 11 11 11 TYR TYR A . n 
A 1 12 ILE 12 12 12 ILE ILE A . n 
A 1 13 ASN 13 13 13 ASN ASN A . n 
A 1 14 ASP 14 14 14 ASP ASP A . n 
A 1 15 LYS 15 15 ?  ?   ?   A . n 
A 1 16 GLN 16 16 16 GLN GLN A . n 
A 1 17 GLY 17 17 17 GLY GLY A . n 
A 1 18 LYS 18 18 18 LYS LYS A . n 
A 1 19 GLN 19 19 19 GLN GLN A . n 
A 1 20 ILE 20 20 20 ILE ILE A . n 
A 1 21 ALA 21 21 21 ALA ALA A . n 
A 1 22 GLU 22 22 22 GLU GLU A . n 
A 1 23 ILE 23 23 23 ILE ILE A . n 
A 1 24 VAL 24 24 24 VAL VAL A . n 
A 1 25 PHE 25 25 25 PHE PHE A . n 
A 1 26 VAL 26 26 26 VAL VAL A . n 
A 1 27 PRO 27 27 27 PRO PRO A . n 
A 1 28 THR 28 28 28 THR THR A . n 
A 1 29 GLY 29 29 29 GLY GLY A . n 
A 1 30 GLU 30 30 30 GLU GLU A . n 
A 1 31 ASN 31 31 31 ASN ASN A . n 
A 1 32 LEU 32 32 32 LEU LEU A . n 
A 1 33 ALA 33 33 33 ALA ALA A . n 
A 1 34 ILE 34 34 34 ILE ILE A . n 
A 1 35 ILE 35 35 35 ILE ILE A . n 
A 1 36 GLU 36 36 36 GLU GLU A . n 
A 1 37 HIS 37 37 37 HIS HIS A . n 
A 1 38 THR 38 38 38 THR THR A . n 
A 1 39 ASP 39 39 39 ASP ASP A . n 
A 1 40 VAL 40 40 40 VAL VAL A . n 
A 1 41 ASP 41 41 41 ASP ASP A . n 
A 1 42 GLU 42 42 42 GLU GLU A . n 
A 1 43 SER 43 43 43 SER SER A . n 
A 1 44 LEU 44 44 44 LEU LEU A . n 
A 1 45 LYS 45 45 45 LYS LYS A . n 
A 1 46 GLY 46 46 46 GLY GLY A . n 
A 1 47 GLN 47 47 47 GLN GLN A . n 
A 1 48 GLY 48 48 48 GLY GLY A . n 
A 1 49 ILE 49 49 49 ILE ILE A . n 
A 1 50 GLY 50 50 50 GLY GLY A . n 
A 1 51 LYS 51 51 51 LYS LYS A . n 
A 1 52 GLN 52 52 52 GLN GLN A . n 
A 1 53 LEU 53 53 53 LEU LEU A . n 
A 1 54 VAL 54 54 54 VAL VAL A . n 
A 1 55 ALA 55 55 55 ALA ALA A . n 
A 1 56 LYS 56 56 56 LYS LYS A . n 
A 1 57 VAL 57 57 57 VAL VAL A . n 
A 1 58 VAL 58 58 58 VAL VAL A . n 
A 1 59 GLU 59 59 59 GLU GLU A . n 
A 1 60 LYS 60 60 60 LYS LYS A . n 
A 1 61 MSE 61 61 61 MSE MSE A . n 
A 1 62 ARG 62 62 62 ARG ARG A . n 
A 1 63 ARG 63 63 63 ARG ARG A . n 
A 1 64 GLU 64 64 64 GLU GLU A . n 
A 1 65 LYS 65 65 65 LYS LYS A . n 
A 1 66 ARG 66 66 66 ARG ARG A . n 
A 1 67 LYS 67 67 67 LYS LYS A . n 
A 1 68 ILE 68 68 68 ILE ILE A . n 
A 1 69 ILE 69 69 69 ILE ILE A . n 
A 1 70 PRO 70 70 70 PRO PRO A . n 
A 1 71 LEU 71 71 71 LEU LEU A . n 
A 1 72 CYS 72 72 72 CYS CYS A . n 
A 1 73 PRO 73 73 73 PRO PRO A . n 
A 1 74 PHE 74 74 74 PHE PHE A . n 
A 1 75 ALA 75 75 75 ALA ALA A . n 
A 1 76 LYS 76 76 76 LYS LYS A . n 
A 1 77 HIS 77 77 77 HIS HIS A . n 
A 1 78 GLU 78 78 78 GLU GLU A . n 
A 1 79 PHE 79 79 79 PHE PHE A . n 
A 1 80 ASP 80 80 80 ASP ASP A . n 
A 1 81 LYS 81 81 81 LYS LYS A . n 
A 1 82 THR 82 82 82 THR THR A . n 
A 1 83 ARG 83 83 83 ARG ARG A . n 
A 1 84 GLU 84 84 84 GLU GLU A . n 
A 1 85 TYR 85 85 85 TYR TYR A . n 
A 1 86 ASP 86 86 86 ASP ASP A . n 
A 1 87 ASP 87 87 87 ASP ASP A . n 
A 1 88 ILE 88 88 88 ILE ILE A . n 
A 1 89 ARG 89 89 89 ARG ARG A . n 
A 1 90 SER 90 90 90 SER SER A . n 
A 1 91 ALA 91 91 91 ALA ALA A . n 
A 1 92 SER 92 92 ?  ?   ?   A . n 
A 1 93 ASN 93 93 ?  ?   ?   A . n 
# 
loop_
_pdbx_nonpoly_scheme.asym_id 
_pdbx_nonpoly_scheme.entity_id 
_pdbx_nonpoly_scheme.mon_id 
_pdbx_nonpoly_scheme.ndb_seq_num 
_pdbx_nonpoly_scheme.pdb_seq_num 
_pdbx_nonpoly_scheme.auth_seq_num 
_pdbx_nonpoly_scheme.pdb_mon_id 
_pdbx_nonpoly_scheme.auth_mon_id 
_pdbx_nonpoly_scheme.pdb_strand_id 
_pdbx_nonpoly_scheme.pdb_ins_code 
B 2 NI  1  101 1  NI  NI  A . 
C 2 NI  1  102 2  NI  NI  A . 
D 2 NI  1  103 3  NI  NI  A . 
E 3 CD  1  104 1  CD  CD  A . 
F 4 PO4 1  105 1  PO4 PO4 A . 
G 5 HOH 1  201 9  HOH HOH A . 
G 5 HOH 2  202 60 HOH HOH A . 
G 5 HOH 3  203 39 HOH HOH A . 
G 5 HOH 4  204 57 HOH HOH A . 
G 5 HOH 5  205 2  HOH HOH A . 
G 5 HOH 6  206 22 HOH HOH A . 
G 5 HOH 7  207 16 HOH HOH A . 
G 5 HOH 8  208 44 HOH HOH A . 
G 5 HOH 9  209 29 HOH HOH A . 
G 5 HOH 10 210 3  HOH HOH A . 
G 5 HOH 11 211 20 HOH HOH A . 
G 5 HOH 12 212 55 HOH HOH A . 
G 5 HOH 13 213 24 HOH HOH A . 
G 5 HOH 14 214 61 HOH HOH A . 
G 5 HOH 15 215 7  HOH HOH A . 
G 5 HOH 16 216 26 HOH HOH A . 
G 5 HOH 17 217 30 HOH HOH A . 
G 5 HOH 18 218 6  HOH HOH A . 
G 5 HOH 19 219 8  HOH HOH A . 
G 5 HOH 20 220 1  HOH HOH A . 
G 5 HOH 21 221 42 HOH HOH A . 
G 5 HOH 22 222 59 HOH HOH A . 
G 5 HOH 23 223 48 HOH HOH A . 
G 5 HOH 24 224 13 HOH HOH A . 
G 5 HOH 25 225 40 HOH HOH A . 
G 5 HOH 26 226 43 HOH HOH A . 
G 5 HOH 27 227 5  HOH HOH A . 
G 5 HOH 28 228 15 HOH HOH A . 
G 5 HOH 29 229 17 HOH HOH A . 
G 5 HOH 30 230 35 HOH HOH A . 
G 5 HOH 31 231 14 HOH HOH A . 
G 5 HOH 32 232 25 HOH HOH A . 
G 5 HOH 33 233 58 HOH HOH A . 
G 5 HOH 34 234 53 HOH HOH A . 
G 5 HOH 35 235 10 HOH HOH A . 
G 5 HOH 36 236 4  HOH HOH A . 
G 5 HOH 37 237 54 HOH HOH A . 
G 5 HOH 38 238 46 HOH HOH A . 
G 5 HOH 39 239 47 HOH HOH A . 
G 5 HOH 40 240 18 HOH HOH A . 
G 5 HOH 41 241 32 HOH HOH A . 
G 5 HOH 42 242 51 HOH HOH A . 
G 5 HOH 43 243 11 HOH HOH A . 
G 5 HOH 44 244 19 HOH HOH A . 
G 5 HOH 45 245 45 HOH HOH A . 
G 5 HOH 46 246 52 HOH HOH A . 
G 5 HOH 47 247 36 HOH HOH A . 
G 5 HOH 48 248 28 HOH HOH A . 
G 5 HOH 49 249 12 HOH HOH A . 
G 5 HOH 50 250 31 HOH HOH A . 
G 5 HOH 51 251 37 HOH HOH A . 
G 5 HOH 52 252 56 HOH HOH A . 
G 5 HOH 53 253 33 HOH HOH A . 
G 5 HOH 54 254 49 HOH HOH A . 
G 5 HOH 55 255 38 HOH HOH A . 
G 5 HOH 56 256 34 HOH HOH A . 
G 5 HOH 57 257 23 HOH HOH A . 
G 5 HOH 58 258 21 HOH HOH A . 
G 5 HOH 59 259 27 HOH HOH A . 
G 5 HOH 60 260 50 HOH HOH A . 
G 5 HOH 61 261 41 HOH HOH A . 
# 
loop_
_software.citation_id 
_software.classification 
_software.compiler_name 
_software.compiler_version 
_software.contact_author 
_software.contact_author_email 
_software.date 
_software.description 
_software.dependencies 
_software.hardware 
_software.language 
_software.location 
_software.mods 
_software.name 
_software.os 
_software.os_version 
_software.type 
_software.version 
_software.pdbx_ordinal 
? refinement       ? ? ? ? ? ? ? ? ? ? ? REFMAC ? ? ? 5.8.0135 1 
? 'data scaling'   ? ? ? ? ? ? ? ? ? ? ? XDS    ? ? ? .        2 
? phasing          ? ? ? ? ? ? ? ? ? ? ? PHENIX ? ? ? .        3 
? 'model building' ? ? ? ? ? ? ? ? ? ? ? PHENIX ? ? ? .        4 
? 'data reduction' ? ? ? ? ? ? ? ? ? ? ? XDS    ? ? ? .        5 
# 
_cell.angle_alpha                  90.00 
_cell.angle_alpha_esd              ? 
_cell.angle_beta                   90.00 
_cell.angle_beta_esd               ? 
_cell.angle_gamma                  90.00 
_cell.angle_gamma_esd              ? 
_cell.entry_id                     5I0C 
_cell.details                      ? 
_cell.formula_units_Z              ? 
_cell.length_a                     53.690 
_cell.length_a_esd                 ? 
_cell.length_b                     87.840 
_cell.length_b_esd                 ? 
_cell.length_c                     41.580 
_cell.length_c_esd                 ? 
_cell.volume                       ? 
_cell.volume_esd                   ? 
_cell.Z_PDB                        8 
_cell.reciprocal_angle_alpha       ? 
_cell.reciprocal_angle_beta        ? 
_cell.reciprocal_angle_gamma       ? 
_cell.reciprocal_angle_alpha_esd   ? 
_cell.reciprocal_angle_beta_esd    ? 
_cell.reciprocal_angle_gamma_esd   ? 
_cell.reciprocal_length_a          ? 
_cell.reciprocal_length_b          ? 
_cell.reciprocal_length_c          ? 
_cell.reciprocal_length_a_esd      ? 
_cell.reciprocal_length_b_esd      ? 
_cell.reciprocal_length_c_esd      ? 
_cell.pdbx_unique_axis             ? 
# 
_symmetry.entry_id                         5I0C 
_symmetry.cell_setting                     ? 
_symmetry.Int_Tables_number                20 
_symmetry.space_group_name_Hall            ? 
_symmetry.space_group_name_H-M             'C 2 2 21' 
_symmetry.pdbx_full_space_group_name_H-M   ? 
# 
_exptl.absorpt_coefficient_mu     ? 
_exptl.absorpt_correction_T_max   ? 
_exptl.absorpt_correction_T_min   ? 
_exptl.absorpt_correction_type    ? 
_exptl.absorpt_process_details    ? 
_exptl.entry_id                   5I0C 
_exptl.crystals_number            1 
_exptl.details                    ? 
_exptl.method                     'X-RAY DIFFRACTION' 
_exptl.method_details             ? 
# 
_exptl_crystal.colour                      ? 
_exptl_crystal.density_diffrn              ? 
_exptl_crystal.density_Matthews            2.28 
_exptl_crystal.density_method              ? 
_exptl_crystal.density_percent_sol         46.01 
_exptl_crystal.description                 ? 
_exptl_crystal.F_000                       ? 
_exptl_crystal.id                          1 
_exptl_crystal.preparation                 ? 
_exptl_crystal.size_max                    ? 
_exptl_crystal.size_mid                    ? 
_exptl_crystal.size_min                    ? 
_exptl_crystal.size_rad                    ? 
_exptl_crystal.colour_lustre               ? 
_exptl_crystal.colour_modifier             ? 
_exptl_crystal.colour_primary              ? 
_exptl_crystal.density_meas                ? 
_exptl_crystal.density_meas_esd            ? 
_exptl_crystal.density_meas_gt             ? 
_exptl_crystal.density_meas_lt             ? 
_exptl_crystal.density_meas_temp           ? 
_exptl_crystal.density_meas_temp_esd       ? 
_exptl_crystal.density_meas_temp_gt        ? 
_exptl_crystal.density_meas_temp_lt        ? 
_exptl_crystal.pdbx_crystal_image_url      ? 
_exptl_crystal.pdbx_crystal_image_format   ? 
_exptl_crystal.pdbx_mosaicity              ? 
_exptl_crystal.pdbx_mosaicity_esd          ? 
# 
_exptl_crystal_grow.apparatus       ? 
_exptl_crystal_grow.atmosphere      ? 
_exptl_crystal_grow.crystal_id      1 
_exptl_crystal_grow.details         ? 
_exptl_crystal_grow.method          'VAPOR DIFFUSION, SITTING DROP' 
_exptl_crystal_grow.method_ref      ? 
_exptl_crystal_grow.pH              7.5 
_exptl_crystal_grow.pressure        ? 
_exptl_crystal_grow.pressure_esd    ? 
_exptl_crystal_grow.seeding         ? 
_exptl_crystal_grow.seeding_ref     ? 
_exptl_crystal_grow.temp            293 
_exptl_crystal_grow.temp_details    ? 
_exptl_crystal_grow.temp_esd        ? 
_exptl_crystal_grow.time            ? 
_exptl_crystal_grow.pdbx_details    
;0.1 M HEPES, 5 mM Cobalt Chloride, 5 mM Magnesium Chloride, 0.5 mM Cadmium Chloride, 0.5 mM Nickel Chloride, 12 % (w/v) PEG3350, 25 Sucrose, 1 mM AcCoA
;
_exptl_crystal_grow.pdbx_pH_range   ? 
# 
_diffrn.ambient_environment    ? 
_diffrn.ambient_temp           100 
_diffrn.ambient_temp_details   ? 
_diffrn.ambient_temp_esd       ? 
_diffrn.crystal_id             1 
_diffrn.crystal_support        ? 
_diffrn.crystal_treatment      ? 
_diffrn.details                ? 
_diffrn.id                     1 
_diffrn.ambient_pressure       ? 
_diffrn.ambient_pressure_esd   ? 
_diffrn.ambient_pressure_gt    ? 
_diffrn.ambient_pressure_lt    ? 
_diffrn.ambient_temp_gt        ? 
_diffrn.ambient_temp_lt        ? 
# 
_diffrn_detector.details                      ? 
_diffrn_detector.detector                     CCD 
_diffrn_detector.diffrn_id                    1 
_diffrn_detector.type                         'MARMOSAIC 300 mm CCD' 
_diffrn_detector.area_resol_mean              ? 
_diffrn_detector.dtime                        ? 
_diffrn_detector.pdbx_frames_total            ? 
_diffrn_detector.pdbx_collection_time_total   ? 
_diffrn_detector.pdbx_collection_date         2014-04-09 
# 
_diffrn_radiation.collimation                      ? 
_diffrn_radiation.diffrn_id                        1 
_diffrn_radiation.filter_edge                      ? 
_diffrn_radiation.inhomogeneity                    ? 
_diffrn_radiation.monochromator                    ? 
_diffrn_radiation.polarisn_norm                    ? 
_diffrn_radiation.polarisn_ratio                   ? 
_diffrn_radiation.probe                            ? 
_diffrn_radiation.type                             ? 
_diffrn_radiation.xray_symbol                      ? 
_diffrn_radiation.wavelength_id                    1 
_diffrn_radiation.pdbx_monochromatic_or_laue_m_l   M 
_diffrn_radiation.pdbx_wavelength_list             ? 
_diffrn_radiation.pdbx_wavelength                  ? 
_diffrn_radiation.pdbx_diffrn_protocol             'SINGLE WAVELENGTH' 
_diffrn_radiation.pdbx_analyzer                    ? 
_diffrn_radiation.pdbx_scattering_type             x-ray 
# 
_diffrn_radiation_wavelength.id           1 
_diffrn_radiation_wavelength.wavelength   0.97857 
_diffrn_radiation_wavelength.wt           1.0 
# 
_diffrn_source.current                     ? 
_diffrn_source.details                     ? 
_diffrn_source.diffrn_id                   1 
_diffrn_source.power                       ? 
_diffrn_source.size                        ? 
_diffrn_source.source                      SYNCHROTRON 
_diffrn_source.target                      ? 
_diffrn_source.type                        'APS BEAMLINE 21-ID-G' 
_diffrn_source.voltage                     ? 
_diffrn_source.take-off_angle              ? 
_diffrn_source.pdbx_wavelength_list        0.97857 
_diffrn_source.pdbx_wavelength             ? 
_diffrn_source.pdbx_synchrotron_beamline   21-ID-G 
_diffrn_source.pdbx_synchrotron_site       APS 
# 
_reflns.B_iso_Wilson_estimate            ? 
_reflns.entry_id                         5I0C 
_reflns.data_reduction_details           ? 
_reflns.data_reduction_method            ? 
_reflns.d_resolution_high                1.92 
_reflns.d_resolution_low                 30.19 
_reflns.details                          ? 
_reflns.limit_h_max                      ? 
_reflns.limit_h_min                      ? 
_reflns.limit_k_max                      ? 
_reflns.limit_k_min                      ? 
_reflns.limit_l_max                      ? 
_reflns.limit_l_min                      ? 
_reflns.number_all                       ? 
_reflns.number_obs                       7731 
_reflns.observed_criterion               ? 
_reflns.observed_criterion_F_max         ? 
_reflns.observed_criterion_F_min         ? 
_reflns.observed_criterion_I_max         ? 
_reflns.observed_criterion_I_min         ? 
_reflns.observed_criterion_sigma_F       ? 
_reflns.observed_criterion_sigma_I       ? 
_reflns.percent_possible_obs             98.9 
_reflns.R_free_details                   ? 
_reflns.Rmerge_F_all                     ? 
_reflns.Rmerge_F_obs                     ? 
_reflns.Friedel_coverage                 ? 
_reflns.number_gt                        ? 
_reflns.threshold_expression             ? 
_reflns.pdbx_redundancy                  7.1 
_reflns.pdbx_Rmerge_I_obs                0.038 
_reflns.pdbx_Rmerge_I_all                ? 
_reflns.pdbx_Rsym_value                  ? 
_reflns.pdbx_netI_over_av_sigmaI         ? 
_reflns.pdbx_netI_over_sigmaI            27.9 
_reflns.pdbx_res_netI_over_av_sigmaI_2   ? 
_reflns.pdbx_res_netI_over_sigmaI_2      ? 
_reflns.pdbx_chi_squared                 ? 
_reflns.pdbx_scaling_rejects             ? 
_reflns.pdbx_d_res_high_opt              ? 
_reflns.pdbx_d_res_low_opt               ? 
_reflns.pdbx_d_res_opt_method            ? 
_reflns.phase_calculation_details        ? 
_reflns.pdbx_Rrim_I_all                  ? 
_reflns.pdbx_Rpim_I_all                  ? 
_reflns.pdbx_d_opt                       ? 
_reflns.pdbx_number_measured_all         ? 
_reflns.pdbx_diffrn_id                   1 
_reflns.pdbx_ordinal                     1 
_reflns.pdbx_CC_half                     ? 
_reflns.pdbx_R_split                     ? 
# 
_reflns_shell.d_res_high                  1.92 
_reflns_shell.d_res_low                   1.97 
_reflns_shell.meanI_over_sigI_all         ? 
_reflns_shell.meanI_over_sigI_obs         2.9 
_reflns_shell.number_measured_all         ? 
_reflns_shell.number_measured_obs         ? 
_reflns_shell.number_possible             ? 
_reflns_shell.number_unique_all           ? 
_reflns_shell.number_unique_obs           ? 
_reflns_shell.percent_possible_all        99.6 
_reflns_shell.percent_possible_obs        ? 
_reflns_shell.Rmerge_F_all                ? 
_reflns_shell.Rmerge_F_obs                ? 
_reflns_shell.Rmerge_I_all                ? 
_reflns_shell.Rmerge_I_obs                0.59 
_reflns_shell.meanI_over_sigI_gt          ? 
_reflns_shell.meanI_over_uI_all           ? 
_reflns_shell.meanI_over_uI_gt            ? 
_reflns_shell.number_measured_gt          ? 
_reflns_shell.number_unique_gt            ? 
_reflns_shell.percent_possible_gt         ? 
_reflns_shell.Rmerge_F_gt                 ? 
_reflns_shell.Rmerge_I_gt                 ? 
_reflns_shell.pdbx_redundancy             7.3 
_reflns_shell.pdbx_Rsym_value             ? 
_reflns_shell.pdbx_chi_squared            ? 
_reflns_shell.pdbx_netI_over_sigmaI_all   ? 
_reflns_shell.pdbx_netI_over_sigmaI_obs   ? 
_reflns_shell.pdbx_Rrim_I_all             ? 
_reflns_shell.pdbx_Rpim_I_all             ? 
_reflns_shell.pdbx_rejects                ? 
_reflns_shell.pdbx_ordinal                1 
_reflns_shell.pdbx_diffrn_id              1 
_reflns_shell.pdbx_CC_half                ? 
_reflns_shell.pdbx_R_split                ? 
# 
_refine.aniso_B[1][1]                            -1.70 
_refine.aniso_B[1][2]                            -0.00 
_refine.aniso_B[1][3]                            -0.00 
_refine.aniso_B[2][2]                            3.13 
_refine.aniso_B[2][3]                            -0.00 
_refine.aniso_B[3][3]                            -1.43 
_refine.B_iso_max                                ? 
_refine.B_iso_mean                               44.871 
_refine.B_iso_min                                ? 
_refine.correlation_coeff_Fo_to_Fc               0.958 
_refine.correlation_coeff_Fo_to_Fc_free          0.931 
_refine.details                                  'HYDROGENS HAVE BEEN ADDED IN THE RIDING POSITIONS' 
_refine.diff_density_max                         ? 
_refine.diff_density_max_esd                     ? 
_refine.diff_density_min                         ? 
_refine.diff_density_min_esd                     ? 
_refine.diff_density_rms                         ? 
_refine.diff_density_rms_esd                     ? 
_refine.entry_id                                 5I0C 
_refine.pdbx_refine_id                           'X-RAY DIFFRACTION' 
_refine.ls_abs_structure_details                 ? 
_refine.ls_abs_structure_Flack                   ? 
_refine.ls_abs_structure_Flack_esd               ? 
_refine.ls_abs_structure_Rogers                  ? 
_refine.ls_abs_structure_Rogers_esd              ? 
_refine.ls_d_res_high                            1.92 
_refine.ls_d_res_low                             30.19 
_refine.ls_extinction_coef                       ? 
_refine.ls_extinction_coef_esd                   ? 
_refine.ls_extinction_expression                 ? 
_refine.ls_extinction_method                     ? 
_refine.ls_goodness_of_fit_all                   ? 
_refine.ls_goodness_of_fit_all_esd               ? 
_refine.ls_goodness_of_fit_obs                   ? 
_refine.ls_goodness_of_fit_obs_esd               ? 
_refine.ls_hydrogen_treatment                    ? 
_refine.ls_matrix_type                           ? 
_refine.ls_number_constraints                    ? 
_refine.ls_number_parameters                     ? 
_refine.ls_number_reflns_all                     ? 
_refine.ls_number_reflns_obs                     7344 
_refine.ls_number_reflns_R_free                  354 
_refine.ls_number_reflns_R_work                  ? 
_refine.ls_number_restraints                     ? 
_refine.ls_percent_reflns_obs                    98.34 
_refine.ls_percent_reflns_R_free                 4.6 
_refine.ls_R_factor_all                          ? 
_refine.ls_R_factor_obs                          0.21782 
_refine.ls_R_factor_R_free                       0.26595 
_refine.ls_R_factor_R_free_error                 ? 
_refine.ls_R_factor_R_free_error_details         ? 
_refine.ls_R_factor_R_work                       0.21551 
_refine.ls_R_Fsqd_factor_obs                     ? 
_refine.ls_R_I_factor_obs                        ? 
_refine.ls_redundancy_reflns_all                 ? 
_refine.ls_redundancy_reflns_obs                 ? 
_refine.ls_restrained_S_all                      ? 
_refine.ls_restrained_S_obs                      ? 
_refine.ls_shift_over_esd_max                    ? 
_refine.ls_shift_over_esd_mean                   ? 
_refine.ls_structure_factor_coef                 ? 
_refine.ls_weighting_details                     ? 
_refine.ls_weighting_scheme                      ? 
_refine.ls_wR_factor_all                         ? 
_refine.ls_wR_factor_obs                         ? 
_refine.ls_wR_factor_R_free                      ? 
_refine.ls_wR_factor_R_work                      ? 
_refine.occupancy_max                            ? 
_refine.occupancy_min                            ? 
_refine.solvent_model_details                    ? 
_refine.solvent_model_param_bsol                 ? 
_refine.solvent_model_param_ksol                 ? 
_refine.ls_R_factor_gt                           ? 
_refine.ls_goodness_of_fit_gt                    ? 
_refine.ls_goodness_of_fit_ref                   ? 
_refine.ls_shift_over_su_max                     ? 
_refine.ls_shift_over_su_max_lt                  ? 
_refine.ls_shift_over_su_mean                    ? 
_refine.ls_shift_over_su_mean_lt                 ? 
_refine.pdbx_ls_sigma_I                          ? 
_refine.pdbx_ls_sigma_F                          ? 
_refine.pdbx_ls_sigma_Fsqd                       ? 
_refine.pdbx_data_cutoff_high_absF               ? 
_refine.pdbx_data_cutoff_high_rms_absF           ? 
_refine.pdbx_data_cutoff_low_absF                ? 
_refine.pdbx_isotropic_thermal_model             ? 
_refine.pdbx_ls_cross_valid_method               THROUGHOUT 
_refine.pdbx_method_to_determine_struct          SAD 
_refine.pdbx_starting_model                      ? 
_refine.pdbx_stereochemistry_target_values       ? 
_refine.pdbx_R_Free_selection_details            RANDOM 
_refine.pdbx_stereochem_target_val_spec_case     ? 
_refine.pdbx_overall_ESU_R                       0.185 
_refine.pdbx_overall_ESU_R_Free                  0.172 
_refine.pdbx_solvent_vdw_probe_radii             1.20 
_refine.pdbx_solvent_ion_probe_radii             0.80 
_refine.pdbx_solvent_shrinkage_radii             0.80 
_refine.pdbx_real_space_R                        ? 
_refine.pdbx_density_correlation                 ? 
_refine.pdbx_pd_number_of_powder_patterns        ? 
_refine.pdbx_pd_number_of_points                 ? 
_refine.pdbx_pd_meas_number_of_points            ? 
_refine.pdbx_pd_proc_ls_prof_R_factor            ? 
_refine.pdbx_pd_proc_ls_prof_wR_factor           ? 
_refine.pdbx_pd_Marquardt_correlation_coeff      ? 
_refine.pdbx_pd_Fsqrd_R_factor                   ? 
_refine.pdbx_pd_ls_matrix_band_width             ? 
_refine.pdbx_overall_phase_error                 ? 
_refine.pdbx_overall_SU_R_free_Cruickshank_DPI   ? 
_refine.pdbx_overall_SU_R_free_Blow_DPI          ? 
_refine.pdbx_overall_SU_R_Blow_DPI               ? 
_refine.pdbx_TLS_residual_ADP_flag               ? 
_refine.pdbx_diffrn_id                           1 
_refine.overall_SU_B                             10.886 
_refine.overall_SU_ML                            0.175 
_refine.overall_SU_R_Cruickshank_DPI             ? 
_refine.overall_SU_R_free                        ? 
_refine.overall_FOM_free_R_set                   ? 
_refine.overall_FOM_work_R_set                   ? 
_refine.pdbx_average_fsc_overall                 ? 
_refine.pdbx_average_fsc_work                    ? 
_refine.pdbx_average_fsc_free                    ? 
# 
_refine_hist.pdbx_refine_id                   'X-RAY DIFFRACTION' 
_refine_hist.cycle_id                         1 
_refine_hist.pdbx_number_atoms_protein        723 
_refine_hist.pdbx_number_atoms_nucleic_acid   0 
_refine_hist.pdbx_number_atoms_ligand         9 
_refine_hist.number_atoms_solvent             61 
_refine_hist.number_atoms_total               793 
_refine_hist.d_res_high                       1.92 
_refine_hist.d_res_low                        30.19 
# 
loop_
_refine_ls_restr.pdbx_refine_id 
_refine_ls_restr.criterion 
_refine_ls_restr.dev_ideal 
_refine_ls_restr.dev_ideal_target 
_refine_ls_restr.number 
_refine_ls_restr.rejects 
_refine_ls_restr.type 
_refine_ls_restr.weight 
_refine_ls_restr.pdbx_restraint_function 
'X-RAY DIFFRACTION' ? 0.022  0.019  737  ? r_bond_refined_d             ? ? 
'X-RAY DIFFRACTION' ? 0.002  0.020  731  ? r_bond_other_d               ? ? 
'X-RAY DIFFRACTION' ? 2.223  1.974  985  ? r_angle_refined_deg          ? ? 
'X-RAY DIFFRACTION' ? 1.180  3.000  1686 ? r_angle_other_deg            ? ? 
'X-RAY DIFFRACTION' ? 8.739  5.000  87   ? r_dihedral_angle_1_deg       ? ? 
'X-RAY DIFFRACTION' ? 44.668 24.474 38   ? r_dihedral_angle_2_deg       ? ? 
'X-RAY DIFFRACTION' ? 19.694 15.000 144  ? r_dihedral_angle_3_deg       ? ? 
'X-RAY DIFFRACTION' ? 21.283 15.000 6    ? r_dihedral_angle_4_deg       ? ? 
'X-RAY DIFFRACTION' ? 0.147  0.200  106  ? r_chiral_restr               ? ? 
'X-RAY DIFFRACTION' ? 0.012  0.020  810  ? r_gen_planes_refined         ? ? 
'X-RAY DIFFRACTION' ? 0.002  0.020  162  ? r_gen_planes_other           ? ? 
'X-RAY DIFFRACTION' ? ?      ?      ?    ? r_nbd_refined                ? ? 
'X-RAY DIFFRACTION' ? ?      ?      ?    ? r_nbd_other                  ? ? 
'X-RAY DIFFRACTION' ? ?      ?      ?    ? r_nbtor_refined              ? ? 
'X-RAY DIFFRACTION' ? ?      ?      ?    ? r_nbtor_other                ? ? 
'X-RAY DIFFRACTION' ? ?      ?      ?    ? r_xyhbond_nbd_refined        ? ? 
'X-RAY DIFFRACTION' ? ?      ?      ?    ? r_xyhbond_nbd_other          ? ? 
'X-RAY DIFFRACTION' ? ?      ?      ?    ? r_metal_ion_refined          ? ? 
'X-RAY DIFFRACTION' ? ?      ?      ?    ? r_metal_ion_other            ? ? 
'X-RAY DIFFRACTION' ? ?      ?      ?    ? r_symmetry_vdw_refined       ? ? 
'X-RAY DIFFRACTION' ? ?      ?      ?    ? r_symmetry_vdw_other         ? ? 
'X-RAY DIFFRACTION' ? ?      ?      ?    ? r_symmetry_hbond_refined     ? ? 
'X-RAY DIFFRACTION' ? ?      ?      ?    ? r_symmetry_hbond_other       ? ? 
'X-RAY DIFFRACTION' ? ?      ?      ?    ? r_symmetry_metal_ion_refined ? ? 
'X-RAY DIFFRACTION' ? ?      ?      ?    ? r_symmetry_metal_ion_other   ? ? 
'X-RAY DIFFRACTION' ? 2.386  2.998  354  ? r_mcbond_it                  ? ? 
'X-RAY DIFFRACTION' ? 2.361  2.994  353  ? r_mcbond_other               ? ? 
'X-RAY DIFFRACTION' ? 3.514  4.481  439  ? r_mcangle_it                 ? ? 
'X-RAY DIFFRACTION' ? 3.515  4.484  440  ? r_mcangle_other              ? ? 
'X-RAY DIFFRACTION' ? 2.401  3.267  383  ? r_scbond_it                  ? ? 
'X-RAY DIFFRACTION' ? 2.327  3.250  380  ? r_scbond_other               ? ? 
'X-RAY DIFFRACTION' ? ?      ?      ?    ? r_scangle_it                 ? ? 
'X-RAY DIFFRACTION' ? 3.552  4.761  541  ? r_scangle_other              ? ? 
'X-RAY DIFFRACTION' ? 6.662  27.639 842  ? r_long_range_B_refined       ? ? 
'X-RAY DIFFRACTION' ? 6.539  23.802 819  ? r_long_range_B_other         ? ? 
'X-RAY DIFFRACTION' ? ?      ?      ?    ? r_rigid_bond_restr           ? ? 
'X-RAY DIFFRACTION' ? ?      ?      ?    ? r_sphericity_free            ? ? 
'X-RAY DIFFRACTION' ? 41.565 5.000  2    ? r_sphericity_bonded          ? ? 
# 
_refine_ls_shell.pdbx_refine_id                   'X-RAY DIFFRACTION' 
_refine_ls_shell.d_res_high                       1.920 
_refine_ls_shell.d_res_low                        1.970 
_refine_ls_shell.number_reflns_all                ? 
_refine_ls_shell.number_reflns_obs                ? 
_refine_ls_shell.number_reflns_R_free             31 
_refine_ls_shell.number_reflns_R_work             506 
_refine_ls_shell.percent_reflns_obs               96.24 
_refine_ls_shell.percent_reflns_R_free            ? 
_refine_ls_shell.R_factor_all                     ? 
_refine_ls_shell.R_factor_obs                     ? 
_refine_ls_shell.R_factor_R_free                  0.633 
_refine_ls_shell.R_factor_R_free_error            ? 
_refine_ls_shell.R_factor_R_work                  0.464 
_refine_ls_shell.redundancy_reflns_all            ? 
_refine_ls_shell.redundancy_reflns_obs            ? 
_refine_ls_shell.wR_factor_all                    ? 
_refine_ls_shell.wR_factor_obs                    ? 
_refine_ls_shell.wR_factor_R_free                 ? 
_refine_ls_shell.wR_factor_R_work                 ? 
_refine_ls_shell.pdbx_total_number_of_bins_used   20 
_refine_ls_shell.pdbx_phase_error                 ? 
_refine_ls_shell.pdbx_fsc_work                    ? 
_refine_ls_shell.pdbx_fsc_free                    ? 
# 
_struct.entry_id                     5I0C 
_struct.title                        
'Crystal structure of predicted acyltransferase YjdJ with acyl-CoA N-acyltransferase domain from Escherichia coli str. K-12' 
_struct.pdbx_model_details           ? 
_struct.pdbx_formula_weight          ? 
_struct.pdbx_formula_weight_method   ? 
_struct.pdbx_model_type_details      ? 
_struct.pdbx_CASP_flag               ? 
# 
_struct_keywords.entry_id        5I0C 
_struct_keywords.text            
'coenzyme A, GNAT, Structural Genomics, CSGID, Center for Structural Genomics of Infectious Diseases, HYDROLASE' 
_struct_keywords.pdbx_keywords   HYDROLASE 
# 
loop_
_struct_asym.id 
_struct_asym.pdbx_blank_PDB_chainid_flag 
_struct_asym.pdbx_modified 
_struct_asym.entity_id 
_struct_asym.details 
A N N 1 ? 
B N N 2 ? 
C N N 2 ? 
D N N 2 ? 
E N N 3 ? 
F N N 4 ? 
G N N 5 ? 
# 
_struct_ref.id                         1 
_struct_ref.db_name                    UNP 
_struct_ref.db_code                    YJDJ_ECOLI 
_struct_ref.pdbx_db_accession          P39274 
_struct_ref.pdbx_db_isoform            ? 
_struct_ref.entity_id                  1 
_struct_ref.pdbx_seq_one_letter_code   
;MEIREGHNKFYINDKQGKQIAEIVFVPTGENLAIIEHTDVDESLKGQGIGKQLVAKVVEKMRREKRKIIPLCPFAKHEFD
KTREYDDIRS
;
_struct_ref.pdbx_align_begin           1 
# 
_struct_ref_seq.align_id                      1 
_struct_ref_seq.ref_id                        1 
_struct_ref_seq.pdbx_PDB_id_code              5I0C 
_struct_ref_seq.pdbx_strand_id                A 
_struct_ref_seq.seq_align_beg                 1 
_struct_ref_seq.pdbx_seq_align_beg_ins_code   ? 
_struct_ref_seq.seq_align_end                 90 
_struct_ref_seq.pdbx_seq_align_end_ins_code   ? 
_struct_ref_seq.pdbx_db_accession             P39274 
_struct_ref_seq.db_align_beg                  1 
_struct_ref_seq.pdbx_db_align_beg_ins_code    ? 
_struct_ref_seq.db_align_end                  90 
_struct_ref_seq.pdbx_db_align_end_ins_code    ? 
_struct_ref_seq.pdbx_auth_seq_align_beg       1 
_struct_ref_seq.pdbx_auth_seq_align_end       90 
# 
loop_
_struct_ref_seq_dif.align_id 
_struct_ref_seq_dif.pdbx_pdb_id_code 
_struct_ref_seq_dif.mon_id 
_struct_ref_seq_dif.pdbx_pdb_strand_id 
_struct_ref_seq_dif.seq_num 
_struct_ref_seq_dif.pdbx_pdb_ins_code 
_struct_ref_seq_dif.pdbx_seq_db_name 
_struct_ref_seq_dif.pdbx_seq_db_accession_code 
_struct_ref_seq_dif.db_mon_id 
_struct_ref_seq_dif.pdbx_seq_db_seq_num 
_struct_ref_seq_dif.details 
_struct_ref_seq_dif.pdbx_auth_seq_num 
_struct_ref_seq_dif.pdbx_ordinal 
1 5I0C ALA A 91 ? UNP P39274 ? ? 'expression tag' 91 1 
1 5I0C SER A 92 ? UNP P39274 ? ? 'expression tag' 92 2 
1 5I0C ASN A 93 ? UNP P39274 ? ? 'expression tag' 93 3 
# 
_pdbx_struct_assembly.id                   1 
_pdbx_struct_assembly.details              author_defined_assembly 
_pdbx_struct_assembly.method_details       ? 
_pdbx_struct_assembly.oligomeric_details   monomeric 
_pdbx_struct_assembly.oligomeric_count     1 
# 
_pdbx_struct_assembly_gen.assembly_id       1 
_pdbx_struct_assembly_gen.oper_expression   1 
_pdbx_struct_assembly_gen.asym_id_list      A,B,C,D,E,F,G 
# 
_pdbx_struct_oper_list.id                   1 
_pdbx_struct_oper_list.type                 'identity operation' 
_pdbx_struct_oper_list.name                 1_555 
_pdbx_struct_oper_list.symmetry_operation   x,y,z 
_pdbx_struct_oper_list.matrix[1][1]         1.0000000000 
_pdbx_struct_oper_list.matrix[1][2]         0.0000000000 
_pdbx_struct_oper_list.matrix[1][3]         0.0000000000 
_pdbx_struct_oper_list.vector[1]            0.0000000000 
_pdbx_struct_oper_list.matrix[2][1]         0.0000000000 
_pdbx_struct_oper_list.matrix[2][2]         1.0000000000 
_pdbx_struct_oper_list.matrix[2][3]         0.0000000000 
_pdbx_struct_oper_list.vector[2]            0.0000000000 
_pdbx_struct_oper_list.matrix[3][1]         0.0000000000 
_pdbx_struct_oper_list.matrix[3][2]         0.0000000000 
_pdbx_struct_oper_list.matrix[3][3]         1.0000000000 
_pdbx_struct_oper_list.vector[3]            0.0000000000 
# 
loop_
_struct_conf.conf_type_id 
_struct_conf.id 
_struct_conf.pdbx_PDB_helix_id 
_struct_conf.beg_label_comp_id 
_struct_conf.beg_label_asym_id 
_struct_conf.beg_label_seq_id 
_struct_conf.pdbx_beg_PDB_ins_code 
_struct_conf.end_label_comp_id 
_struct_conf.end_label_asym_id 
_struct_conf.end_label_seq_id 
_struct_conf.pdbx_end_PDB_ins_code 
_struct_conf.beg_auth_comp_id 
_struct_conf.beg_auth_asym_id 
_struct_conf.beg_auth_seq_id 
_struct_conf.end_auth_comp_id 
_struct_conf.end_auth_asym_id 
_struct_conf.end_auth_seq_id 
_struct_conf.pdbx_PDB_helix_class 
_struct_conf.details 
_struct_conf.pdbx_PDB_helix_length 
HELX_P HELX_P1 AA1 GLU A 42 ? LYS A 45 ? GLU A 42 LYS A 45 5 ? 4  
HELX_P HELX_P2 AA2 GLY A 48 ? GLU A 64 ? GLY A 48 GLU A 64 1 ? 17 
HELX_P HELX_P3 AA3 CYS A 72 ? THR A 82 ? CYS A 72 THR A 82 1 ? 11 
HELX_P HELX_P4 AA4 ARG A 83 ? ARG A 89 ? ARG A 83 ARG A 89 5 ? 7  
# 
_struct_conf_type.id          HELX_P 
_struct_conf_type.criteria    ? 
_struct_conf_type.reference   ? 
# 
loop_
_struct_conn.id 
_struct_conn.conn_type_id 
_struct_conn.pdbx_leaving_atom_flag 
_struct_conn.pdbx_PDB_id 
_struct_conn.ptnr1_label_asym_id 
_struct_conn.ptnr1_label_comp_id 
_struct_conn.ptnr1_label_seq_id 
_struct_conn.ptnr1_label_atom_id 
_struct_conn.pdbx_ptnr1_label_alt_id 
_struct_conn.pdbx_ptnr1_PDB_ins_code 
_struct_conn.pdbx_ptnr1_standard_comp_id 
_struct_conn.ptnr1_symmetry 
_struct_conn.ptnr2_label_asym_id 
_struct_conn.ptnr2_label_comp_id 
_struct_conn.ptnr2_label_seq_id 
_struct_conn.ptnr2_label_atom_id 
_struct_conn.pdbx_ptnr2_label_alt_id 
_struct_conn.pdbx_ptnr2_PDB_ins_code 
_struct_conn.ptnr1_auth_asym_id 
_struct_conn.ptnr1_auth_comp_id 
_struct_conn.ptnr1_auth_seq_id 
_struct_conn.ptnr2_auth_asym_id 
_struct_conn.ptnr2_auth_comp_id 
_struct_conn.ptnr2_auth_seq_id 
_struct_conn.ptnr2_symmetry 
_struct_conn.pdbx_ptnr3_label_atom_id 
_struct_conn.pdbx_ptnr3_label_seq_id 
_struct_conn.pdbx_ptnr3_label_comp_id 
_struct_conn.pdbx_ptnr3_label_asym_id 
_struct_conn.pdbx_ptnr3_label_alt_id 
_struct_conn.pdbx_ptnr3_PDB_ins_code 
_struct_conn.details 
_struct_conn.pdbx_dist_value 
_struct_conn.pdbx_value_order 
_struct_conn.pdbx_role 
covale1  covale both ? A LYS 60 C   ? ? ? 1_555 A MSE 61 N  ? ? A LYS 60  A MSE 61  1_555 ? ? ? ? ? ? ? 1.334 ? ? 
covale2  covale both ? A MSE 61 C   ? ? ? 1_555 A ARG 62 N  ? ? A MSE 61  A ARG 62  1_555 ? ? ? ? ? ? ? 1.335 ? ? 
metalc1  metalc ?    ? A GLU 2  OE2 ? ? ? 1_555 D NI  .  NI ? ? A GLU 2   A NI  103 1_555 ? ? ? ? ? ? ? 2.308 ? ? 
metalc2  metalc ?    ? A HIS 7  NE2 ? ? ? 1_555 D NI  .  NI ? ? A HIS 7   A NI  103 6_655 ? ? ? ? ? ? ? 2.158 ? ? 
metalc3  metalc ?    ? A GLU 22 OE1 ? ? ? 1_555 B NI  .  NI ? ? A GLU 22  A NI  101 1_555 ? ? ? ? ? ? ? 2.324 ? ? 
metalc4  metalc ?    ? A GLU 22 OE1 ? ? ? 1_555 B NI  .  NI ? ? A GLU 22  A NI  101 3_756 ? ? ? ? ? ? ? 2.197 ? ? 
metalc5  metalc ?    ? A GLU 36 OE1 ? ? ? 1_555 E CD  .  CD ? ? A GLU 36  A CD  104 1_555 ? ? ? ? ? ? ? 2.031 ? ? 
metalc6  metalc ?    ? A GLU 36 OE2 ? ? ? 1_555 E CD  .  CD ? ? A GLU 36  A CD  104 1_555 ? ? ? ? ? ? ? 2.691 ? ? 
metalc7  metalc ?    ? A HIS 37 NE2 ? ? ? 1_555 B NI  .  NI ? ? A HIS 37  A NI  101 3_756 ? ? ? ? ? ? ? 2.205 ? ? 
metalc8  metalc ?    ? A ASP 39 OD2 ? ? ? 1_555 B NI  .  NI ? ? A ASP 39  A NI  101 3_756 ? ? ? ? ? ? ? 1.998 ? ? 
metalc9  metalc ?    ? A CYS 72 SG  ? ? ? 1_555 E CD  .  CD ? ? A CYS 72  A CD  104 3_756 ? ? ? ? ? ? ? 2.500 ? ? 
metalc10 metalc ?    ? B NI  .  NI  ? ? ? 1_555 G HOH .  O  ? ? A NI  101 A HOH 212 3_756 ? ? ? ? ? ? ? 2.188 ? ? 
metalc11 metalc ?    ? B NI  .  NI  ? ? ? 1_555 G HOH .  O  ? ? A NI  101 A HOH 233 3_756 ? ? ? ? ? ? ? 2.286 ? ? 
metalc12 metalc ?    ? C NI  .  NI  ? ? ? 1_555 G HOH .  O  ? ? A NI  102 A HOH 202 1_555 ? ? ? ? ? ? ? 2.337 ? ? 
metalc13 metalc ?    ? C NI  .  NI  ? ? ? 1_555 G HOH .  O  ? ? A NI  102 A HOH 223 1_555 ? ? ? ? ? ? ? 2.359 ? ? 
metalc14 metalc ?    ? C NI  .  NI  ? ? ? 1_555 G HOH .  O  ? ? A NI  102 A HOH 223 3_755 ? ? ? ? ? ? ? 2.434 ? ? 
metalc15 metalc ?    ? D NI  .  NI  ? ? ? 1_555 G HOH .  O  ? ? A NI  103 A HOH 203 1_555 ? ? ? ? ? ? ? 2.347 ? ? 
metalc16 metalc ?    ? D NI  .  NI  ? ? ? 1_555 G HOH .  O  ? ? A NI  103 A HOH 204 6_654 ? ? ? ? ? ? ? 2.335 ? ? 
metalc17 metalc ?    ? D NI  .  NI  ? ? ? 1_555 G HOH .  O  ? ? A NI  103 A HOH 225 6_654 ? ? ? ? ? ? ? 2.210 ? ? 
metalc18 metalc ?    ? E CD  .  CD  ? ? ? 1_555 G HOH .  O  ? ? A CD  104 A HOH 221 1_555 ? ? ? ? ? ? ? 2.165 ? ? 
metalc19 metalc ?    ? E CD  .  CD  ? ? ? 1_555 G HOH .  O  ? ? A CD  104 A HOH 252 1_555 ? ? ? ? ? ? ? 2.583 ? ? 
# 
loop_
_struct_conn_type.id 
_struct_conn_type.criteria 
_struct_conn_type.reference 
covale ? ? 
metalc ? ? 
# 
loop_
_pdbx_struct_conn_angle.id 
_pdbx_struct_conn_angle.ptnr1_label_atom_id 
_pdbx_struct_conn_angle.ptnr1_label_alt_id 
_pdbx_struct_conn_angle.ptnr1_label_asym_id 
_pdbx_struct_conn_angle.ptnr1_label_comp_id 
_pdbx_struct_conn_angle.ptnr1_label_seq_id 
_pdbx_struct_conn_angle.ptnr1_auth_atom_id 
_pdbx_struct_conn_angle.ptnr1_auth_asym_id 
_pdbx_struct_conn_angle.ptnr1_auth_comp_id 
_pdbx_struct_conn_angle.ptnr1_auth_seq_id 
_pdbx_struct_conn_angle.ptnr1_PDB_ins_code 
_pdbx_struct_conn_angle.ptnr1_symmetry 
_pdbx_struct_conn_angle.ptnr2_label_atom_id 
_pdbx_struct_conn_angle.ptnr2_label_alt_id 
_pdbx_struct_conn_angle.ptnr2_label_asym_id 
_pdbx_struct_conn_angle.ptnr2_label_comp_id 
_pdbx_struct_conn_angle.ptnr2_label_seq_id 
_pdbx_struct_conn_angle.ptnr2_auth_atom_id 
_pdbx_struct_conn_angle.ptnr2_auth_asym_id 
_pdbx_struct_conn_angle.ptnr2_auth_comp_id 
_pdbx_struct_conn_angle.ptnr2_auth_seq_id 
_pdbx_struct_conn_angle.ptnr2_PDB_ins_code 
_pdbx_struct_conn_angle.ptnr2_symmetry 
_pdbx_struct_conn_angle.ptnr3_label_atom_id 
_pdbx_struct_conn_angle.ptnr3_label_alt_id 
_pdbx_struct_conn_angle.ptnr3_label_asym_id 
_pdbx_struct_conn_angle.ptnr3_label_comp_id 
_pdbx_struct_conn_angle.ptnr3_label_seq_id 
_pdbx_struct_conn_angle.ptnr3_auth_atom_id 
_pdbx_struct_conn_angle.ptnr3_auth_asym_id 
_pdbx_struct_conn_angle.ptnr3_auth_comp_id 
_pdbx_struct_conn_angle.ptnr3_auth_seq_id 
_pdbx_struct_conn_angle.ptnr3_PDB_ins_code 
_pdbx_struct_conn_angle.ptnr3_symmetry 
_pdbx_struct_conn_angle.value 
_pdbx_struct_conn_angle.value_esd 
1  OE2 ? A GLU 2  ? A GLU 2   ? 1_555 NI ? D NI . ? A NI 103 ? 1_555 NE2 ? A HIS 7  ? A HIS 7   ? 1_555 92.9  ? 
2  OE2 ? A GLU 2  ? A GLU 2   ? 1_555 NI ? D NI . ? A NI 103 ? 1_555 O   ? G HOH .  ? A HOH 203 ? 1_555 59.2  ? 
3  NE2 ? A HIS 7  ? A HIS 7   ? 1_555 NI ? D NI . ? A NI 103 ? 1_555 O   ? G HOH .  ? A HOH 203 ? 1_555 69.0  ? 
4  OE2 ? A GLU 2  ? A GLU 2   ? 1_555 NI ? D NI . ? A NI 103 ? 1_555 O   ? G HOH .  ? A HOH 204 ? 6_654 97.3  ? 
5  NE2 ? A HIS 7  ? A HIS 7   ? 1_555 NI ? D NI . ? A NI 103 ? 1_555 O   ? G HOH .  ? A HOH 204 ? 6_654 166.1 ? 
6  O   ? G HOH .  ? A HOH 203 ? 1_555 NI ? D NI . ? A NI 103 ? 1_555 O   ? G HOH .  ? A HOH 204 ? 6_654 108.4 ? 
7  OE2 ? A GLU 2  ? A GLU 2   ? 1_555 NI ? D NI . ? A NI 103 ? 1_555 O   ? G HOH .  ? A HOH 225 ? 6_654 123.4 ? 
8  NE2 ? A HIS 7  ? A HIS 7   ? 1_555 NI ? D NI . ? A NI 103 ? 1_555 O   ? G HOH .  ? A HOH 225 ? 6_654 93.4  ? 
9  O   ? G HOH .  ? A HOH 203 ? 1_555 NI ? D NI . ? A NI 103 ? 1_555 O   ? G HOH .  ? A HOH 225 ? 6_654 162.5 ? 
10 O   ? G HOH .  ? A HOH 204 ? 6_654 NI ? D NI . ? A NI 103 ? 1_555 O   ? G HOH .  ? A HOH 225 ? 6_654 88.8  ? 
11 OE1 ? A GLU 22 ? A GLU 22  ? 1_555 NI ? B NI . ? A NI 101 ? 1_555 OE1 ? A GLU 22 ? A GLU 22  ? 1_555 0.0   ? 
12 OE1 ? A GLU 22 ? A GLU 22  ? 1_555 NI ? B NI . ? A NI 101 ? 1_555 NE2 ? A HIS 37 ? A HIS 37  ? 1_555 40.5  ? 
13 OE1 ? A GLU 22 ? A GLU 22  ? 1_555 NI ? B NI . ? A NI 101 ? 1_555 NE2 ? A HIS 37 ? A HIS 37  ? 1_555 40.5  ? 
14 OE1 ? A GLU 22 ? A GLU 22  ? 1_555 NI ? B NI . ? A NI 101 ? 1_555 OD2 ? A ASP 39 ? A ASP 39  ? 1_555 22.8  ? 
15 OE1 ? A GLU 22 ? A GLU 22  ? 1_555 NI ? B NI . ? A NI 101 ? 1_555 OD2 ? A ASP 39 ? A ASP 39  ? 1_555 22.8  ? 
16 NE2 ? A HIS 37 ? A HIS 37  ? 1_555 NI ? B NI . ? A NI 101 ? 1_555 OD2 ? A ASP 39 ? A ASP 39  ? 1_555 33.1  ? 
17 OE1 ? A GLU 22 ? A GLU 22  ? 1_555 NI ? B NI . ? A NI 101 ? 1_555 O   ? G HOH .  ? A HOH 212 ? 3_756 104.9 ? 
18 OE1 ? A GLU 22 ? A GLU 22  ? 1_555 NI ? B NI . ? A NI 101 ? 1_555 O   ? G HOH .  ? A HOH 212 ? 3_756 104.9 ? 
19 NE2 ? A HIS 37 ? A HIS 37  ? 1_555 NI ? B NI . ? A NI 101 ? 1_555 O   ? G HOH .  ? A HOH 212 ? 3_756 131.6 ? 
20 OD2 ? A ASP 39 ? A ASP 39  ? 1_555 NI ? B NI . ? A NI 101 ? 1_555 O   ? G HOH .  ? A HOH 212 ? 3_756 126.8 ? 
21 OE1 ? A GLU 22 ? A GLU 22  ? 1_555 NI ? B NI . ? A NI 101 ? 1_555 O   ? G HOH .  ? A HOH 233 ? 3_756 93.3  ? 
22 OE1 ? A GLU 22 ? A GLU 22  ? 1_555 NI ? B NI . ? A NI 101 ? 1_555 O   ? G HOH .  ? A HOH 233 ? 3_756 93.3  ? 
23 NE2 ? A HIS 37 ? A HIS 37  ? 1_555 NI ? B NI . ? A NI 101 ? 1_555 O   ? G HOH .  ? A HOH 233 ? 3_756 119.3 ? 
24 OD2 ? A ASP 39 ? A ASP 39  ? 1_555 NI ? B NI . ? A NI 101 ? 1_555 O   ? G HOH .  ? A HOH 233 ? 3_756 87.8  ? 
25 O   ? G HOH .  ? A HOH 212 ? 3_756 NI ? B NI . ? A NI 101 ? 1_555 O   ? G HOH .  ? A HOH 233 ? 3_756 87.5  ? 
26 OE1 ? A GLU 36 ? A GLU 36  ? 1_555 CD ? E CD . ? A CD 104 ? 1_555 OE2 ? A GLU 36 ? A GLU 36  ? 1_555 53.8  ? 
27 OE1 ? A GLU 36 ? A GLU 36  ? 1_555 CD ? E CD . ? A CD 104 ? 1_555 SG  ? A CYS 72 ? A CYS 72  ? 1_555 15.6  ? 
28 OE2 ? A GLU 36 ? A GLU 36  ? 1_555 CD ? E CD . ? A CD 104 ? 1_555 SG  ? A CYS 72 ? A CYS 72  ? 1_555 47.3  ? 
29 OE1 ? A GLU 36 ? A GLU 36  ? 1_555 CD ? E CD . ? A CD 104 ? 1_555 O   ? G HOH .  ? A HOH 221 ? 1_555 82.0  ? 
30 OE2 ? A GLU 36 ? A GLU 36  ? 1_555 CD ? E CD . ? A CD 104 ? 1_555 O   ? G HOH .  ? A HOH 221 ? 1_555 134.8 ? 
31 SG  ? A CYS 72 ? A CYS 72  ? 1_555 CD ? E CD . ? A CD 104 ? 1_555 O   ? G HOH .  ? A HOH 221 ? 1_555 92.2  ? 
32 OE1 ? A GLU 36 ? A GLU 36  ? 1_555 CD ? E CD . ? A CD 104 ? 1_555 O   ? G HOH .  ? A HOH 252 ? 1_555 120.8 ? 
33 OE2 ? A GLU 36 ? A GLU 36  ? 1_555 CD ? E CD . ? A CD 104 ? 1_555 O   ? G HOH .  ? A HOH 252 ? 1_555 101.7 ? 
34 SG  ? A CYS 72 ? A CYS 72  ? 1_555 CD ? E CD . ? A CD 104 ? 1_555 O   ? G HOH .  ? A HOH 252 ? 1_555 132.4 ? 
35 O   ? G HOH .  ? A HOH 221 ? 1_555 CD ? E CD . ? A CD 104 ? 1_555 O   ? G HOH .  ? A HOH 252 ? 1_555 92.5  ? 
36 O   ? G HOH .  ? A HOH 202 ? 1_555 NI ? C NI . ? A NI 102 ? 1_555 O   ? G HOH .  ? A HOH 223 ? 1_555 106.8 ? 
37 O   ? G HOH .  ? A HOH 202 ? 1_555 NI ? C NI . ? A NI 102 ? 1_555 O   ? G HOH .  ? A HOH 223 ? 3_755 137.1 ? 
38 O   ? G HOH .  ? A HOH 223 ? 1_555 NI ? C NI . ? A NI 102 ? 1_555 O   ? G HOH .  ? A HOH 223 ? 3_755 44.9  ? 
# 
_pdbx_modification_feature.ordinal                            1 
_pdbx_modification_feature.label_comp_id                      MSE 
_pdbx_modification_feature.label_asym_id                      A 
_pdbx_modification_feature.label_seq_id                       61 
_pdbx_modification_feature.label_alt_id                       ? 
_pdbx_modification_feature.modified_residue_label_comp_id     . 
_pdbx_modification_feature.modified_residue_label_asym_id     . 
_pdbx_modification_feature.modified_residue_label_seq_id      . 
_pdbx_modification_feature.modified_residue_label_alt_id      . 
_pdbx_modification_feature.auth_comp_id                       MSE 
_pdbx_modification_feature.auth_asym_id                       A 
_pdbx_modification_feature.auth_seq_id                        61 
_pdbx_modification_feature.PDB_ins_code                       ? 
_pdbx_modification_feature.symmetry                           1_555 
_pdbx_modification_feature.modified_residue_auth_comp_id      . 
_pdbx_modification_feature.modified_residue_auth_asym_id      . 
_pdbx_modification_feature.modified_residue_auth_seq_id       . 
_pdbx_modification_feature.modified_residue_PDB_ins_code      . 
_pdbx_modification_feature.modified_residue_symmetry          . 
_pdbx_modification_feature.comp_id_linking_atom               . 
_pdbx_modification_feature.modified_residue_id_linking_atom   . 
_pdbx_modification_feature.modified_residue_id                MET 
_pdbx_modification_feature.ref_pcm_id                         1 
_pdbx_modification_feature.ref_comp_id                        MSE 
_pdbx_modification_feature.type                               Selenomethionine 
_pdbx_modification_feature.category                           'Named protein modification' 
# 
_struct_sheet.id               AA1 
_struct_sheet.type             ? 
_struct_sheet.number_strands   5 
_struct_sheet.details          ? 
# 
loop_
_struct_sheet_order.sheet_id 
_struct_sheet_order.range_id_1 
_struct_sheet_order.range_id_2 
_struct_sheet_order.offset 
_struct_sheet_order.sense 
AA1 1 2 ? anti-parallel 
AA1 2 3 ? anti-parallel 
AA1 3 4 ? anti-parallel 
AA1 4 5 ? parallel      
# 
loop_
_struct_sheet_range.sheet_id 
_struct_sheet_range.id 
_struct_sheet_range.beg_label_comp_id 
_struct_sheet_range.beg_label_asym_id 
_struct_sheet_range.beg_label_seq_id 
_struct_sheet_range.pdbx_beg_PDB_ins_code 
_struct_sheet_range.end_label_comp_id 
_struct_sheet_range.end_label_asym_id 
_struct_sheet_range.end_label_seq_id 
_struct_sheet_range.pdbx_end_PDB_ins_code 
_struct_sheet_range.beg_auth_comp_id 
_struct_sheet_range.beg_auth_asym_id 
_struct_sheet_range.beg_auth_seq_id 
_struct_sheet_range.end_auth_comp_id 
_struct_sheet_range.end_auth_asym_id 
_struct_sheet_range.end_auth_seq_id 
AA1 1 ARG A 4  ? GLY A 6  ? ARG A 4  GLY A 6  
AA1 2 LYS A 9  ? ASN A 13 ? LYS A 9  ASN A 13 
AA1 3 GLN A 19 ? THR A 28 ? GLN A 19 THR A 28 
AA1 4 LEU A 32 ? VAL A 40 ? LEU A 32 VAL A 40 
AA1 5 LYS A 67 ? ILE A 69 ? LYS A 67 ILE A 69 
# 
loop_
_pdbx_struct_sheet_hbond.sheet_id 
_pdbx_struct_sheet_hbond.range_id_1 
_pdbx_struct_sheet_hbond.range_id_2 
_pdbx_struct_sheet_hbond.range_1_label_atom_id 
_pdbx_struct_sheet_hbond.range_1_label_comp_id 
_pdbx_struct_sheet_hbond.range_1_label_asym_id 
_pdbx_struct_sheet_hbond.range_1_label_seq_id 
_pdbx_struct_sheet_hbond.range_1_PDB_ins_code 
_pdbx_struct_sheet_hbond.range_1_auth_atom_id 
_pdbx_struct_sheet_hbond.range_1_auth_comp_id 
_pdbx_struct_sheet_hbond.range_1_auth_asym_id 
_pdbx_struct_sheet_hbond.range_1_auth_seq_id 
_pdbx_struct_sheet_hbond.range_2_label_atom_id 
_pdbx_struct_sheet_hbond.range_2_label_comp_id 
_pdbx_struct_sheet_hbond.range_2_label_asym_id 
_pdbx_struct_sheet_hbond.range_2_label_seq_id 
_pdbx_struct_sheet_hbond.range_2_PDB_ins_code 
_pdbx_struct_sheet_hbond.range_2_auth_atom_id 
_pdbx_struct_sheet_hbond.range_2_auth_comp_id 
_pdbx_struct_sheet_hbond.range_2_auth_asym_id 
_pdbx_struct_sheet_hbond.range_2_auth_seq_id 
AA1 1 2 N ARG A 4  ? N ARG A 4  O TYR A 11 ? O TYR A 11 
AA1 2 3 N ILE A 12 ? N ILE A 12 O ILE A 20 ? O ILE A 20 
AA1 3 4 N VAL A 24 ? N VAL A 24 O HIS A 37 ? O HIS A 37 
AA1 4 5 N ALA A 33 ? N ALA A 33 O ILE A 69 ? O ILE A 69 
# 
loop_
_struct_site.id 
_struct_site.pdbx_evidence_code 
_struct_site.pdbx_auth_asym_id 
_struct_site.pdbx_auth_comp_id 
_struct_site.pdbx_auth_seq_id 
_struct_site.pdbx_auth_ins_code 
_struct_site.pdbx_num_residues 
_struct_site.details 
AC1 Software A NI  101 ? 6 'binding site for residue NI A 101'  
AC2 Software A NI  102 ? 6 'binding site for residue NI A 102'  
AC3 Software A NI  103 ? 5 'binding site for residue NI A 103'  
AC4 Software A CD  104 ? 5 'binding site for residue CD A 104'  
AC5 Software A PO4 105 ? 7 'binding site for residue PO4 A 105' 
# 
loop_
_struct_site_gen.id 
_struct_site_gen.site_id 
_struct_site_gen.pdbx_num_res 
_struct_site_gen.label_comp_id 
_struct_site_gen.label_asym_id 
_struct_site_gen.label_seq_id 
_struct_site_gen.pdbx_auth_ins_code 
_struct_site_gen.auth_comp_id 
_struct_site_gen.auth_asym_id 
_struct_site_gen.auth_seq_id 
_struct_site_gen.label_atom_id 
_struct_site_gen.label_alt_id 
_struct_site_gen.symmetry 
_struct_site_gen.details 
1  AC1 6 GLU A 22 ? GLU A 22  . ? 1_555 ? 
2  AC1 6 GLU A 22 ? GLU A 22  . ? 3_756 ? 
3  AC1 6 HIS A 37 ? HIS A 37  . ? 3_756 ? 
4  AC1 6 ASP A 39 ? ASP A 39  . ? 3_756 ? 
5  AC1 6 HOH G .  ? HOH A 212 . ? 3_756 ? 
6  AC1 6 HOH G .  ? HOH A 233 . ? 3_756 ? 
7  AC2 6 HIS A 77 ? HIS A 77  . ? 1_555 ? 
8  AC2 6 LYS A 81 ? LYS A 81  . ? 1_555 ? 
9  AC2 6 HOH G .  ? HOH A 202 . ? 1_555 ? 
10 AC2 6 HOH G .  ? HOH A 202 . ? 3_755 ? 
11 AC2 6 HOH G .  ? HOH A 223 . ? 3_755 ? 
12 AC2 6 HOH G .  ? HOH A 223 . ? 1_555 ? 
13 AC3 5 GLU A 2  ? GLU A 2   . ? 1_555 ? 
14 AC3 5 HIS A 7  ? HIS A 7   . ? 6_654 ? 
15 AC3 5 HOH G .  ? HOH A 203 . ? 1_555 ? 
16 AC3 5 HOH G .  ? HOH A 204 . ? 6_654 ? 
17 AC3 5 HOH G .  ? HOH A 225 . ? 6_654 ? 
18 AC4 5 GLU A 36 ? GLU A 36  . ? 1_555 ? 
19 AC4 5 CYS A 72 ? CYS A 72  . ? 3_756 ? 
20 AC4 5 PRO A 73 ? PRO A 73  . ? 3_756 ? 
21 AC4 5 HOH G .  ? HOH A 221 . ? 1_555 ? 
22 AC4 5 HOH G .  ? HOH A 252 . ? 1_555 ? 
23 AC5 7 VAL A 40 ? VAL A 40  . ? 1_555 ? 
24 AC5 7 LYS A 45 ? LYS A 45  . ? 1_555 ? 
25 AC5 7 GLY A 50 ? GLY A 50  . ? 1_555 ? 
26 AC5 7 HOH G .  ? HOH A 201 . ? 1_555 ? 
27 AC5 7 HOH G .  ? HOH A 208 . ? 1_555 ? 
28 AC5 7 HOH G .  ? HOH A 211 . ? 1_555 ? 
29 AC5 7 HOH G .  ? HOH A 230 . ? 1_555 ? 
# 
_pdbx_entry_details.entry_id                   5I0C 
_pdbx_entry_details.compound_details           ? 
_pdbx_entry_details.source_details             ? 
_pdbx_entry_details.nonpolymer_details         ? 
_pdbx_entry_details.sequence_details           ? 
_pdbx_entry_details.has_ligand_of_interest     ? 
_pdbx_entry_details.has_protein_modification   Y 
# 
loop_
_pdbx_validate_symm_contact.id 
_pdbx_validate_symm_contact.PDB_model_num 
_pdbx_validate_symm_contact.auth_atom_id_1 
_pdbx_validate_symm_contact.auth_asym_id_1 
_pdbx_validate_symm_contact.auth_comp_id_1 
_pdbx_validate_symm_contact.auth_seq_id_1 
_pdbx_validate_symm_contact.PDB_ins_code_1 
_pdbx_validate_symm_contact.label_alt_id_1 
_pdbx_validate_symm_contact.site_symmetry_1 
_pdbx_validate_symm_contact.auth_atom_id_2 
_pdbx_validate_symm_contact.auth_asym_id_2 
_pdbx_validate_symm_contact.auth_comp_id_2 
_pdbx_validate_symm_contact.auth_seq_id_2 
_pdbx_validate_symm_contact.PDB_ins_code_2 
_pdbx_validate_symm_contact.label_alt_id_2 
_pdbx_validate_symm_contact.site_symmetry_2 
_pdbx_validate_symm_contact.dist 
1 1 O A HOH 234 ? ? 1_555 O A HOH 234 ? ? 4_566 1.38 
2 1 O A HOH 223 ? ? 1_555 O A HOH 223 ? ? 3_755 1.83 
# 
_pdbx_validate_rmsd_angle.id                         1 
_pdbx_validate_rmsd_angle.PDB_model_num              1 
_pdbx_validate_rmsd_angle.auth_atom_id_1             CB 
_pdbx_validate_rmsd_angle.auth_asym_id_1             A 
_pdbx_validate_rmsd_angle.auth_comp_id_1             ASP 
_pdbx_validate_rmsd_angle.auth_seq_id_1              80 
_pdbx_validate_rmsd_angle.PDB_ins_code_1             ? 
_pdbx_validate_rmsd_angle.label_alt_id_1             ? 
_pdbx_validate_rmsd_angle.auth_atom_id_2             CG 
_pdbx_validate_rmsd_angle.auth_asym_id_2             A 
_pdbx_validate_rmsd_angle.auth_comp_id_2             ASP 
_pdbx_validate_rmsd_angle.auth_seq_id_2              80 
_pdbx_validate_rmsd_angle.PDB_ins_code_2             ? 
_pdbx_validate_rmsd_angle.label_alt_id_2             ? 
_pdbx_validate_rmsd_angle.auth_atom_id_3             OD1 
_pdbx_validate_rmsd_angle.auth_asym_id_3             A 
_pdbx_validate_rmsd_angle.auth_comp_id_3             ASP 
_pdbx_validate_rmsd_angle.auth_seq_id_3              80 
_pdbx_validate_rmsd_angle.PDB_ins_code_3             ? 
_pdbx_validate_rmsd_angle.label_alt_id_3             ? 
_pdbx_validate_rmsd_angle.angle_value                123.96 
_pdbx_validate_rmsd_angle.angle_target_value         118.30 
_pdbx_validate_rmsd_angle.angle_deviation            5.66 
_pdbx_validate_rmsd_angle.angle_standard_deviation   0.90 
_pdbx_validate_rmsd_angle.linker_flag                N 
# 
_pdbx_validate_peptide_omega.id               1 
_pdbx_validate_peptide_omega.PDB_model_num    1 
_pdbx_validate_peptide_omega.auth_comp_id_1   GLY 
_pdbx_validate_peptide_omega.auth_asym_id_1   A 
_pdbx_validate_peptide_omega.auth_seq_id_1    46 
_pdbx_validate_peptide_omega.PDB_ins_code_1   ? 
_pdbx_validate_peptide_omega.label_alt_id_1   ? 
_pdbx_validate_peptide_omega.auth_comp_id_2   GLN 
_pdbx_validate_peptide_omega.auth_asym_id_2   A 
_pdbx_validate_peptide_omega.auth_seq_id_2    47 
_pdbx_validate_peptide_omega.PDB_ins_code_2   ? 
_pdbx_validate_peptide_omega.label_alt_id_2   ? 
_pdbx_validate_peptide_omega.omega            -149.64 
# 
_pdbx_SG_project.id                    1 
_pdbx_SG_project.project_name          'NIAID, National Institute of Allergy and Infectious Diseases' 
_pdbx_SG_project.full_name_of_center   'Center for Structural Genomics of Infectious Diseases' 
_pdbx_SG_project.initial_of_center     CSGID 
# 
_pdbx_struct_mod_residue.id               1 
_pdbx_struct_mod_residue.label_asym_id    A 
_pdbx_struct_mod_residue.label_comp_id    MSE 
_pdbx_struct_mod_residue.label_seq_id     61 
_pdbx_struct_mod_residue.auth_asym_id     A 
_pdbx_struct_mod_residue.auth_comp_id     MSE 
_pdbx_struct_mod_residue.auth_seq_id      61 
_pdbx_struct_mod_residue.PDB_ins_code     ? 
_pdbx_struct_mod_residue.parent_comp_id   MET 
_pdbx_struct_mod_residue.details          'modified residue' 
# 
loop_
_pdbx_refine_tls.pdbx_refine_id 
_pdbx_refine_tls.id 
_pdbx_refine_tls.details 
_pdbx_refine_tls.method 
_pdbx_refine_tls.origin_x 
_pdbx_refine_tls.origin_y 
_pdbx_refine_tls.origin_z 
_pdbx_refine_tls.T[1][1] 
_pdbx_refine_tls.T[2][2] 
_pdbx_refine_tls.T[3][3] 
_pdbx_refine_tls.T[1][2] 
_pdbx_refine_tls.T[1][3] 
_pdbx_refine_tls.T[2][3] 
_pdbx_refine_tls.L[1][1] 
_pdbx_refine_tls.L[2][2] 
_pdbx_refine_tls.L[3][3] 
_pdbx_refine_tls.L[1][2] 
_pdbx_refine_tls.L[1][3] 
_pdbx_refine_tls.L[2][3] 
_pdbx_refine_tls.S[1][1] 
_pdbx_refine_tls.S[1][2] 
_pdbx_refine_tls.S[1][3] 
_pdbx_refine_tls.S[2][1] 
_pdbx_refine_tls.S[2][2] 
_pdbx_refine_tls.S[2][3] 
_pdbx_refine_tls.S[3][1] 
_pdbx_refine_tls.S[3][2] 
_pdbx_refine_tls.S[3][3] 
'X-RAY DIFFRACTION' 1 ? refined -1.3753  5.5578  8.6416  0.1246 0.0644 0.0452 0.0176 0.0247  -0.0315 7.9432  10.8163 4.9929  -5.5783 3.6535  -7.3378 -0.2948 -0.3307 -0.1264 0.2185  0.4466  0.1883  -0.1675 -0.2879 -0.1516 
'X-RAY DIFFRACTION' 2 ? refined -5.8433  2.7853  6.6812  0.1337 0.0918 0.0681 0.0379 0.0643  -0.0125 5.7807  4.4093  3.1471  -1.2639 -2.7308 -0.0754 0.1785  -0.2446 0.4916  0.3372  0.1194  0.0943  -0.1306 -0.1302 -0.2978 
'X-RAY DIFFRACTION' 3 ? refined 5.1336   -6.6270 3.1863  0.1291 0.1149 0.1103 0.0609 0.0545  -0.0380 21.8781 1.6112  3.6073  -0.2070 0.9185  -2.3518 -0.3710 0.0178  -0.4356 -0.3049 0.0311  -0.2455 0.5035  0.0844  0.3399  
'X-RAY DIFFRACTION' 4 ? refined -14.6491 2.7760  -2.1702 0.0132 0.0339 0.1305 0.0172 0.0272  0.0441  8.7008  0.5425  15.8727 -0.7361 2.0257  2.5478  0.0173  0.3029  -0.1060 -0.0564 -0.0710 0.0276  -0.3135 -0.1967 0.0537  
'X-RAY DIFFRACTION' 5 ? refined -1.1427  5.0019  -2.3082 0.1616 0.1308 0.0930 0.0076 0.0466  -0.0234 12.2843 3.1314  1.8127  -2.6597 1.7144  -2.3735 -0.1156 0.1610  0.7030  -0.1948 0.1189  -0.0449 0.1323  -0.0963 -0.0033 
'X-RAY DIFFRACTION' 6 ? refined 12.6396  0.6750  1.2468  0.0600 0.1662 0.0817 0.0553 0.0451  -0.0240 6.1233  5.6043  3.8797  5.8537  2.6345  2.3946  -0.1925 0.1798  -0.2064 -0.1903 0.1989  -0.2047 -0.0585 0.2068  -0.0064 
'X-RAY DIFFRACTION' 7 ? refined -0.1364  -6.7955 -4.9157 0.2411 0.0527 0.0732 0.0121 -0.0251 -0.0445 5.2664  9.2857  3.2744  5.8043  -1.6567 0.9901  -0.1216 0.2469  -0.3867 -0.1890 0.0404  -0.4688 0.0434  -0.3093 0.0813  
'X-RAY DIFFRACTION' 8 ? refined 6.1082   -2.9324 -9.8662 0.1529 0.1484 0.0512 0.0609 0.0494  -0.0143 13.6045 5.8121  5.2941  -1.8005 4.3751  0.7508  0.0403  0.6545  0.0396  -0.2592 0.0430  0.1029  -0.0858 0.1631  -0.0834 
# 
loop_
_pdbx_refine_tls_group.pdbx_refine_id 
_pdbx_refine_tls_group.id 
_pdbx_refine_tls_group.refine_tls_id 
_pdbx_refine_tls_group.beg_auth_asym_id 
_pdbx_refine_tls_group.beg_auth_seq_id 
_pdbx_refine_tls_group.beg_label_asym_id 
_pdbx_refine_tls_group.beg_label_seq_id 
_pdbx_refine_tls_group.end_auth_asym_id 
_pdbx_refine_tls_group.end_auth_seq_id 
_pdbx_refine_tls_group.end_label_asym_id 
_pdbx_refine_tls_group.end_label_seq_id 
_pdbx_refine_tls_group.selection 
_pdbx_refine_tls_group.selection_details 
'X-RAY DIFFRACTION' 1 1 A 2  ? ? A 9  ? ? ? ? 
'X-RAY DIFFRACTION' 2 2 A 10 ? ? A 28 ? ? ? ? 
'X-RAY DIFFRACTION' 3 3 A 29 ? ? A 38 ? ? ? ? 
'X-RAY DIFFRACTION' 4 4 A 39 ? ? A 45 ? ? ? ? 
'X-RAY DIFFRACTION' 5 5 A 46 ? ? A 60 ? ? ? ? 
'X-RAY DIFFRACTION' 6 6 A 61 ? ? A 67 ? ? ? ? 
'X-RAY DIFFRACTION' 7 7 A 68 ? ? A 78 ? ? ? ? 
'X-RAY DIFFRACTION' 8 8 A 79 ? ? A 91 ? ? ? ? 
# 
_pdbx_distant_solvent_atoms.id                                1 
_pdbx_distant_solvent_atoms.PDB_model_num                     1 
_pdbx_distant_solvent_atoms.auth_atom_id                      O 
_pdbx_distant_solvent_atoms.label_alt_id                      ? 
_pdbx_distant_solvent_atoms.auth_asym_id                      A 
_pdbx_distant_solvent_atoms.auth_comp_id                      HOH 
_pdbx_distant_solvent_atoms.auth_seq_id                       261 
_pdbx_distant_solvent_atoms.PDB_ins_code                      ? 
_pdbx_distant_solvent_atoms.neighbor_macromolecule_distance   7.24 
_pdbx_distant_solvent_atoms.neighbor_ligand_distance          . 
# 
loop_
_pdbx_unobs_or_zero_occ_residues.id 
_pdbx_unobs_or_zero_occ_residues.PDB_model_num 
_pdbx_unobs_or_zero_occ_residues.polymer_flag 
_pdbx_unobs_or_zero_occ_residues.occupancy_flag 
_pdbx_unobs_or_zero_occ_residues.auth_asym_id 
_pdbx_unobs_or_zero_occ_residues.auth_comp_id 
_pdbx_unobs_or_zero_occ_residues.auth_seq_id 
_pdbx_unobs_or_zero_occ_residues.PDB_ins_code 
_pdbx_unobs_or_zero_occ_residues.label_asym_id 
_pdbx_unobs_or_zero_occ_residues.label_comp_id 
_pdbx_unobs_or_zero_occ_residues.label_seq_id 
1 1 Y 1 A MSE 1  ? A MSE 1  
2 1 Y 1 A LYS 15 ? A LYS 15 
3 1 Y 1 A SER 92 ? A SER 92 
4 1 Y 1 A ASN 93 ? A ASN 93 
# 
loop_
_chem_comp_atom.comp_id 
_chem_comp_atom.atom_id 
_chem_comp_atom.type_symbol 
_chem_comp_atom.pdbx_aromatic_flag 
_chem_comp_atom.pdbx_stereo_config 
_chem_comp_atom.pdbx_ordinal 
ALA N    N  N N 1   
ALA CA   C  N S 2   
ALA C    C  N N 3   
ALA O    O  N N 4   
ALA CB   C  N N 5   
ALA OXT  O  N N 6   
ALA H    H  N N 7   
ALA H2   H  N N 8   
ALA HA   H  N N 9   
ALA HB1  H  N N 10  
ALA HB2  H  N N 11  
ALA HB3  H  N N 12  
ALA HXT  H  N N 13  
ARG N    N  N N 14  
ARG CA   C  N S 15  
ARG C    C  N N 16  
ARG O    O  N N 17  
ARG CB   C  N N 18  
ARG CG   C  N N 19  
ARG CD   C  N N 20  
ARG NE   N  N N 21  
ARG CZ   C  N N 22  
ARG NH1  N  N N 23  
ARG NH2  N  N N 24  
ARG OXT  O  N N 25  
ARG H    H  N N 26  
ARG H2   H  N N 27  
ARG HA   H  N N 28  
ARG HB2  H  N N 29  
ARG HB3  H  N N 30  
ARG HG2  H  N N 31  
ARG HG3  H  N N 32  
ARG HD2  H  N N 33  
ARG HD3  H  N N 34  
ARG HE   H  N N 35  
ARG HH11 H  N N 36  
ARG HH12 H  N N 37  
ARG HH21 H  N N 38  
ARG HH22 H  N N 39  
ARG HXT  H  N N 40  
ASN N    N  N N 41  
ASN CA   C  N S 42  
ASN C    C  N N 43  
ASN O    O  N N 44  
ASN CB   C  N N 45  
ASN CG   C  N N 46  
ASN OD1  O  N N 47  
ASN ND2  N  N N 48  
ASN OXT  O  N N 49  
ASN H    H  N N 50  
ASN H2   H  N N 51  
ASN HA   H  N N 52  
ASN HB2  H  N N 53  
ASN HB3  H  N N 54  
ASN HD21 H  N N 55  
ASN HD22 H  N N 56  
ASN HXT  H  N N 57  
ASP N    N  N N 58  
ASP CA   C  N S 59  
ASP C    C  N N 60  
ASP O    O  N N 61  
ASP CB   C  N N 62  
ASP CG   C  N N 63  
ASP OD1  O  N N 64  
ASP OD2  O  N N 65  
ASP OXT  O  N N 66  
ASP H    H  N N 67  
ASP H2   H  N N 68  
ASP HA   H  N N 69  
ASP HB2  H  N N 70  
ASP HB3  H  N N 71  
ASP HD2  H  N N 72  
ASP HXT  H  N N 73  
CD  CD   CD N N 74  
CYS N    N  N N 75  
CYS CA   C  N R 76  
CYS C    C  N N 77  
CYS O    O  N N 78  
CYS CB   C  N N 79  
CYS SG   S  N N 80  
CYS OXT  O  N N 81  
CYS H    H  N N 82  
CYS H2   H  N N 83  
CYS HA   H  N N 84  
CYS HB2  H  N N 85  
CYS HB3  H  N N 86  
CYS HG   H  N N 87  
CYS HXT  H  N N 88  
GLN N    N  N N 89  
GLN CA   C  N S 90  
GLN C    C  N N 91  
GLN O    O  N N 92  
GLN CB   C  N N 93  
GLN CG   C  N N 94  
GLN CD   C  N N 95  
GLN OE1  O  N N 96  
GLN NE2  N  N N 97  
GLN OXT  O  N N 98  
GLN H    H  N N 99  
GLN H2   H  N N 100 
GLN HA   H  N N 101 
GLN HB2  H  N N 102 
GLN HB3  H  N N 103 
GLN HG2  H  N N 104 
GLN HG3  H  N N 105 
GLN HE21 H  N N 106 
GLN HE22 H  N N 107 
GLN HXT  H  N N 108 
GLU N    N  N N 109 
GLU CA   C  N S 110 
GLU C    C  N N 111 
GLU O    O  N N 112 
GLU CB   C  N N 113 
GLU CG   C  N N 114 
GLU CD   C  N N 115 
GLU OE1  O  N N 116 
GLU OE2  O  N N 117 
GLU OXT  O  N N 118 
GLU H    H  N N 119 
GLU H2   H  N N 120 
GLU HA   H  N N 121 
GLU HB2  H  N N 122 
GLU HB3  H  N N 123 
GLU HG2  H  N N 124 
GLU HG3  H  N N 125 
GLU HE2  H  N N 126 
GLU HXT  H  N N 127 
GLY N    N  N N 128 
GLY CA   C  N N 129 
GLY C    C  N N 130 
GLY O    O  N N 131 
GLY OXT  O  N N 132 
GLY H    H  N N 133 
GLY H2   H  N N 134 
GLY HA2  H  N N 135 
GLY HA3  H  N N 136 
GLY HXT  H  N N 137 
HIS N    N  N N 138 
HIS CA   C  N S 139 
HIS C    C  N N 140 
HIS O    O  N N 141 
HIS CB   C  N N 142 
HIS CG   C  Y N 143 
HIS ND1  N  Y N 144 
HIS CD2  C  Y N 145 
HIS CE1  C  Y N 146 
HIS NE2  N  Y N 147 
HIS OXT  O  N N 148 
HIS H    H  N N 149 
HIS H2   H  N N 150 
HIS HA   H  N N 151 
HIS HB2  H  N N 152 
HIS HB3  H  N N 153 
HIS HD1  H  N N 154 
HIS HD2  H  N N 155 
HIS HE1  H  N N 156 
HIS HE2  H  N N 157 
HIS HXT  H  N N 158 
HOH O    O  N N 159 
HOH H1   H  N N 160 
HOH H2   H  N N 161 
ILE N    N  N N 162 
ILE CA   C  N S 163 
ILE C    C  N N 164 
ILE O    O  N N 165 
ILE CB   C  N S 166 
ILE CG1  C  N N 167 
ILE CG2  C  N N 168 
ILE CD1  C  N N 169 
ILE OXT  O  N N 170 
ILE H    H  N N 171 
ILE H2   H  N N 172 
ILE HA   H  N N 173 
ILE HB   H  N N 174 
ILE HG12 H  N N 175 
ILE HG13 H  N N 176 
ILE HG21 H  N N 177 
ILE HG22 H  N N 178 
ILE HG23 H  N N 179 
ILE HD11 H  N N 180 
ILE HD12 H  N N 181 
ILE HD13 H  N N 182 
ILE HXT  H  N N 183 
LEU N    N  N N 184 
LEU CA   C  N S 185 
LEU C    C  N N 186 
LEU O    O  N N 187 
LEU CB   C  N N 188 
LEU CG   C  N N 189 
LEU CD1  C  N N 190 
LEU CD2  C  N N 191 
LEU OXT  O  N N 192 
LEU H    H  N N 193 
LEU H2   H  N N 194 
LEU HA   H  N N 195 
LEU HB2  H  N N 196 
LEU HB3  H  N N 197 
LEU HG   H  N N 198 
LEU HD11 H  N N 199 
LEU HD12 H  N N 200 
LEU HD13 H  N N 201 
LEU HD21 H  N N 202 
LEU HD22 H  N N 203 
LEU HD23 H  N N 204 
LEU HXT  H  N N 205 
LYS N    N  N N 206 
LYS CA   C  N S 207 
LYS C    C  N N 208 
LYS O    O  N N 209 
LYS CB   C  N N 210 
LYS CG   C  N N 211 
LYS CD   C  N N 212 
LYS CE   C  N N 213 
LYS NZ   N  N N 214 
LYS OXT  O  N N 215 
LYS H    H  N N 216 
LYS H2   H  N N 217 
LYS HA   H  N N 218 
LYS HB2  H  N N 219 
LYS HB3  H  N N 220 
LYS HG2  H  N N 221 
LYS HG3  H  N N 222 
LYS HD2  H  N N 223 
LYS HD3  H  N N 224 
LYS HE2  H  N N 225 
LYS HE3  H  N N 226 
LYS HZ1  H  N N 227 
LYS HZ2  H  N N 228 
LYS HZ3  H  N N 229 
LYS HXT  H  N N 230 
MSE N    N  N N 231 
MSE CA   C  N S 232 
MSE C    C  N N 233 
MSE O    O  N N 234 
MSE OXT  O  N N 235 
MSE CB   C  N N 236 
MSE CG   C  N N 237 
MSE SE   SE N N 238 
MSE CE   C  N N 239 
MSE H    H  N N 240 
MSE H2   H  N N 241 
MSE HA   H  N N 242 
MSE HXT  H  N N 243 
MSE HB2  H  N N 244 
MSE HB3  H  N N 245 
MSE HG2  H  N N 246 
MSE HG3  H  N N 247 
MSE HE1  H  N N 248 
MSE HE2  H  N N 249 
MSE HE3  H  N N 250 
NI  NI   NI N N 251 
PHE N    N  N N 252 
PHE CA   C  N S 253 
PHE C    C  N N 254 
PHE O    O  N N 255 
PHE CB   C  N N 256 
PHE CG   C  Y N 257 
PHE CD1  C  Y N 258 
PHE CD2  C  Y N 259 
PHE CE1  C  Y N 260 
PHE CE2  C  Y N 261 
PHE CZ   C  Y N 262 
PHE OXT  O  N N 263 
PHE H    H  N N 264 
PHE H2   H  N N 265 
PHE HA   H  N N 266 
PHE HB2  H  N N 267 
PHE HB3  H  N N 268 
PHE HD1  H  N N 269 
PHE HD2  H  N N 270 
PHE HE1  H  N N 271 
PHE HE2  H  N N 272 
PHE HZ   H  N N 273 
PHE HXT  H  N N 274 
PO4 P    P  N N 275 
PO4 O1   O  N N 276 
PO4 O2   O  N N 277 
PO4 O3   O  N N 278 
PO4 O4   O  N N 279 
PRO N    N  N N 280 
PRO CA   C  N S 281 
PRO C    C  N N 282 
PRO O    O  N N 283 
PRO CB   C  N N 284 
PRO CG   C  N N 285 
PRO CD   C  N N 286 
PRO OXT  O  N N 287 
PRO H    H  N N 288 
PRO HA   H  N N 289 
PRO HB2  H  N N 290 
PRO HB3  H  N N 291 
PRO HG2  H  N N 292 
PRO HG3  H  N N 293 
PRO HD2  H  N N 294 
PRO HD3  H  N N 295 
PRO HXT  H  N N 296 
SER N    N  N N 297 
SER CA   C  N S 298 
SER C    C  N N 299 
SER O    O  N N 300 
SER CB   C  N N 301 
SER OG   O  N N 302 
SER OXT  O  N N 303 
SER H    H  N N 304 
SER H2   H  N N 305 
SER HA   H  N N 306 
SER HB2  H  N N 307 
SER HB3  H  N N 308 
SER HG   H  N N 309 
SER HXT  H  N N 310 
THR N    N  N N 311 
THR CA   C  N S 312 
THR C    C  N N 313 
THR O    O  N N 314 
THR CB   C  N R 315 
THR OG1  O  N N 316 
THR CG2  C  N N 317 
THR OXT  O  N N 318 
THR H    H  N N 319 
THR H2   H  N N 320 
THR HA   H  N N 321 
THR HB   H  N N 322 
THR HG1  H  N N 323 
THR HG21 H  N N 324 
THR HG22 H  N N 325 
THR HG23 H  N N 326 
THR HXT  H  N N 327 
TYR N    N  N N 328 
TYR CA   C  N S 329 
TYR C    C  N N 330 
TYR O    O  N N 331 
TYR CB   C  N N 332 
TYR CG   C  Y N 333 
TYR CD1  C  Y N 334 
TYR CD2  C  Y N 335 
TYR CE1  C  Y N 336 
TYR CE2  C  Y N 337 
TYR CZ   C  Y N 338 
TYR OH   O  N N 339 
TYR OXT  O  N N 340 
TYR H    H  N N 341 
TYR H2   H  N N 342 
TYR HA   H  N N 343 
TYR HB2  H  N N 344 
TYR HB3  H  N N 345 
TYR HD1  H  N N 346 
TYR HD2  H  N N 347 
TYR HE1  H  N N 348 
TYR HE2  H  N N 349 
TYR HH   H  N N 350 
TYR HXT  H  N N 351 
VAL N    N  N N 352 
VAL CA   C  N S 353 
VAL C    C  N N 354 
VAL O    O  N N 355 
VAL CB   C  N N 356 
VAL CG1  C  N N 357 
VAL CG2  C  N N 358 
VAL OXT  O  N N 359 
VAL H    H  N N 360 
VAL H2   H  N N 361 
VAL HA   H  N N 362 
VAL HB   H  N N 363 
VAL HG11 H  N N 364 
VAL HG12 H  N N 365 
VAL HG13 H  N N 366 
VAL HG21 H  N N 367 
VAL HG22 H  N N 368 
VAL HG23 H  N N 369 
VAL HXT  H  N N 370 
# 
loop_
_chem_comp_bond.comp_id 
_chem_comp_bond.atom_id_1 
_chem_comp_bond.atom_id_2 
_chem_comp_bond.value_order 
_chem_comp_bond.pdbx_aromatic_flag 
_chem_comp_bond.pdbx_stereo_config 
_chem_comp_bond.pdbx_ordinal 
ALA N   CA   sing N N 1   
ALA N   H    sing N N 2   
ALA N   H2   sing N N 3   
ALA CA  C    sing N N 4   
ALA CA  CB   sing N N 5   
ALA CA  HA   sing N N 6   
ALA C   O    doub N N 7   
ALA C   OXT  sing N N 8   
ALA CB  HB1  sing N N 9   
ALA CB  HB2  sing N N 10  
ALA CB  HB3  sing N N 11  
ALA OXT HXT  sing N N 12  
ARG N   CA   sing N N 13  
ARG N   H    sing N N 14  
ARG N   H2   sing N N 15  
ARG CA  C    sing N N 16  
ARG CA  CB   sing N N 17  
ARG CA  HA   sing N N 18  
ARG C   O    doub N N 19  
ARG C   OXT  sing N N 20  
ARG CB  CG   sing N N 21  
ARG CB  HB2  sing N N 22  
ARG CB  HB3  sing N N 23  
ARG CG  CD   sing N N 24  
ARG CG  HG2  sing N N 25  
ARG CG  HG3  sing N N 26  
ARG CD  NE   sing N N 27  
ARG CD  HD2  sing N N 28  
ARG CD  HD3  sing N N 29  
ARG NE  CZ   sing N N 30  
ARG NE  HE   sing N N 31  
ARG CZ  NH1  sing N N 32  
ARG CZ  NH2  doub N N 33  
ARG NH1 HH11 sing N N 34  
ARG NH1 HH12 sing N N 35  
ARG NH2 HH21 sing N N 36  
ARG NH2 HH22 sing N N 37  
ARG OXT HXT  sing N N 38  
ASN N   CA   sing N N 39  
ASN N   H    sing N N 40  
ASN N   H2   sing N N 41  
ASN CA  C    sing N N 42  
ASN CA  CB   sing N N 43  
ASN CA  HA   sing N N 44  
ASN C   O    doub N N 45  
ASN C   OXT  sing N N 46  
ASN CB  CG   sing N N 47  
ASN CB  HB2  sing N N 48  
ASN CB  HB3  sing N N 49  
ASN CG  OD1  doub N N 50  
ASN CG  ND2  sing N N 51  
ASN ND2 HD21 sing N N 52  
ASN ND2 HD22 sing N N 53  
ASN OXT HXT  sing N N 54  
ASP N   CA   sing N N 55  
ASP N   H    sing N N 56  
ASP N   H2   sing N N 57  
ASP CA  C    sing N N 58  
ASP CA  CB   sing N N 59  
ASP CA  HA   sing N N 60  
ASP C   O    doub N N 61  
ASP C   OXT  sing N N 62  
ASP CB  CG   sing N N 63  
ASP CB  HB2  sing N N 64  
ASP CB  HB3  sing N N 65  
ASP CG  OD1  doub N N 66  
ASP CG  OD2  sing N N 67  
ASP OD2 HD2  sing N N 68  
ASP OXT HXT  sing N N 69  
CYS N   CA   sing N N 70  
CYS N   H    sing N N 71  
CYS N   H2   sing N N 72  
CYS CA  C    sing N N 73  
CYS CA  CB   sing N N 74  
CYS CA  HA   sing N N 75  
CYS C   O    doub N N 76  
CYS C   OXT  sing N N 77  
CYS CB  SG   sing N N 78  
CYS CB  HB2  sing N N 79  
CYS CB  HB3  sing N N 80  
CYS SG  HG   sing N N 81  
CYS OXT HXT  sing N N 82  
GLN N   CA   sing N N 83  
GLN N   H    sing N N 84  
GLN N   H2   sing N N 85  
GLN CA  C    sing N N 86  
GLN CA  CB   sing N N 87  
GLN CA  HA   sing N N 88  
GLN C   O    doub N N 89  
GLN C   OXT  sing N N 90  
GLN CB  CG   sing N N 91  
GLN CB  HB2  sing N N 92  
GLN CB  HB3  sing N N 93  
GLN CG  CD   sing N N 94  
GLN CG  HG2  sing N N 95  
GLN CG  HG3  sing N N 96  
GLN CD  OE1  doub N N 97  
GLN CD  NE2  sing N N 98  
GLN NE2 HE21 sing N N 99  
GLN NE2 HE22 sing N N 100 
GLN OXT HXT  sing N N 101 
GLU N   CA   sing N N 102 
GLU N   H    sing N N 103 
GLU N   H2   sing N N 104 
GLU CA  C    sing N N 105 
GLU CA  CB   sing N N 106 
GLU CA  HA   sing N N 107 
GLU C   O    doub N N 108 
GLU C   OXT  sing N N 109 
GLU CB  CG   sing N N 110 
GLU CB  HB2  sing N N 111 
GLU CB  HB3  sing N N 112 
GLU CG  CD   sing N N 113 
GLU CG  HG2  sing N N 114 
GLU CG  HG3  sing N N 115 
GLU CD  OE1  doub N N 116 
GLU CD  OE2  sing N N 117 
GLU OE2 HE2  sing N N 118 
GLU OXT HXT  sing N N 119 
GLY N   CA   sing N N 120 
GLY N   H    sing N N 121 
GLY N   H2   sing N N 122 
GLY CA  C    sing N N 123 
GLY CA  HA2  sing N N 124 
GLY CA  HA3  sing N N 125 
GLY C   O    doub N N 126 
GLY C   OXT  sing N N 127 
GLY OXT HXT  sing N N 128 
HIS N   CA   sing N N 129 
HIS N   H    sing N N 130 
HIS N   H2   sing N N 131 
HIS CA  C    sing N N 132 
HIS CA  CB   sing N N 133 
HIS CA  HA   sing N N 134 
HIS C   O    doub N N 135 
HIS C   OXT  sing N N 136 
HIS CB  CG   sing N N 137 
HIS CB  HB2  sing N N 138 
HIS CB  HB3  sing N N 139 
HIS CG  ND1  sing Y N 140 
HIS CG  CD2  doub Y N 141 
HIS ND1 CE1  doub Y N 142 
HIS ND1 HD1  sing N N 143 
HIS CD2 NE2  sing Y N 144 
HIS CD2 HD2  sing N N 145 
HIS CE1 NE2  sing Y N 146 
HIS CE1 HE1  sing N N 147 
HIS NE2 HE2  sing N N 148 
HIS OXT HXT  sing N N 149 
HOH O   H1   sing N N 150 
HOH O   H2   sing N N 151 
ILE N   CA   sing N N 152 
ILE N   H    sing N N 153 
ILE N   H2   sing N N 154 
ILE CA  C    sing N N 155 
ILE CA  CB   sing N N 156 
ILE CA  HA   sing N N 157 
ILE C   O    doub N N 158 
ILE C   OXT  sing N N 159 
ILE CB  CG1  sing N N 160 
ILE CB  CG2  sing N N 161 
ILE CB  HB   sing N N 162 
ILE CG1 CD1  sing N N 163 
ILE CG1 HG12 sing N N 164 
ILE CG1 HG13 sing N N 165 
ILE CG2 HG21 sing N N 166 
ILE CG2 HG22 sing N N 167 
ILE CG2 HG23 sing N N 168 
ILE CD1 HD11 sing N N 169 
ILE CD1 HD12 sing N N 170 
ILE CD1 HD13 sing N N 171 
ILE OXT HXT  sing N N 172 
LEU N   CA   sing N N 173 
LEU N   H    sing N N 174 
LEU N   H2   sing N N 175 
LEU CA  C    sing N N 176 
LEU CA  CB   sing N N 177 
LEU CA  HA   sing N N 178 
LEU C   O    doub N N 179 
LEU C   OXT  sing N N 180 
LEU CB  CG   sing N N 181 
LEU CB  HB2  sing N N 182 
LEU CB  HB3  sing N N 183 
LEU CG  CD1  sing N N 184 
LEU CG  CD2  sing N N 185 
LEU CG  HG   sing N N 186 
LEU CD1 HD11 sing N N 187 
LEU CD1 HD12 sing N N 188 
LEU CD1 HD13 sing N N 189 
LEU CD2 HD21 sing N N 190 
LEU CD2 HD22 sing N N 191 
LEU CD2 HD23 sing N N 192 
LEU OXT HXT  sing N N 193 
LYS N   CA   sing N N 194 
LYS N   H    sing N N 195 
LYS N   H2   sing N N 196 
LYS CA  C    sing N N 197 
LYS CA  CB   sing N N 198 
LYS CA  HA   sing N N 199 
LYS C   O    doub N N 200 
LYS C   OXT  sing N N 201 
LYS CB  CG   sing N N 202 
LYS CB  HB2  sing N N 203 
LYS CB  HB3  sing N N 204 
LYS CG  CD   sing N N 205 
LYS CG  HG2  sing N N 206 
LYS CG  HG3  sing N N 207 
LYS CD  CE   sing N N 208 
LYS CD  HD2  sing N N 209 
LYS CD  HD3  sing N N 210 
LYS CE  NZ   sing N N 211 
LYS CE  HE2  sing N N 212 
LYS CE  HE3  sing N N 213 
LYS NZ  HZ1  sing N N 214 
LYS NZ  HZ2  sing N N 215 
LYS NZ  HZ3  sing N N 216 
LYS OXT HXT  sing N N 217 
MSE N   CA   sing N N 218 
MSE N   H    sing N N 219 
MSE N   H2   sing N N 220 
MSE CA  C    sing N N 221 
MSE CA  CB   sing N N 222 
MSE CA  HA   sing N N 223 
MSE C   O    doub N N 224 
MSE C   OXT  sing N N 225 
MSE OXT HXT  sing N N 226 
MSE CB  CG   sing N N 227 
MSE CB  HB2  sing N N 228 
MSE CB  HB3  sing N N 229 
MSE CG  SE   sing N N 230 
MSE CG  HG2  sing N N 231 
MSE CG  HG3  sing N N 232 
MSE SE  CE   sing N N 233 
MSE CE  HE1  sing N N 234 
MSE CE  HE2  sing N N 235 
MSE CE  HE3  sing N N 236 
PHE N   CA   sing N N 237 
PHE N   H    sing N N 238 
PHE N   H2   sing N N 239 
PHE CA  C    sing N N 240 
PHE CA  CB   sing N N 241 
PHE CA  HA   sing N N 242 
PHE C   O    doub N N 243 
PHE C   OXT  sing N N 244 
PHE CB  CG   sing N N 245 
PHE CB  HB2  sing N N 246 
PHE CB  HB3  sing N N 247 
PHE CG  CD1  doub Y N 248 
PHE CG  CD2  sing Y N 249 
PHE CD1 CE1  sing Y N 250 
PHE CD1 HD1  sing N N 251 
PHE CD2 CE2  doub Y N 252 
PHE CD2 HD2  sing N N 253 
PHE CE1 CZ   doub Y N 254 
PHE CE1 HE1  sing N N 255 
PHE CE2 CZ   sing Y N 256 
PHE CE2 HE2  sing N N 257 
PHE CZ  HZ   sing N N 258 
PHE OXT HXT  sing N N 259 
PO4 P   O1   doub N N 260 
PO4 P   O2   sing N N 261 
PO4 P   O3   sing N N 262 
PO4 P   O4   sing N N 263 
PRO N   CA   sing N N 264 
PRO N   CD   sing N N 265 
PRO N   H    sing N N 266 
PRO CA  C    sing N N 267 
PRO CA  CB   sing N N 268 
PRO CA  HA   sing N N 269 
PRO C   O    doub N N 270 
PRO C   OXT  sing N N 271 
PRO CB  CG   sing N N 272 
PRO CB  HB2  sing N N 273 
PRO CB  HB3  sing N N 274 
PRO CG  CD   sing N N 275 
PRO CG  HG2  sing N N 276 
PRO CG  HG3  sing N N 277 
PRO CD  HD2  sing N N 278 
PRO CD  HD3  sing N N 279 
PRO OXT HXT  sing N N 280 
SER N   CA   sing N N 281 
SER N   H    sing N N 282 
SER N   H2   sing N N 283 
SER CA  C    sing N N 284 
SER CA  CB   sing N N 285 
SER CA  HA   sing N N 286 
SER C   O    doub N N 287 
SER C   OXT  sing N N 288 
SER CB  OG   sing N N 289 
SER CB  HB2  sing N N 290 
SER CB  HB3  sing N N 291 
SER OG  HG   sing N N 292 
SER OXT HXT  sing N N 293 
THR N   CA   sing N N 294 
THR N   H    sing N N 295 
THR N   H2   sing N N 296 
THR CA  C    sing N N 297 
THR CA  CB   sing N N 298 
THR CA  HA   sing N N 299 
THR C   O    doub N N 300 
THR C   OXT  sing N N 301 
THR CB  OG1  sing N N 302 
THR CB  CG2  sing N N 303 
THR CB  HB   sing N N 304 
THR OG1 HG1  sing N N 305 
THR CG2 HG21 sing N N 306 
THR CG2 HG22 sing N N 307 
THR CG2 HG23 sing N N 308 
THR OXT HXT  sing N N 309 
TYR N   CA   sing N N 310 
TYR N   H    sing N N 311 
TYR N   H2   sing N N 312 
TYR CA  C    sing N N 313 
TYR CA  CB   sing N N 314 
TYR CA  HA   sing N N 315 
TYR C   O    doub N N 316 
TYR C   OXT  sing N N 317 
TYR CB  CG   sing N N 318 
TYR CB  HB2  sing N N 319 
TYR CB  HB3  sing N N 320 
TYR CG  CD1  doub Y N 321 
TYR CG  CD2  sing Y N 322 
TYR CD1 CE1  sing Y N 323 
TYR CD1 HD1  sing N N 324 
TYR CD2 CE2  doub Y N 325 
TYR CD2 HD2  sing N N 326 
TYR CE1 CZ   doub Y N 327 
TYR CE1 HE1  sing N N 328 
TYR CE2 CZ   sing Y N 329 
TYR CE2 HE2  sing N N 330 
TYR CZ  OH   sing N N 331 
TYR OH  HH   sing N N 332 
TYR OXT HXT  sing N N 333 
VAL N   CA   sing N N 334 
VAL N   H    sing N N 335 
VAL N   H2   sing N N 336 
VAL CA  C    sing N N 337 
VAL CA  CB   sing N N 338 
VAL CA  HA   sing N N 339 
VAL C   O    doub N N 340 
VAL C   OXT  sing N N 341 
VAL CB  CG1  sing N N 342 
VAL CB  CG2  sing N N 343 
VAL CB  HB   sing N N 344 
VAL CG1 HG11 sing N N 345 
VAL CG1 HG12 sing N N 346 
VAL CG1 HG13 sing N N 347 
VAL CG2 HG21 sing N N 348 
VAL CG2 HG22 sing N N 349 
VAL CG2 HG23 sing N N 350 
VAL OXT HXT  sing N N 351 
# 
_atom_sites.entry_id                    5I0C 
_atom_sites.fract_transf_matrix[1][1]   -0.01392022 
_atom_sites.fract_transf_matrix[1][2]   -0.01229324 
_atom_sites.fract_transf_matrix[1][3]   -0.00141226 
_atom_sites.fract_transf_matrix[2][1]   0.00717826 
_atom_sites.fract_transf_matrix[2][2]   -0.00761313 
_atom_sites.fract_transf_matrix[2][3]   -0.00448422 
_atom_sites.fract_transf_matrix[3][1]   0.00503328 
_atom_sites.fract_transf_matrix[3][2]   -0.00823028 
_atom_sites.fract_transf_matrix[3][3]   0.02203023 
_atom_sites.fract_transf_vector[1]      0.837894 
_atom_sites.fract_transf_vector[2]      0.320375 
_atom_sites.fract_transf_vector[3]      0.607811 
# 
loop_
_atom_type.symbol 
C  
CD 
N  
NI 
O  
P  
S  
SE 
# 
loop_
_atom_site.group_PDB 
_atom_site.id 
_atom_site.type_symbol 
_atom_site.label_atom_id 
_atom_site.label_alt_id 
_atom_site.label_comp_id 
_atom_site.label_asym_id 
_atom_site.label_entity_id 
_atom_site.label_seq_id 
_atom_site.pdbx_PDB_ins_code 
_atom_site.Cartn_x 
_atom_site.Cartn_y 
_atom_site.Cartn_z 
_atom_site.occupancy 
_atom_site.B_iso_or_equiv 
_atom_site.pdbx_formal_charge 
_atom_site.auth_seq_id 
_atom_site.auth_comp_id 
_atom_site.auth_asym_id 
_atom_site.auth_atom_id 
_atom_site.pdbx_PDB_model_num 
ATOM   1   N  N   . GLU A 1 2  ? -4.824  14.249  5.041   1.00 47.83  ? 2   GLU A N   1 
ATOM   2   C  CA  . GLU A 1 2  ? -5.617  13.200  4.412   1.00 42.12  ? 2   GLU A CA  1 
ATOM   3   C  C   . GLU A 1 2  ? -5.067  11.715  4.673   1.00 39.84  ? 2   GLU A C   1 
ATOM   4   O  O   . GLU A 1 2  ? -5.781  10.892  5.221   1.00 40.76  ? 2   GLU A O   1 
ATOM   5   C  CB  . GLU A 1 2  ? -5.892  13.557  2.914   1.00 43.98  ? 2   GLU A CB  1 
ATOM   6   C  CG  . GLU A 1 2  ? -7.258  14.210  2.731   1.00 48.15  ? 2   GLU A CG  1 
ATOM   7   C  CD  . GLU A 1 2  ? -8.234  13.403  1.916   1.00 48.64  ? 2   GLU A CD  1 
ATOM   8   O  OE1 . GLU A 1 2  ? -9.018  12.716  2.523   1.00 46.75  ? 2   GLU A OE1 1 
ATOM   9   O  OE2 . GLU A 1 2  ? -8.154  13.383  0.649   1.00 52.17  ? 2   GLU A OE2 1 
ATOM   10  N  N   . ILE A 1 3  ? -3.867  11.358  4.257   1.00 36.89  ? 3   ILE A N   1 
ATOM   11  C  CA  . ILE A 1 3  ? -3.373  9.978   4.425   1.00 34.65  ? 3   ILE A CA  1 
ATOM   12  C  C   . ILE A 1 3  ? -2.564  9.853   5.668   1.00 34.67  ? 3   ILE A C   1 
ATOM   13  O  O   . ILE A 1 3  ? -1.438  10.356  5.774   1.00 36.34  ? 3   ILE A O   1 
ATOM   14  C  CB  . ILE A 1 3  ? -2.489  9.433   3.265   1.00 34.25  ? 3   ILE A CB  1 
ATOM   15  C  CG1 . ILE A 1 3  ? -3.256  9.385   1.933   1.00 35.73  ? 3   ILE A CG1 1 
ATOM   16  C  CG2 . ILE A 1 3  ? -1.973  8.016   3.616   1.00 34.69  ? 3   ILE A CG2 1 
ATOM   17  C  CD1 . ILE A 1 3  ? -2.373  9.174   0.695   1.00 38.45  ? 3   ILE A CD1 1 
ATOM   18  N  N   . ARG A 1 4  ? -3.069  9.088   6.584   1.00 33.47  ? 4   ARG A N   1 
ATOM   19  C  CA  . ARG A 1 4  ? -2.350  8.985   7.885   1.00 36.52  ? 4   ARG A CA  1 
ATOM   20  C  C   . ARG A 1 4  ? -1.636  7.661   7.994   1.00 36.53  ? 4   ARG A C   1 
ATOM   21  O  O   . ARG A 1 4  ? -1.939  6.701   7.259   1.00 30.84  ? 4   ARG A O   1 
ATOM   22  C  CB  . ARG A 1 4  ? -3.311  9.245   9.088   1.00 38.63  ? 4   ARG A CB  1 
ATOM   23  C  CG  . ARG A 1 4  ? -4.726  9.415   8.655   1.00 41.16  ? 4   ARG A CG  1 
ATOM   24  C  CD  . ARG A 1 4  ? -5.606  10.047  9.689   1.00 46.40  ? 4   ARG A CD  1 
ATOM   25  N  NE  . ARG A 1 4  ? -5.097  11.340  10.070  1.00 48.49  ? 4   ARG A NE  1 
ATOM   26  C  CZ  . ARG A 1 4  ? -5.118  11.816  11.323  1.00 59.97  ? 4   ARG A CZ  1 
ATOM   27  N  NH1 . ARG A 1 4  ? -5.576  11.069  12.338  1.00 62.10  ? 4   ARG A NH1 1 
ATOM   28  N  NH2 . ARG A 1 4  ? -4.666  13.075  11.574  1.00 62.99  ? 4   ARG A NH2 1 
ATOM   29  N  N   . GLU A 1 5  ? -0.675  7.655   8.912   1.00 38.10  ? 5   GLU A N   1 
ATOM   30  C  CA  . GLU A 1 5  ? 0.328   6.579   9.048   1.00 37.65  ? 5   GLU A CA  1 
ATOM   31  C  C   . GLU A 1 5  ? 0.097   6.004   10.408  1.00 38.15  ? 5   GLU A C   1 
ATOM   32  O  O   . GLU A 1 5  ? -0.197  6.737   11.369  1.00 35.75  ? 5   GLU A O   1 
ATOM   33  C  CB  . GLU A 1 5  ? 1.752   7.145   8.959   1.00 41.00  ? 5   GLU A CB  1 
ATOM   34  C  CG  . GLU A 1 5  ? 2.803   6.037   8.926   1.00 45.61  ? 5   GLU A CG  1 
ATOM   35  C  CD  . GLU A 1 5  ? 4.227   6.503   8.603   1.00 54.06  ? 5   GLU A CD  1 
ATOM   36  O  OE1 . GLU A 1 5  ? 4.677   7.630   8.965   1.00 61.89  ? 5   GLU A OE1 1 
ATOM   37  O  OE2 . GLU A 1 5  ? 4.948   5.687   8.008   1.00 58.72  ? 5   GLU A OE2 1 
ATOM   38  N  N   . GLY A 1 6  ? 0.091   4.688   10.486  1.00 35.61  ? 6   GLY A N   1 
ATOM   39  C  CA  . GLY A 1 6  ? 0.226   4.011   11.755  1.00 35.98  ? 6   GLY A CA  1 
ATOM   40  C  C   . GLY A 1 6  ? 1.255   2.923   11.597  1.00 31.20  ? 6   GLY A C   1 
ATOM   41  O  O   . GLY A 1 6  ? 1.904   2.839   10.604  1.00 36.03  ? 6   GLY A O   1 
ATOM   42  N  N   . HIS A 1 7  ? 1.377   2.117   12.647  1.00 30.26  ? 7   HIS A N   1 
ATOM   43  C  CA  . HIS A 1 7  ? 2.211   1.005   12.709  1.00 27.98  ? 7   HIS A CA  1 
ATOM   44  C  C   . HIS A 1 7  ? 1.771   -0.045  11.643  1.00 28.41  ? 7   HIS A C   1 
ATOM   45  O  O   . HIS A 1 7  ? 0.719   -0.675  11.780  1.00 29.88  ? 7   HIS A O   1 
ATOM   46  C  CB  . HIS A 1 7  ? 2.195   0.389   14.088  1.00 29.60  ? 7   HIS A CB  1 
ATOM   47  C  CG  . HIS A 1 7  ? 3.310   -0.573  14.271  1.00 31.99  ? 7   HIS A CG  1 
ATOM   48  N  ND1 . HIS A 1 7  ? 3.334   -1.553  15.233  1.00 33.87  ? 7   HIS A ND1 1 
ATOM   49  C  CD2 . HIS A 1 7  ? 4.422   -0.740  13.530  1.00 30.80  ? 7   HIS A CD2 1 
ATOM   50  C  CE1 . HIS A 1 7  ? 4.434   -2.269  15.089  1.00 33.62  ? 7   HIS A CE1 1 
ATOM   51  N  NE2 . HIS A 1 7  ? 5.102   -1.782  14.079  1.00 31.56  ? 7   HIS A NE2 1 
ATOM   52  N  N   . ASN A 1 8  ? 2.575   -0.225  10.594  1.00 29.75  ? 8   ASN A N   1 
ATOM   53  C  CA  . ASN A 1 8  ? 2.279   -1.193  9.559   1.00 30.23  ? 8   ASN A CA  1 
ATOM   54  C  C   . ASN A 1 8  ? 0.992   -0.850  8.752   1.00 32.38  ? 8   ASN A C   1 
ATOM   55  O  O   . ASN A 1 8  ? 0.304   -1.746  8.261   1.00 33.04  ? 8   ASN A O   1 
ATOM   56  C  CB  . ASN A 1 8  ? 2.198   -2.645  10.146  1.00 34.08  ? 8   ASN A CB  1 
ATOM   57  C  CG  . ASN A 1 8  ? 3.549   -3.132  10.661  1.00 33.78  ? 8   ASN A CG  1 
ATOM   58  O  OD1 . ASN A 1 8  ? 4.567   -2.655  10.283  1.00 35.66  ? 8   ASN A OD1 1 
ATOM   59  N  ND2 . ASN A 1 8  ? 3.523   -3.963  11.618  1.00 37.24  ? 8   ASN A ND2 1 
ATOM   60  N  N   . LYS A 1 9  ? 0.706   0.431   8.579   1.00 31.65  ? 9   LYS A N   1 
ATOM   61  C  CA  . LYS A 1 9  ? -0.586  0.880   7.973   1.00 34.46  ? 9   LYS A CA  1 
ATOM   62  C  C   . LYS A 1 9  ? -0.593  2.347   7.504   1.00 31.07  ? 9   LYS A C   1 
ATOM   63  O  O   . LYS A 1 9  ? 0.042   3.211   8.080   1.00 32.88  ? 9   LYS A O   1 
ATOM   64  C  CB  . LYS A 1 9  ? -1.839  0.535   8.846   1.00 37.79  ? 9   LYS A CB  1 
ATOM   65  C  CG  . LYS A 1 9  ? -2.355  1.532   9.856   1.00 41.73  ? 9   LYS A CG  1 
ATOM   66  C  CD  . LYS A 1 9  ? -3.553  0.941   10.618  1.00 48.80  ? 9   LYS A CD  1 
ATOM   67  C  CE  . LYS A 1 9  ? -3.164  -0.258  11.467  1.00 53.99  ? 9   LYS A CE  1 
ATOM   68  N  NZ  . LYS A 1 9  ? -4.266  -0.715  12.373  1.00 61.76  ? 9   LYS A NZ  1 
ATOM   69  N  N   . PHE A 1 10 ? -1.266  2.600   6.409   1.00 32.84  ? 10  PHE A N   1 
ATOM   70  C  CA  . PHE A 1 10 ? -1.690  3.944   6.028   1.00 33.45  ? 10  PHE A CA  1 
ATOM   71  C  C   . PHE A 1 10 ? -3.168  3.878   6.006   1.00 33.82  ? 10  PHE A C   1 
ATOM   72  O  O   . PHE A 1 10 ? -3.731  2.867   5.631   1.00 32.80  ? 10  PHE A O   1 
ATOM   73  C  CB  . PHE A 1 10 ? -1.095  4.434   4.694   1.00 34.25  ? 10  PHE A CB  1 
ATOM   74  C  CG  . PHE A 1 10 ? 0.358   4.710   4.747   1.00 34.07  ? 10  PHE A CG  1 
ATOM   75  C  CD1 . PHE A 1 10 ? 0.850   5.938   5.185   1.00 38.21  ? 10  PHE A CD1 1 
ATOM   76  C  CD2 . PHE A 1 10 ? 1.249   3.781   4.314   1.00 35.47  ? 10  PHE A CD2 1 
ATOM   77  C  CE1 . PHE A 1 10 ? 2.208   6.184   5.235   1.00 37.96  ? 10  PHE A CE1 1 
ATOM   78  C  CE2 . PHE A 1 10 ? 2.594   4.022   4.319   1.00 35.02  ? 10  PHE A CE2 1 
ATOM   79  C  CZ  . PHE A 1 10 ? 3.086   5.221   4.813   1.00 39.33  ? 10  PHE A CZ  1 
ATOM   80  N  N   . TYR A 1 11 ? -3.835  4.918   6.533   1.00 31.77  ? 11  TYR A N   1 
ATOM   81  C  CA  . TYR A 1 11 ? -5.273  4.962   6.465   1.00 31.21  ? 11  TYR A CA  1 
ATOM   82  C  C   . TYR A 1 11 ? -5.816  6.403   6.271   1.00 32.60  ? 11  TYR A C   1 
ATOM   83  O  O   . TYR A 1 11 ? -5.106  7.412   6.438   1.00 35.30  ? 11  TYR A O   1 
ATOM   84  C  CB  . TYR A 1 11 ? -5.888  4.262   7.691   1.00 31.64  ? 11  TYR A CB  1 
ATOM   85  C  CG  . TYR A 1 11 ? -5.649  5.091   9.004   1.00 31.55  ? 11  TYR A CG  1 
ATOM   86  C  CD1 . TYR A 1 11 ? -4.369  5.071   9.588   1.00 32.33  ? 11  TYR A CD1 1 
ATOM   87  C  CD2 . TYR A 1 11 ? -6.594  5.990   9.497   1.00 35.30  ? 11  TYR A CD2 1 
ATOM   88  C  CE1 . TYR A 1 11 ? -4.047  5.820   10.669  1.00 34.81  ? 11  TYR A CE1 1 
ATOM   89  C  CE2 . TYR A 1 11 ? -6.310  6.745   10.679  1.00 34.99  ? 11  TYR A CE2 1 
ATOM   90  C  CZ  . TYR A 1 11 ? -5.041  6.627   11.247  1.00 36.21  ? 11  TYR A CZ  1 
ATOM   91  O  OH  . TYR A 1 11 ? -4.551  7.337   12.262  1.00 36.42  ? 11  TYR A OH  1 
ATOM   92  N  N   . ILE A 1 12 ? -7.066  6.454   5.850   1.00 33.56  ? 12  ILE A N   1 
ATOM   93  C  CA  . ILE A 1 12 ? -7.804  7.705   5.715   1.00 33.65  ? 12  ILE A CA  1 
ATOM   94  C  C   . ILE A 1 12 ? -9.118  7.601   6.516   1.00 38.24  ? 12  ILE A C   1 
ATOM   95  O  O   . ILE A 1 12 ? -9.846  6.600   6.466   1.00 38.94  ? 12  ILE A O   1 
ATOM   96  C  CB  . ILE A 1 12 ? -8.183  7.915   4.291   1.00 32.83  ? 12  ILE A CB  1 
ATOM   97  C  CG1 . ILE A 1 12 ? -6.927  7.749   3.372   1.00 31.11  ? 12  ILE A CG1 1 
ATOM   98  C  CG2 . ILE A 1 12 ? -8.746  9.340   3.984   1.00 33.52  ? 12  ILE A CG2 1 
ATOM   99  C  CD1 . ILE A 1 12 ? -7.275  7.777   1.927   1.00 30.46  ? 12  ILE A CD1 1 
ATOM   100 N  N   . ASN A 1 13 ? -9.425  8.675   7.224   1.00 42.15  ? 13  ASN A N   1 
ATOM   101 C  CA  . ASN A 1 13 ? -10.731 8.831   7.937   1.00 48.34  ? 13  ASN A CA  1 
ATOM   102 C  C   . ASN A 1 13 ? -11.555 9.936   7.321   1.00 51.96  ? 13  ASN A C   1 
ATOM   103 O  O   . ASN A 1 13 ? -11.007 10.989  6.962   1.00 54.55  ? 13  ASN A O   1 
ATOM   104 C  CB  . ASN A 1 13 ? -10.486 9.241   9.373   1.00 48.88  ? 13  ASN A CB  1 
ATOM   105 C  CG  . ASN A 1 13 ? -9.843  8.116   10.165  1.00 47.29  ? 13  ASN A CG  1 
ATOM   106 O  OD1 . ASN A 1 13 ? -10.102 6.961   9.894   1.00 45.23  ? 13  ASN A OD1 1 
ATOM   107 N  ND2 . ASN A 1 13 ? -9.021  8.455   11.152  1.00 48.71  ? 13  ASN A ND2 1 
ATOM   108 N  N   . ASP A 1 14 ? -12.853 9.714   7.168   1.00 53.68  ? 14  ASP A N   1 
ATOM   109 C  CA  . ASP A 1 14 ? -13.749 10.833  6.727   1.00 55.45  ? 14  ASP A CA  1 
ATOM   110 C  C   . ASP A 1 14 ? -13.908 11.891  7.851   1.00 58.39  ? 14  ASP A C   1 
ATOM   111 O  O   . ASP A 1 14 ? -13.212 11.824  8.893   1.00 53.87  ? 14  ASP A O   1 
ATOM   112 C  CB  . ASP A 1 14 ? -15.110 10.310  6.248   1.00 57.96  ? 14  ASP A CB  1 
ATOM   113 C  CG  . ASP A 1 14 ? -15.962 9.723   7.376   1.00 58.88  ? 14  ASP A CG  1 
ATOM   114 O  OD1 . ASP A 1 14 ? -15.595 9.855   8.571   1.00 60.40  ? 14  ASP A OD1 1 
ATOM   115 O  OD2 . ASP A 1 14 ? -17.004 9.080   7.066   1.00 59.49  ? 14  ASP A OD2 1 
ATOM   116 N  N   . GLN A 1 16 ? -15.846 13.157  10.195  1.00 78.46  ? 16  GLN A N   1 
ATOM   117 C  CA  . GLN A 1 16 ? -16.326 12.600  11.475  1.00 75.77  ? 16  GLN A CA  1 
ATOM   118 C  C   . GLN A 1 16 ? -15.457 11.512  12.114  1.00 69.22  ? 16  GLN A C   1 
ATOM   119 O  O   . GLN A 1 16 ? -15.673 11.172  13.285  1.00 63.37  ? 16  GLN A O   1 
ATOM   120 C  CB  . GLN A 1 16 ? -17.788 12.105  11.402  1.00 77.65  ? 16  GLN A CB  1 
ATOM   121 C  CG  . GLN A 1 16 ? -18.183 11.381  10.135  1.00 76.27  ? 16  GLN A CG  1 
ATOM   122 C  CD  . GLN A 1 16 ? -18.441 12.329  8.983   1.00 78.23  ? 16  GLN A CD  1 
ATOM   123 O  OE1 . GLN A 1 16 ? -19.418 13.085  8.992   1.00 79.80  ? 16  GLN A OE1 1 
ATOM   124 N  NE2 . GLN A 1 16 ? -17.579 12.290  7.980   1.00 78.34  ? 16  GLN A NE2 1 
ATOM   125 N  N   . GLY A 1 17 ? -14.488 10.983  11.371  1.00 61.66  ? 17  GLY A N   1 
ATOM   126 C  CA  . GLY A 1 17 ? -13.463 10.047  11.929  1.00 58.40  ? 17  GLY A CA  1 
ATOM   127 C  C   . GLY A 1 17 ? -13.679 8.564   11.655  1.00 54.79  ? 17  GLY A C   1 
ATOM   128 O  O   . GLY A 1 17 ? -13.036 7.686   12.260  1.00 51.85  ? 17  GLY A O   1 
ATOM   129 N  N   . LYS A 1 18 ? -14.582 8.263   10.730  1.00 54.47  ? 18  LYS A N   1 
ATOM   130 C  CA  . LYS A 1 18 ? -14.824 6.885   10.322  1.00 52.89  ? 18  LYS A CA  1 
ATOM   131 C  C   . LYS A 1 18 ? -13.764 6.562   9.241   1.00 48.71  ? 18  LYS A C   1 
ATOM   132 O  O   . LYS A 1 18 ? -13.581 7.418   8.384   1.00 47.31  ? 18  LYS A O   1 
ATOM   133 C  CB  . LYS A 1 18 ? -16.220 6.827   9.729   1.00 56.01  ? 18  LYS A CB  1 
ATOM   134 C  CG  . LYS A 1 18 ? -16.686 5.423   9.381   1.00 58.78  ? 18  LYS A CG  1 
ATOM   135 C  CD  . LYS A 1 18 ? -17.624 5.394   8.165   1.00 61.67  ? 18  LYS A CD  1 
ATOM   136 C  CE  . LYS A 1 18 ? -17.478 4.087   7.372   1.00 61.87  ? 18  LYS A CE  1 
ATOM   137 N  NZ  . LYS A 1 18 ? -18.061 4.169   6.004   1.00 64.54  ? 18  LYS A NZ  1 
ATOM   138 N  N   . GLN A 1 19 ? -13.149 5.349   9.277   1.00 44.05  ? 19  GLN A N   1 
ATOM   139 C  CA  . GLN A 1 19 ? -12.074 4.897   8.358   1.00 46.29  ? 19  GLN A CA  1 
ATOM   140 C  C   . GLN A 1 19 ? -12.766 4.466   7.086   1.00 47.04  ? 19  GLN A C   1 
ATOM   141 O  O   . GLN A 1 19 ? -13.730 3.625   7.066   1.00 45.52  ? 19  GLN A O   1 
ATOM   142 C  CB  . GLN A 1 19 ? -11.167 3.801   8.955   1.00 42.50  ? 19  GLN A CB  1 
ATOM   143 C  CG  . GLN A 1 19 ? -9.834  3.459   8.221   1.00 44.26  ? 19  GLN A CG  1 
ATOM   144 C  CD  . GLN A 1 19 ? -9.177  2.171   8.731   1.00 42.38  ? 19  GLN A CD  1 
ATOM   145 O  OE1 . GLN A 1 19 ? -8.238  2.194   9.538   1.00 42.61  ? 19  GLN A OE1 1 
ATOM   146 N  NE2 . GLN A 1 19 ? -9.651  1.043   8.231   1.00 41.25  ? 19  GLN A NE2 1 
ATOM   147 N  N   . ILE A 1 20 ? -12.330 5.127   6.020   1.00 44.54  ? 20  ILE A N   1 
ATOM   148 C  CA  . ILE A 1 20 ? -12.906 4.878   4.706   1.00 43.24  ? 20  ILE A CA  1 
ATOM   149 C  C   . ILE A 1 20 ? -11.859 4.298   3.766   1.00 41.16  ? 20  ILE A C   1 
ATOM   150 O  O   . ILE A 1 20 ? -12.140 4.089   2.575   1.00 39.74  ? 20  ILE A O   1 
ATOM   151 C  CB  . ILE A 1 20 ? -13.559 6.175   4.164   1.00 45.76  ? 20  ILE A CB  1 
ATOM   152 C  CG1 . ILE A 1 20 ? -12.642 7.401   4.421   1.00 45.59  ? 20  ILE A CG1 1 
ATOM   153 C  CG2 . ILE A 1 20 ? -14.885 6.360   4.867   1.00 48.78  ? 20  ILE A CG2 1 
ATOM   154 C  CD1 . ILE A 1 20 ? -12.963 8.670   3.627   1.00 47.64  ? 20  ILE A CD1 1 
ATOM   155 N  N   . ALA A 1 21 ? -10.679 4.010   4.304   1.00 37.30  ? 21  ALA A N   1 
ATOM   156 C  CA  . ALA A 1 21 ? -9.625  3.371   3.529   1.00 36.69  ? 21  ALA A CA  1 
ATOM   157 C  C   . ALA A 1 21 ? -8.419  3.004   4.396   1.00 33.65  ? 21  ALA A C   1 
ATOM   158 O  O   . ALA A 1 21 ? -8.132  3.584   5.354   1.00 31.44  ? 21  ALA A O   1 
ATOM   159 C  CB  . ALA A 1 21 ? -9.149  4.280   2.425   1.00 36.93  ? 21  ALA A CB  1 
ATOM   160 N  N   . GLU A 1 22 ? -7.720  1.993   3.979   1.00 31.38  ? 22  GLU A N   1 
ATOM   161 C  CA  . GLU A 1 22 ? -6.557  1.518   4.735   1.00 30.13  ? 22  GLU A CA  1 
ATOM   162 C  C   . GLU A 1 22 ? -5.742  0.699   3.752   1.00 28.70  ? 22  GLU A C   1 
ATOM   163 O  O   . GLU A 1 22 ? -6.331  0.068   2.841   1.00 33.05  ? 22  GLU A O   1 
ATOM   164 C  CB  . GLU A 1 22 ? -6.959  0.624   5.917   1.00 30.12  ? 22  GLU A CB  1 
ATOM   165 C  CG  . GLU A 1 22 ? -7.288  -0.852  5.564   1.00 31.72  ? 22  GLU A CG  1 
ATOM   166 C  CD  . GLU A 1 22 ? -7.464  -1.742  6.777   1.00 31.76  ? 22  GLU A CD  1 
ATOM   167 O  OE1 . GLU A 1 22 ? -8.173  -2.769  6.718   1.00 36.78  ? 22  GLU A OE1 1 
ATOM   168 O  OE2 . GLU A 1 22 ? -6.946  -1.414  7.835   1.00 36.75  ? 22  GLU A OE2 1 
ATOM   169 N  N   . ILE A 1 23 ? -4.442  0.620   4.032   1.00 28.37  ? 23  ILE A N   1 
ATOM   170 C  CA  . ILE A 1 23 ? -3.556  -0.390  3.521   1.00 27.53  ? 23  ILE A CA  1 
ATOM   171 C  C   . ILE A 1 23 ? -2.620  -0.946  4.626   1.00 27.86  ? 23  ILE A C   1 
ATOM   172 O  O   . ILE A 1 23 ? -2.030  -0.170  5.391   1.00 28.19  ? 23  ILE A O   1 
ATOM   173 C  CB  . ILE A 1 23 ? -2.694  0.264   2.367   1.00 29.41  ? 23  ILE A CB  1 
ATOM   174 C  CG1 . ILE A 1 23 ? -2.031  -0.805  1.621   1.00 28.32  ? 23  ILE A CG1 1 
ATOM   175 C  CG2 . ILE A 1 23 ? -1.805  1.377   2.878   1.00 28.54  ? 23  ILE A CG2 1 
ATOM   176 C  CD1 . ILE A 1 23 ? -1.222  -0.532  0.328   1.00 31.68  ? 23  ILE A CD1 1 
ATOM   177 N  N   . VAL A 1 24 ? -2.424  -2.258  4.644   1.00 27.83  ? 24  VAL A N   1 
ATOM   178 C  CA  . VAL A 1 24 ? -1.725  -2.922  5.717   1.00 27.78  ? 24  VAL A CA  1 
ATOM   179 C  C   . VAL A 1 24 ? -0.530  -3.709  5.107   1.00 29.73  ? 24  VAL A C   1 
ATOM   180 O  O   . VAL A 1 24 ? -0.609  -4.410  4.014   1.00 31.84  ? 24  VAL A O   1 
ATOM   181 C  CB  . VAL A 1 24 ? -2.685  -3.753  6.572   1.00 28.29  ? 24  VAL A CB  1 
ATOM   182 C  CG1 . VAL A 1 24 ? -1.912  -4.692  7.531   1.00 28.66  ? 24  VAL A CG1 1 
ATOM   183 C  CG2 . VAL A 1 24 ? -3.704  -2.830  7.266   1.00 28.59  ? 24  VAL A CG2 1 
ATOM   184 N  N   . PHE A 1 25 ? 0.627   -3.392  5.683   1.00 31.39  ? 25  PHE A N   1 
ATOM   185 C  CA  . PHE A 1 25 ? 1.856   -3.909  5.148   1.00 31.18  ? 25  PHE A CA  1 
ATOM   186 C  C   . PHE A 1 25 ? 2.674   -4.408  6.318   1.00 35.81  ? 25  PHE A C   1 
ATOM   187 O  O   . PHE A 1 25 ? 2.625   -3.892  7.434   1.00 37.59  ? 25  PHE A O   1 
ATOM   188 C  CB  . PHE A 1 25 ? 2.558   -2.840  4.259   1.00 31.24  ? 25  PHE A CB  1 
ATOM   189 C  CG  . PHE A 1 25 ? 2.986   -1.597  4.977   1.00 32.17  ? 25  PHE A CG  1 
ATOM   190 C  CD1 . PHE A 1 25 ? 2.114   -0.509  5.149   1.00 33.22  ? 25  PHE A CD1 1 
ATOM   191 C  CD2 . PHE A 1 25 ? 4.231   -1.520  5.507   1.00 33.65  ? 25  PHE A CD2 1 
ATOM   192 C  CE1 . PHE A 1 25 ? 2.522   0.628   5.791   1.00 33.81  ? 25  PHE A CE1 1 
ATOM   193 C  CE2 . PHE A 1 25 ? 4.640   -0.401  6.153   1.00 36.09  ? 25  PHE A CE2 1 
ATOM   194 C  CZ  . PHE A 1 25 ? 3.793   0.680   6.328   1.00 35.33  ? 25  PHE A CZ  1 
ATOM   195 N  N   . VAL A 1 26 ? 3.471   -5.402  6.075   1.00 38.24  ? 26  VAL A N   1 
ATOM   196 C  CA  . VAL A 1 26 ? 4.215   -6.092  7.152   1.00 45.97  ? 26  VAL A CA  1 
ATOM   197 C  C   . VAL A 1 26 ? 5.674   -6.351  6.757   1.00 46.49  ? 26  VAL A C   1 
ATOM   198 O  O   . VAL A 1 26 ? 5.948   -7.114  5.817   1.00 47.45  ? 26  VAL A O   1 
ATOM   199 C  CB  . VAL A 1 26 ? 3.467   -7.389  7.576   1.00 47.81  ? 26  VAL A CB  1 
ATOM   200 C  CG1 . VAL A 1 26 ? 4.378   -8.493  8.152   1.00 53.55  ? 26  VAL A CG1 1 
ATOM   201 C  CG2 . VAL A 1 26 ? 2.361   -7.003  8.540   1.00 51.52  ? 26  VAL A CG2 1 
ATOM   202 N  N   . PRO A 1 27 ? 6.621   -5.781  7.530   1.00 48.64  ? 27  PRO A N   1 
ATOM   203 C  CA  . PRO A 1 27 ? 8.001   -6.190  7.326   1.00 51.43  ? 27  PRO A CA  1 
ATOM   204 C  C   . PRO A 1 27 ? 8.239   -7.683  7.702   1.00 52.87  ? 27  PRO A C   1 
ATOM   205 O  O   . PRO A 1 27 ? 7.663   -8.150  8.687   1.00 50.26  ? 27  PRO A O   1 
ATOM   206 C  CB  . PRO A 1 27 ? 8.797   -5.221  8.227   1.00 53.03  ? 27  PRO A CB  1 
ATOM   207 C  CG  . PRO A 1 27 ? 7.864   -4.882  9.318   1.00 54.03  ? 27  PRO A CG  1 
ATOM   208 C  CD  . PRO A 1 27 ? 6.477   -4.896  8.702   1.00 50.51  ? 27  PRO A CD  1 
ATOM   209 N  N   . THR A 1 28 ? 8.952   -8.423  6.826   1.00 55.61  ? 28  THR A N   1 
ATOM   210 C  CA  . THR A 1 28 ? 9.644   -9.691  7.164   1.00 59.87  ? 28  THR A CA  1 
ATOM   211 C  C   . THR A 1 28 ? 11.131  -9.509  6.907   1.00 62.46  ? 28  THR A C   1 
ATOM   212 O  O   . THR A 1 28 ? 11.539  -8.918  5.892   1.00 59.08  ? 28  THR A O   1 
ATOM   213 C  CB  . THR A 1 28 ? 9.200   -10.890 6.308   1.00 60.26  ? 28  THR A CB  1 
ATOM   214 O  OG1 . THR A 1 28 ? 9.339   -10.544 4.930   1.00 61.98  ? 28  THR A OG1 1 
ATOM   215 C  CG2 . THR A 1 28 ? 7.745   -11.267 6.570   1.00 60.74  ? 28  THR A CG2 1 
ATOM   216 N  N   . GLY A 1 29 ? 11.945  -10.047 7.814   1.00 61.88  ? 29  GLY A N   1 
ATOM   217 C  CA  . GLY A 1 29 ? 13.411  -9.870  7.766   1.00 63.97  ? 29  GLY A CA  1 
ATOM   218 C  C   . GLY A 1 29 ? 13.831  -8.429  8.014   1.00 62.67  ? 29  GLY A C   1 
ATOM   219 O  O   . GLY A 1 29 ? 13.099  -7.641  8.627   1.00 62.87  ? 29  GLY A O   1 
ATOM   220 N  N   . GLU A 1 30 ? 15.011  -8.084  7.519   1.00 62.07  ? 30  GLU A N   1 
ATOM   221 C  CA  . GLU A 1 30 ? 15.477  -6.699  7.488   1.00 60.90  ? 30  GLU A CA  1 
ATOM   222 C  C   . GLU A 1 30 ? 15.223  -6.055  6.095   1.00 56.99  ? 30  GLU A C   1 
ATOM   223 O  O   . GLU A 1 30 ? 15.367  -4.834  5.939   1.00 51.15  ? 30  GLU A O   1 
ATOM   224 C  CB  . GLU A 1 30 ? 16.972  -6.659  7.882   1.00 65.55  ? 30  GLU A CB  1 
ATOM   225 C  CG  . GLU A 1 30 ? 17.402  -5.352  8.545   1.00 66.24  ? 30  GLU A CG  1 
ATOM   226 C  CD  . GLU A 1 30 ? 18.899  -5.110  8.423   1.00 71.65  ? 30  GLU A CD  1 
ATOM   227 O  OE1 . GLU A 1 30 ? 19.304  -4.047  7.846   1.00 68.21  ? 30  GLU A OE1 1 
ATOM   228 O  OE2 . GLU A 1 30 ? 19.663  -6.009  8.889   1.00 74.88  ? 30  GLU A OE2 1 
ATOM   229 N  N   . ASN A 1 31 ? 14.853  -6.875  5.094   1.00 55.17  ? 31  ASN A N   1 
ATOM   230 C  CA  . ASN A 1 31 ? 14.868  -6.441  3.709   1.00 53.83  ? 31  ASN A CA  1 
ATOM   231 C  C   . ASN A 1 31 ? 13.570  -6.574  2.928   1.00 50.87  ? 31  ASN A C   1 
ATOM   232 O  O   . ASN A 1 31 ? 13.496  -6.128  1.783   1.00 49.78  ? 31  ASN A O   1 
ATOM   233 C  CB  . ASN A 1 31 ? 15.965  -7.235  3.029   1.00 60.65  ? 31  ASN A CB  1 
ATOM   234 C  CG  . ASN A 1 31 ? 17.329  -6.847  3.537   1.00 63.24  ? 31  ASN A CG  1 
ATOM   235 O  OD1 . ASN A 1 31 ? 17.811  -7.408  4.515   1.00 70.29  ? 31  ASN A OD1 1 
ATOM   236 N  ND2 . ASN A 1 31 ? 17.928  -5.838  2.921   1.00 63.92  ? 31  ASN A ND2 1 
ATOM   237 N  N   . LEU A 1 32 ? 12.527  -7.155  3.526   1.00 50.42  ? 32  LEU A N   1 
ATOM   238 C  CA  . LEU A 1 32 ? 11.280  -7.375  2.824   1.00 46.98  ? 32  LEU A CA  1 
ATOM   239 C  C   . LEU A 1 32 ? 10.075  -6.773  3.578   1.00 40.83  ? 32  LEU A C   1 
ATOM   240 O  O   . LEU A 1 32 ? 10.099  -6.562  4.806   1.00 36.15  ? 32  LEU A O   1 
ATOM   241 C  CB  . LEU A 1 32 ? 11.088  -8.858  2.500   1.00 48.60  ? 32  LEU A CB  1 
ATOM   242 C  CG  . LEU A 1 32 ? 12.069  -9.318  1.382   1.00 55.31  ? 32  LEU A CG  1 
ATOM   243 C  CD1 . LEU A 1 32 ? 12.102  -10.838 1.202   1.00 58.71  ? 32  LEU A CD1 1 
ATOM   244 C  CD2 . LEU A 1 32 ? 11.870  -8.609  0.022   1.00 53.75  ? 32  LEU A CD2 1 
ATOM   245 N  N   . ALA A 1 33 ? 9.021   -6.536  2.810   1.00 38.56  ? 33  ALA A N   1 
ATOM   246 C  CA  . ALA A 1 33 ? 7.727   -6.167  3.363   1.00 35.86  ? 33  ALA A CA  1 
ATOM   247 C  C   . ALA A 1 33 ? 6.649   -6.774  2.497   1.00 35.45  ? 33  ALA A C   1 
ATOM   248 O  O   . ALA A 1 33 ? 6.808   -6.840  1.245   1.00 37.97  ? 33  ALA A O   1 
ATOM   249 C  CB  . ALA A 1 33 ? 7.602   -4.668  3.376   1.00 35.15  ? 33  ALA A CB  1 
ATOM   250 N  N   . ILE A 1 34 ? 5.598   -7.246  3.139   1.00 33.11  ? 34  ILE A N   1 
ATOM   251 C  CA  . ILE A 1 34 ? 4.438   -7.729  2.470   1.00 36.01  ? 34  ILE A CA  1 
ATOM   252 C  C   . ILE A 1 34 ? 3.227   -6.745  2.445   1.00 34.13  ? 34  ILE A C   1 
ATOM   253 O  O   . ILE A 1 34 ? 2.831   -6.195  3.518   1.00 30.54  ? 34  ILE A O   1 
ATOM   254 C  CB  . ILE A 1 34 ? 4.054   -9.068  3.120   1.00 39.69  ? 34  ILE A CB  1 
ATOM   255 C  CG1 . ILE A 1 34 ? 5.109   -10.130 2.762   1.00 44.72  ? 34  ILE A CG1 1 
ATOM   256 C  CG2 . ILE A 1 34 ? 2.675   -9.502  2.647   1.00 41.67  ? 34  ILE A CG2 1 
ATOM   257 C  CD1 . ILE A 1 34 ? 5.133   -11.329 3.697   1.00 49.44  ? 34  ILE A CD1 1 
ATOM   258 N  N   . ILE A 1 35 ? 2.608   -6.507  1.287   1.00 30.41  ? 35  ILE A N   1 
ATOM   259 C  CA  . ILE A 1 35 ? 1.292   -5.761  1.339   1.00 30.80  ? 35  ILE A CA  1 
ATOM   260 C  C   . ILE A 1 35 ? 0.222   -6.752  1.452   1.00 30.28  ? 35  ILE A C   1 
ATOM   261 O  O   . ILE A 1 35 ? -0.153  -7.384  0.429   1.00 36.10  ? 35  ILE A O   1 
ATOM   262 C  CB  . ILE A 1 35 ? 1.028   -4.882  0.101   1.00 31.13  ? 35  ILE A CB  1 
ATOM   263 C  CG1 . ILE A 1 35 ? 2.192   -3.904  -0.042  1.00 32.47  ? 35  ILE A CG1 1 
ATOM   264 C  CG2 . ILE A 1 35 ? -0.326  -4.220  0.207   1.00 29.75  ? 35  ILE A CG2 1 
ATOM   265 C  CD1 . ILE A 1 35 ? 1.976   -2.883  -1.133  1.00 35.16  ? 35  ILE A CD1 1 
ATOM   266 N  N   . GLU A 1 36 ? -0.311  -6.892  2.656   1.00 29.66  ? 36  GLU A N   1 
ATOM   267 C  CA  . GLU A 1 36 ? -1.283  -7.883  2.928   1.00 30.82  ? 36  GLU A CA  1 
ATOM   268 C  C   . GLU A 1 36 ? -2.719  -7.606  2.528   1.00 31.34  ? 36  GLU A C   1 
ATOM   269 O  O   . GLU A 1 36 ? -3.428  -8.531  2.052   1.00 28.80  ? 36  GLU A O   1 
ATOM   270 C  CB  . GLU A 1 36 ? -1.129  -8.430  4.330   1.00 33.75  ? 36  GLU A CB  1 
ATOM   271 C  CG  . GLU A 1 36 ? -1.777  -7.714  5.449   1.00 34.28  ? 36  GLU A CG  1 
ATOM   272 C  CD  . GLU A 1 36 ? -1.703  -8.471  6.757   1.00 35.88  ? 36  GLU A CD  1 
ATOM   273 O  OE1 . GLU A 1 36 ? -2.557  -8.144  7.608   1.00 36.27  ? 36  GLU A OE1 1 
ATOM   274 O  OE2 . GLU A 1 36 ? -0.842  -9.388  6.957   1.00 36.02  ? 36  GLU A OE2 1 
ATOM   275 N  N   . HIS A 1 37 ? -3.098  -6.321  2.572   1.00 29.58  ? 37  HIS A N   1 
ATOM   276 C  CA  . HIS A 1 37 ? -4.451  -5.915  2.442   1.00 30.79  ? 37  HIS A CA  1 
ATOM   277 C  C   . HIS A 1 37 ? -4.529  -4.436  2.091   1.00 30.67  ? 37  HIS A C   1 
ATOM   278 O  O   . HIS A 1 37 ? -3.899  -3.662  2.751   1.00 27.70  ? 37  HIS A O   1 
ATOM   279 C  CB  . HIS A 1 37 ? -5.122  -6.072  3.901   1.00 31.01  ? 37  HIS A CB  1 
ATOM   280 C  CG  . HIS A 1 37 ? -6.556  -5.659  3.955   1.00 34.27  ? 37  HIS A CG  1 
ATOM   281 N  ND1 . HIS A 1 37 ? -7.519  -6.120  3.077   1.00 37.13  ? 37  HIS A ND1 1 
ATOM   282 C  CD2 . HIS A 1 37 ? -7.185  -4.769  4.754   1.00 35.66  ? 37  HIS A CD2 1 
ATOM   283 C  CE1 . HIS A 1 37 ? -8.683  -5.556  3.343   1.00 35.57  ? 37  HIS A CE1 1 
ATOM   284 N  NE2 . HIS A 1 37 ? -8.513  -4.749  4.380   1.00 35.86  ? 37  HIS A NE2 1 
ATOM   285 N  N   . THR A 1 38 ? -5.446  -4.087  1.187   1.00 33.79  ? 38  THR A N   1 
ATOM   286 C  CA  . THR A 1 38 ? -5.815  -2.720  0.818   1.00 35.42  ? 38  THR A CA  1 
ATOM   287 C  C   . THR A 1 38 ? -7.319  -2.747  0.613   1.00 37.68  ? 38  THR A C   1 
ATOM   288 O  O   . THR A 1 38 ? -7.893  -3.606  -0.057  1.00 41.87  ? 38  THR A O   1 
ATOM   289 C  CB  . THR A 1 38 ? -5.281  -2.227  -0.575  1.00 39.01  ? 38  THR A CB  1 
ATOM   290 O  OG1 . THR A 1 38 ? -3.996  -2.817  -0.897  1.00 40.32  ? 38  THR A OG1 1 
ATOM   291 C  CG2 . THR A 1 38 ? -5.191  -0.624  -0.597  1.00 39.53  ? 38  THR A CG2 1 
ATOM   292 N  N   . ASP A 1 39 ? -7.998  -1.767  1.140   1.00 40.11  ? 39  ASP A N   1 
ATOM   293 C  CA  . ASP A 1 39 ? -9.399  -1.635  0.827   1.00 40.04  ? 39  ASP A CA  1 
ATOM   294 C  C   . ASP A 1 39 ? -9.791  -0.212  0.944   1.00 33.47  ? 39  ASP A C   1 
ATOM   295 O  O   . ASP A 1 39 ? -9.150  0.586   1.626   1.00 31.64  ? 39  ASP A O   1 
ATOM   296 C  CB  . ASP A 1 39 ? -10.273 -2.571  1.686   1.00 44.87  ? 39  ASP A CB  1 
ATOM   297 C  CG  . ASP A 1 39 ? -10.570 -2.012  3.002   1.00 47.35  ? 39  ASP A CG  1 
ATOM   298 O  OD1 . ASP A 1 39 ? -11.598 -1.356  3.030   1.00 54.70  ? 39  ASP A OD1 1 
ATOM   299 O  OD2 . ASP A 1 39 ? -9.852  -2.245  4.006   1.00 51.85  ? 39  ASP A OD2 1 
ATOM   300 N  N   . VAL A 1 40 ? -10.832 0.090   0.203   1.00 34.41  ? 40  VAL A N   1 
ATOM   301 C  CA  . VAL A 1 40 ? -11.353 1.451   0.068   1.00 36.83  ? 40  VAL A CA  1 
ATOM   302 C  C   . VAL A 1 40 ? -12.887 1.349   0.076   1.00 39.33  ? 40  VAL A C   1 
ATOM   303 O  O   . VAL A 1 40 ? -13.445 0.556   -0.632  1.00 42.45  ? 40  VAL A O   1 
ATOM   304 C  CB  . VAL A 1 40 ? -10.834 2.083   -1.292  1.00 35.88  ? 40  VAL A CB  1 
ATOM   305 C  CG1 . VAL A 1 40 ? -11.301 3.505   -1.445  1.00 36.32  ? 40  VAL A CG1 1 
ATOM   306 C  CG2 . VAL A 1 40 ? -9.296  2.100   -1.342  1.00 36.35  ? 40  VAL A CG2 1 
ATOM   307 N  N   . ASP A 1 41 ? -13.561 2.151   0.889   1.00 40.92  ? 41  ASP A N   1 
ATOM   308 C  CA  . ASP A 1 41 ? -14.997 2.159   0.947   1.00 47.45  ? 41  ASP A CA  1 
ATOM   309 C  C   . ASP A 1 41 ? -15.605 2.383   -0.483  1.00 49.87  ? 41  ASP A C   1 
ATOM   310 O  O   . ASP A 1 41 ? -15.013 3.072   -1.370  1.00 41.82  ? 41  ASP A O   1 
ATOM   311 C  CB  . ASP A 1 41 ? -15.468 3.169   2.021   1.00 51.62  ? 41  ASP A CB  1 
ATOM   312 C  CG  . ASP A 1 41 ? -16.983 3.105   2.284   1.00 58.36  ? 41  ASP A CG  1 
ATOM   313 O  OD1 . ASP A 1 41 ? -17.434 2.248   3.073   1.00 63.19  ? 41  ASP A OD1 1 
ATOM   314 O  OD2 . ASP A 1 41 ? -17.726 3.902   1.685   1.00 57.69  ? 41  ASP A OD2 1 
ATOM   315 N  N   . GLU A 1 42 ? -16.714 1.677   -0.731  1.00 51.66  ? 42  GLU A N   1 
ATOM   316 C  CA  . GLU A 1 42 ? -17.274 1.521   -2.123  1.00 52.43  ? 42  GLU A CA  1 
ATOM   317 C  C   . GLU A 1 42 ? -17.771 2.845   -2.647  1.00 44.46  ? 42  GLU A C   1 
ATOM   318 O  O   . GLU A 1 42 ? -18.043 2.980   -3.816  1.00 47.62  ? 42  GLU A O   1 
ATOM   319 C  CB  . GLU A 1 42 ? -18.421 0.450   -2.211  1.00 55.95  ? 42  GLU A CB  1 
ATOM   320 C  CG  . GLU A 1 42 ? -18.051 -0.926  -2.833  1.00 60.77  ? 42  GLU A CG  1 
ATOM   321 C  CD  . GLU A 1 42 ? -19.155 -1.482  -3.749  1.00 69.28  ? 42  GLU A CD  1 
ATOM   322 O  OE1 . GLU A 1 42 ? -19.543 -0.791  -4.731  1.00 72.27  ? 42  GLU A OE1 1 
ATOM   323 O  OE2 . GLU A 1 42 ? -19.653 -2.613  -3.502  1.00 72.77  ? 42  GLU A OE2 1 
ATOM   324 N  N   . SER A 1 43 ? -17.901 3.803   -1.742  1.00 43.09  ? 43  SER A N   1 
ATOM   325 C  CA  . SER A 1 43 ? -18.380 5.165   -2.029  1.00 45.14  ? 43  SER A CA  1 
ATOM   326 C  C   . SER A 1 43 ? -17.336 6.005   -2.668  1.00 50.62  ? 43  SER A C   1 
ATOM   327 O  O   . SER A 1 43 ? -17.671 7.039   -3.207  1.00 50.29  ? 43  SER A O   1 
ATOM   328 C  CB  . SER A 1 43 ? -18.666 5.821   -0.721  1.00 45.65  ? 43  SER A CB  1 
ATOM   329 O  OG  . SER A 1 43 ? -17.523 5.648   0.067   1.00 38.38  ? 43  SER A OG  1 
ATOM   330 N  N   . LEU A 1 44 ? -16.058 5.567   -2.602  1.00 50.38  ? 44  LEU A N   1 
ATOM   331 C  CA  . LEU A 1 44 ? -14.950 6.364   -3.110  1.00 53.17  ? 44  LEU A CA  1 
ATOM   332 C  C   . LEU A 1 44 ? -14.435 5.821   -4.406  1.00 55.12  ? 44  LEU A C   1 
ATOM   333 O  O   . LEU A 1 44 ? -13.474 6.327   -4.924  1.00 61.58  ? 44  LEU A O   1 
ATOM   334 C  CB  . LEU A 1 44 ? -13.823 6.441   -2.098  1.00 52.60  ? 44  LEU A CB  1 
ATOM   335 C  CG  . LEU A 1 44 ? -14.135 7.050   -0.750  1.00 52.72  ? 44  LEU A CG  1 
ATOM   336 C  CD1 . LEU A 1 44 ? -12.958 6.913   0.194   1.00 50.79  ? 44  LEU A CD1 1 
ATOM   337 C  CD2 . LEU A 1 44 ? -14.467 8.527   -0.945  1.00 57.56  ? 44  LEU A CD2 1 
ATOM   338 N  N   . LYS A 1 45 ? -15.138 4.851   -4.962  1.00 60.79  ? 45  LYS A N   1 
ATOM   339 C  CA  . LYS A 1 45 ? -14.598 3.933   -5.933  1.00 62.21  ? 45  LYS A CA  1 
ATOM   340 C  C   . LYS A 1 45 ? -13.967 4.569   -7.203  1.00 61.23  ? 45  LYS A C   1 
ATOM   341 O  O   . LYS A 1 45 ? -13.024 3.992   -7.824  1.00 65.73  ? 45  LYS A O   1 
ATOM   342 C  CB  . LYS A 1 45 ? -15.680 2.895   -6.297  1.00 65.52  ? 45  LYS A CB  1 
ATOM   343 C  CG  . LYS A 1 45 ? -16.696 3.346   -7.344  1.00 69.25  ? 45  LYS A CG  1 
ATOM   344 C  CD  . LYS A 1 45 ? -16.368 2.735   -8.704  1.00 69.08  ? 45  LYS A CD  1 
ATOM   345 C  CE  . LYS A 1 45 ? -16.745 1.266   -8.729  1.00 69.29  ? 45  LYS A CE  1 
ATOM   346 N  NZ  . LYS A 1 45 ? -17.563 0.935   -9.934  1.00 72.67  ? 45  LYS A NZ  1 
ATOM   347 N  N   . GLY A 1 46 ? -14.456 5.741   -7.576  1.00 66.03  ? 46  GLY A N   1 
ATOM   348 C  CA  . GLY A 1 46 ? -13.903 6.446   -8.704  1.00 64.42  ? 46  GLY A CA  1 
ATOM   349 C  C   . GLY A 1 46 ? -12.521 7.050   -8.544  1.00 58.98  ? 46  GLY A C   1 
ATOM   350 O  O   . GLY A 1 46 ? -11.844 7.206   -9.564  1.00 61.98  ? 46  GLY A O   1 
ATOM   351 N  N   . GLN A 1 47 ? -12.079 7.342   -7.303  1.00 51.85  ? 47  GLN A N   1 
ATOM   352 C  CA  . GLN A 1 47 ? -11.137 8.453   -7.011  1.00 48.84  ? 47  GLN A CA  1 
ATOM   353 C  C   . GLN A 1 47 ? -9.617  8.161   -6.917  1.00 47.47  ? 47  GLN A C   1 
ATOM   354 O  O   . GLN A 1 47 ? -8.837  9.034   -6.448  1.00 46.83  ? 47  GLN A O   1 
ATOM   355 C  CB  . GLN A 1 47 ? -11.578 9.158   -5.718  1.00 50.45  ? 47  GLN A CB  1 
ATOM   356 C  CG  . GLN A 1 47 ? -12.993 9.681   -5.740  1.00 51.54  ? 47  GLN A CG  1 
ATOM   357 C  CD  . GLN A 1 47 ? -13.473 10.253  -4.420  1.00 53.17  ? 47  GLN A CD  1 
ATOM   358 O  OE1 . GLN A 1 47 ? -12.713 10.815  -3.628  1.00 53.86  ? 47  GLN A OE1 1 
ATOM   359 N  NE2 . GLN A 1 47 ? -14.766 10.105  -4.183  1.00 55.75  ? 47  GLN A NE2 1 
ATOM   360 N  N   . GLY A 1 48 ? -9.216  6.964   -7.346  1.00 44.16  ? 48  GLY A N   1 
ATOM   361 C  CA  . GLY A 1 48 ? -7.781  6.536   -7.354  1.00 44.64  ? 48  GLY A CA  1 
ATOM   362 C  C   . GLY A 1 48 ? -7.132  6.358   -5.973  1.00 42.82  ? 48  GLY A C   1 
ATOM   363 O  O   . GLY A 1 48 ? -5.925  6.282   -5.885  1.00 40.53  ? 48  GLY A O   1 
ATOM   364 N  N   . ILE A 1 49 ? -7.936  6.271   -4.903  1.00 42.22  ? 49  ILE A N   1 
ATOM   365 C  CA  . ILE A 1 49 ? -7.418  6.207   -3.525  1.00 41.73  ? 49  ILE A CA  1 
ATOM   366 C  C   . ILE A 1 49 ? -6.534  4.969   -3.251  1.00 39.44  ? 49  ILE A C   1 
ATOM   367 O  O   . ILE A 1 49 ? -5.437  5.113   -2.644  1.00 39.66  ? 49  ILE A O   1 
ATOM   368 C  CB  . ILE A 1 49 ? -8.529  6.275   -2.475  1.00 42.11  ? 49  ILE A CB  1 
ATOM   369 C  CG1 . ILE A 1 49 ? -9.288  7.631   -2.520  1.00 43.43  ? 49  ILE A CG1 1 
ATOM   370 C  CG2 . ILE A 1 49 ? -7.931  6.091   -1.070  1.00 43.86  ? 49  ILE A CG2 1 
ATOM   371 C  CD1 . ILE A 1 49 ? -8.520  8.826   -2.004  1.00 43.20  ? 49  ILE A CD1 1 
ATOM   372 N  N   . GLY A 1 50 ? -6.954  3.784   -3.729  1.00 37.36  ? 50  GLY A N   1 
ATOM   373 C  CA  . GLY A 1 50 ? -6.108  2.574   -3.664  1.00 36.12  ? 50  GLY A CA  1 
ATOM   374 C  C   . GLY A 1 50 ? -4.701  2.740   -4.247  1.00 35.98  ? 50  GLY A C   1 
ATOM   375 O  O   . GLY A 1 50 ? -3.702  2.391   -3.635  1.00 33.24  ? 50  GLY A O   1 
ATOM   376 N  N   . LYS A 1 51 ? -4.608  3.313   -5.442  1.00 38.34  ? 51  LYS A N   1 
ATOM   377 C  CA  . LYS A 1 51 ? -3.317  3.560   -6.042  1.00 38.92  ? 51  LYS A CA  1 
ATOM   378 C  C   . LYS A 1 51 ? -2.444  4.449   -5.168  1.00 37.58  ? 51  LYS A C   1 
ATOM   379 O  O   . LYS A 1 51 ? -1.226  4.243   -5.097  1.00 34.98  ? 51  LYS A O   1 
ATOM   380 C  CB  . LYS A 1 51 ? -3.482  4.170   -7.418  1.00 44.22  ? 51  LYS A CB  1 
ATOM   381 C  CG  . LYS A 1 51 ? -2.259  4.901   -7.981  1.00 48.31  ? 51  LYS A CG  1 
ATOM   382 C  CD  . LYS A 1 51 ? -2.349  5.244   -9.466  1.00 53.76  ? 51  LYS A CD  1 
ATOM   383 C  CE  . LYS A 1 51 ? -3.747  5.234   -10.072 1.00 57.68  ? 51  LYS A CE  1 
ATOM   384 N  NZ  . LYS A 1 51 ? -4.150  3.881   -10.595 1.00 60.99  ? 51  LYS A NZ  1 
ATOM   385 N  N   . GLN A 1 52 ? -3.075  5.471   -4.592  1.00 36.06  ? 52  GLN A N   1 
ATOM   386 C  CA  . GLN A 1 52 ? -2.404  6.429   -3.734  1.00 35.24  ? 52  GLN A CA  1 
ATOM   387 C  C   . GLN A 1 52 ? -1.886  5.810   -2.477  1.00 33.28  ? 52  GLN A C   1 
ATOM   388 O  O   . GLN A 1 52 ? -0.848  6.178   -2.089  1.00 32.17  ? 52  GLN A O   1 
ATOM   389 C  CB  . GLN A 1 52 ? -3.298  7.616   -3.421  1.00 37.02  ? 52  GLN A CB  1 
ATOM   390 C  CG  . GLN A 1 52 ? -3.406  8.425   -4.674  1.00 39.83  ? 52  GLN A CG  1 
ATOM   391 C  CD  . GLN A 1 52 ? -4.525  9.433   -4.684  1.00 44.20  ? 52  GLN A CD  1 
ATOM   392 O  OE1 . GLN A 1 52 ? -4.966  9.912   -3.647  1.00 45.43  ? 52  GLN A OE1 1 
ATOM   393 N  NE2 . GLN A 1 52 ? -4.949  9.831   -5.911  1.00 48.41  ? 52  GLN A NE2 1 
ATOM   394 N  N   . LEU A 1 53 ? -2.575  4.803   -1.960  1.00 31.09  ? 53  LEU A N   1 
ATOM   395 C  CA  . LEU A 1 53 ? -2.170  4.083   -0.737  1.00 32.67  ? 53  LEU A CA  1 
ATOM   396 C  C   . LEU A 1 53 ? -1.034  3.134   -1.019  1.00 30.35  ? 53  LEU A C   1 
ATOM   397 O  O   . LEU A 1 53 ? -0.106  2.994   -0.263  1.00 32.09  ? 53  LEU A O   1 
ATOM   398 C  CB  . LEU A 1 53 ? -3.364  3.290   -0.150  1.00 31.80  ? 53  LEU A CB  1 
ATOM   399 C  CG  . LEU A 1 53 ? -4.545  4.132   0.456   1.00 31.56  ? 53  LEU A CG  1 
ATOM   400 C  CD1 . LEU A 1 53 ? -5.547  3.149   1.001   1.00 33.11  ? 53  LEU A CD1 1 
ATOM   401 C  CD2 . LEU A 1 53 ? -4.121  5.076   1.610   1.00 33.59  ? 53  LEU A CD2 1 
ATOM   402 N  N   . VAL A 1 54 ? -1.139  2.413   -2.109  1.00 30.32  ? 54  VAL A N   1 
ATOM   403 C  CA  . VAL A 1 54 ? 0.020   1.641   -2.565  1.00 31.29  ? 54  VAL A CA  1 
ATOM   404 C  C   . VAL A 1 54 ? 1.273   2.536   -2.804  1.00 29.82  ? 54  VAL A C   1 
ATOM   405 O  O   . VAL A 1 54 ? 2.366   2.205   -2.351  1.00 30.22  ? 54  VAL A O   1 
ATOM   406 C  CB  . VAL A 1 54 ? -0.324  0.841   -3.821  1.00 32.58  ? 54  VAL A CB  1 
ATOM   407 C  CG1 . VAL A 1 54 ? 0.898   0.132   -4.365  1.00 33.28  ? 54  VAL A CG1 1 
ATOM   408 C  CG2 . VAL A 1 54 ? -1.453  -0.173  -3.546  1.00 32.95  ? 54  VAL A CG2 1 
ATOM   409 N  N   . ALA A 1 55 ? 1.130   3.629   -3.526  1.00 28.94  ? 55  ALA A N   1 
ATOM   410 C  CA  . ALA A 1 55 ? 2.230   4.587   -3.662  1.00 30.83  ? 55  ALA A CA  1 
ATOM   411 C  C   . ALA A 1 55 ? 2.941   4.967   -2.347  1.00 31.32  ? 55  ALA A C   1 
ATOM   412 O  O   . ALA A 1 55 ? 4.171   5.053   -2.343  1.00 32.80  ? 55  ALA A O   1 
ATOM   413 C  CB  . ALA A 1 55 ? 1.789   5.844   -4.445  1.00 31.04  ? 55  ALA A CB  1 
ATOM   414 N  N   . LYS A 1 56 ? 2.174   5.243   -1.265  1.00 30.65  ? 56  LYS A N   1 
ATOM   415 C  CA  . LYS A 1 56 ? 2.784   5.551   0.026   1.00 34.03  ? 56  LYS A CA  1 
ATOM   416 C  C   . LYS A 1 56 ? 3.617   4.453   0.647   1.00 34.87  ? 56  LYS A C   1 
ATOM   417 O  O   . LYS A 1 56 ? 4.677   4.693   1.211   1.00 35.67  ? 56  LYS A O   1 
ATOM   418 C  CB  . LYS A 1 56 ? 1.698   5.902   1.095   1.00 37.49  ? 56  LYS A CB  1 
ATOM   419 C  CG  . LYS A 1 56 ? 1.019   7.210   0.911   1.00 41.26  ? 56  LYS A CG  1 
ATOM   420 C  CD  . LYS A 1 56 ? 1.936   8.407   1.119   1.00 45.99  ? 56  LYS A CD  1 
ATOM   421 C  CE  . LYS A 1 56 ? 1.929   8.869   2.566   1.00 50.43  ? 56  LYS A CE  1 
ATOM   422 N  NZ  . LYS A 1 56 ? 2.792   10.066  2.822   1.00 56.18  ? 56  LYS A NZ  1 
ATOM   423 N  N   . VAL A 1 57 ? 3.148   3.226   0.539   1.00 35.72  ? 57  VAL A N   1 
ATOM   424 C  CA  . VAL A 1 57 ? 3.888   2.092   1.019   1.00 34.78  ? 57  VAL A CA  1 
ATOM   425 C  C   . VAL A 1 57 ? 5.178   1.927   0.228   1.00 32.59  ? 57  VAL A C   1 
ATOM   426 O  O   . VAL A 1 57 ? 6.240   1.696   0.802   1.00 35.64  ? 57  VAL A O   1 
ATOM   427 C  CB  . VAL A 1 57 ? 3.063   0.798   0.933   1.00 34.80  ? 57  VAL A CB  1 
ATOM   428 C  CG1 . VAL A 1 57 ? 3.977   -0.416  1.299   1.00 36.73  ? 57  VAL A CG1 1 
ATOM   429 C  CG2 . VAL A 1 57 ? 1.794   0.890   1.785   1.00 34.51  ? 57  VAL A CG2 1 
ATOM   430 N  N   . VAL A 1 58 ? 5.100   2.101   -1.080  1.00 31.75  ? 58  VAL A N   1 
ATOM   431 C  CA  . VAL A 1 58 ? 6.300   2.108   -1.923  1.00 32.65  ? 58  VAL A CA  1 
ATOM   432 C  C   . VAL A 1 58 ? 7.350   3.178   -1.548  1.00 33.57  ? 58  VAL A C   1 
ATOM   433 O  O   . VAL A 1 58 ? 8.508   2.862   -1.423  1.00 29.59  ? 58  VAL A O   1 
ATOM   434 C  CB  . VAL A 1 58 ? 5.926   2.233   -3.395  1.00 32.81  ? 58  VAL A CB  1 
ATOM   435 C  CG1 . VAL A 1 58 ? 7.169   2.336   -4.250  1.00 36.23  ? 58  VAL A CG1 1 
ATOM   436 C  CG2 . VAL A 1 58 ? 5.097   1.060   -3.812  1.00 32.90  ? 58  VAL A CG2 1 
ATOM   437 N  N   . GLU A 1 59 ? 6.950   4.445   -1.341  1.00 33.19  ? 59  GLU A N   1 
ATOM   438 C  CA  . GLU A 1 59 ? 7.909   5.492   -0.913  1.00 36.17  ? 59  GLU A CA  1 
ATOM   439 C  C   . GLU A 1 59 ? 8.598   5.188   0.441   1.00 36.28  ? 59  GLU A C   1 
ATOM   440 O  O   . GLU A 1 59 ? 9.812   5.426   0.650   1.00 36.84  ? 59  GLU A O   1 
ATOM   441 C  CB  . GLU A 1 59 ? 7.256   6.863   -0.883  1.00 40.64  ? 59  GLU A CB  1 
ATOM   442 C  CG  . GLU A 1 59 ? 6.713   7.214   -2.258  1.00 43.17  ? 59  GLU A CG  1 
ATOM   443 C  CD  . GLU A 1 59 ? 7.685   8.003   -3.181  1.00 49.49  ? 59  GLU A CD  1 
ATOM   444 O  OE1 . GLU A 1 59 ? 8.937   7.713   -3.273  1.00 52.96  ? 59  GLU A OE1 1 
ATOM   445 O  OE2 . GLU A 1 59 ? 7.146   8.931   -3.884  1.00 55.10  ? 59  GLU A OE2 1 
ATOM   446 N  N   . LYS A 1 60 ? 7.820   4.653   1.344   1.00 36.83  ? 60  LYS A N   1 
ATOM   447 C  CA  . LYS A 1 60 ? 8.294   4.239   2.617   1.00 37.69  ? 60  LYS A CA  1 
ATOM   448 C  C   . LYS A 1 60 ? 9.272   3.104   2.517   1.00 37.04  ? 60  LYS A C   1 
ATOM   449 O  O   . LYS A 1 60 ? 10.344  3.136   3.142   1.00 37.22  ? 60  LYS A O   1 
ATOM   450 C  CB  . LYS A 1 60 ? 7.134   3.843   3.538   1.00 36.61  ? 60  LYS A CB  1 
ATOM   451 C  CG  . LYS A 1 60 ? 7.542   3.721   5.005   1.00 38.25  ? 60  LYS A CG  1 
ATOM   452 C  CD  . LYS A 1 60 ? 6.418   3.301   5.989   1.00 39.74  ? 60  LYS A CD  1 
ATOM   453 C  CE  . LYS A 1 60 ? 7.030   3.025   7.372   1.00 42.28  ? 60  LYS A CE  1 
ATOM   454 N  NZ  . LYS A 1 60 ? 7.168   4.288   8.169   1.00 47.62  ? 60  LYS A NZ  1 
HETATM 455 N  N   . MSE A 1 61 ? 8.945   2.095   1.708   1.00 37.68  ? 61  MSE A N   1 
HETATM 456 C  CA  . MSE A 1 61 ? 9.824   0.930   1.601   1.00 39.90  ? 61  MSE A CA  1 
HETATM 457 C  C   . MSE A 1 61 ? 11.070  1.305   0.818   1.00 42.07  ? 61  MSE A C   1 
HETATM 458 O  O   . MSE A 1 61 ? 12.154  0.859   1.152   1.00 43.53  ? 61  MSE A O   1 
HETATM 459 C  CB  . MSE A 1 61 ? 9.072   -0.253  1.014   1.00 41.63  ? 61  MSE A CB  1 
HETATM 460 C  CG  . MSE A 1 61 ? 7.922   -0.706  1.873   1.00 41.94  ? 61  MSE A CG  1 
HETATM 461 SE SE  . MSE A 1 61 ? 8.485   -1.151  3.675   0.69 47.63  ? 61  MSE A SE  1 
HETATM 462 C  CE  . MSE A 1 61 ? 8.104   0.393   4.808   1.00 49.38  ? 61  MSE A CE  1 
ATOM   463 N  N   . ARG A 1 62 ? 10.959  2.158   -0.203  1.00 43.68  ? 62  ARG A N   1 
ATOM   464 C  CA  . ARG A 1 62 ? 12.186  2.721   -0.818  1.00 42.61  ? 62  ARG A CA  1 
ATOM   465 C  C   . ARG A 1 62 ? 13.100  3.408   0.182   1.00 42.76  ? 62  ARG A C   1 
ATOM   466 O  O   . ARG A 1 62 ? 14.291  3.198   0.150   1.00 43.56  ? 62  ARG A O   1 
ATOM   467 C  CB  . ARG A 1 62 ? 11.865  3.719   -1.866  1.00 43.93  ? 62  ARG A CB  1 
ATOM   468 C  CG  . ARG A 1 62 ? 11.564  3.089   -3.166  1.00 47.32  ? 62  ARG A CG  1 
ATOM   469 C  CD  . ARG A 1 62 ? 11.448  4.139   -4.235  1.00 49.46  ? 62  ARG A CD  1 
ATOM   470 N  NE  . ARG A 1 62 ? 10.665  3.600   -5.324  1.00 50.55  ? 62  ARG A NE  1 
ATOM   471 C  CZ  . ARG A 1 62 ? 11.084  2.654   -6.170  1.00 53.34  ? 62  ARG A CZ  1 
ATOM   472 N  NH1 . ARG A 1 62 ? 10.288  2.271   -7.179  1.00 53.35  ? 62  ARG A NH1 1 
ATOM   473 N  NH2 . ARG A 1 62 ? 12.287  2.093   -6.053  1.00 53.77  ? 62  ARG A NH2 1 
ATOM   474 N  N   . ARG A 1 63 ? 12.550  4.217   1.097   1.00 42.42  ? 63  ARG A N   1 
ATOM   475 C  CA  . ARG A 1 63 ? 13.432  4.879   2.035   1.00 42.84  ? 63  ARG A CA  1 
ATOM   476 C  C   . ARG A 1 63 ? 14.141  3.902   2.955   1.00 41.20  ? 63  ARG A C   1 
ATOM   477 O  O   . ARG A 1 63 ? 15.270  4.158   3.325   1.00 40.73  ? 63  ARG A O   1 
ATOM   478 C  CB  . ARG A 1 63 ? 12.748  5.962   2.871   1.00 43.93  ? 63  ARG A CB  1 
ATOM   479 C  CG  . ARG A 1 63 ? 12.481  7.252   2.130   1.00 45.02  ? 63  ARG A CG  1 
ATOM   480 C  CD  . ARG A 1 63 ? 11.960  8.342   3.086   1.00 46.40  ? 63  ARG A CD  1 
ATOM   481 N  NE  . ARG A 1 63 ? 10.842  7.796   3.810   1.00 45.91  ? 63  ARG A NE  1 
ATOM   482 C  CZ  . ARG A 1 63 ? 9.563   7.874   3.451   1.00 48.14  ? 63  ARG A CZ  1 
ATOM   483 N  NH1 . ARG A 1 63 ? 9.152   8.629   2.409   1.00 49.60  ? 63  ARG A NH1 1 
ATOM   484 N  NH2 . ARG A 1 63 ? 8.668   7.278   4.232   1.00 47.70  ? 63  ARG A NH2 1 
ATOM   485 N  N   . GLU A 1 64 ? 13.457  2.831   3.346   1.00 41.39  ? 64  GLU A N   1 
ATOM   486 C  CA  . GLU A 1 64 ? 13.937  1.914   4.377   1.00 45.29  ? 64  GLU A CA  1 
ATOM   487 C  C   . GLU A 1 64 ? 14.620  0.729   3.728   1.00 46.10  ? 64  GLU A C   1 
ATOM   488 O  O   . GLU A 1 64 ? 14.871  -0.313  4.361   1.00 46.05  ? 64  GLU A O   1 
ATOM   489 C  CB  . GLU A 1 64 ? 12.767  1.448   5.218   1.00 45.16  ? 64  GLU A CB  1 
ATOM   490 C  CG  . GLU A 1 64 ? 12.036  2.599   5.902   1.00 48.06  ? 64  GLU A CG  1 
ATOM   491 C  CD  . GLU A 1 64 ? 11.017  2.155   6.914   1.00 52.17  ? 64  GLU A CD  1 
ATOM   492 O  OE1 . GLU A 1 64 ? 10.780  0.904   7.045   1.00 51.66  ? 64  GLU A OE1 1 
ATOM   493 O  OE2 . GLU A 1 64 ? 10.447  3.080   7.562   1.00 51.45  ? 64  GLU A OE2 1 
ATOM   494 N  N   . LYS A 1 65 ? 14.865  0.856   2.423   1.00 47.90  ? 65  LYS A N   1 
ATOM   495 C  CA  . LYS A 1 65 ? 15.605  -0.128  1.686   1.00 48.68  ? 65  LYS A CA  1 
ATOM   496 C  C   . LYS A 1 65 ? 14.996  -1.520  1.805   1.00 46.20  ? 65  LYS A C   1 
ATOM   497 O  O   . LYS A 1 65 ? 15.715  -2.504  2.035   1.00 42.79  ? 65  LYS A O   1 
ATOM   498 C  CB  . LYS A 1 65 ? 17.048  -0.122  2.159   1.00 52.10  ? 65  LYS A CB  1 
ATOM   499 C  CG  . LYS A 1 65 ? 17.760  1.144   1.762   1.00 59.49  ? 65  LYS A CG  1 
ATOM   500 C  CD  . LYS A 1 65 ? 18.208  1.968   2.962   1.00 65.91  ? 65  LYS A CD  1 
ATOM   501 C  CE  . LYS A 1 65 ? 18.270  3.456   2.604   1.00 72.00  ? 65  LYS A CE  1 
ATOM   502 N  NZ  . LYS A 1 65 ? 19.416  3.780   1.704   1.00 75.58  ? 65  LYS A NZ  1 
ATOM   503 N  N   . ARG A 1 66 ? 13.690  -1.598  1.659   1.00 39.67  ? 66  ARG A N   1 
ATOM   504 C  CA  . ARG A 1 66 ? 12.972  -2.898  1.662   1.00 40.34  ? 66  ARG A CA  1 
ATOM   505 C  C   . ARG A 1 66 ? 12.283  -3.023  0.313   1.00 37.96  ? 66  ARG A C   1 
ATOM   506 O  O   . ARG A 1 66 ? 11.816  -2.032  -0.227  1.00 40.56  ? 66  ARG A O   1 
ATOM   507 C  CB  . ARG A 1 66 ? 11.910  -3.036  2.784   1.00 40.12  ? 66  ARG A CB  1 
ATOM   508 C  CG  . ARG A 1 66 ? 12.375  -2.748  4.201   1.00 41.21  ? 66  ARG A CG  1 
ATOM   509 C  CD  . ARG A 1 66 ? 11.382  -3.241  5.229   1.00 42.94  ? 66  ARG A CD  1 
ATOM   510 N  NE  . ARG A 1 66 ? 12.025  -3.443  6.516   1.00 44.98  ? 66  ARG A NE  1 
ATOM   511 C  CZ  . ARG A 1 66 ? 12.226  -4.605  7.127   1.00 44.78  ? 66  ARG A CZ  1 
ATOM   512 N  NH1 . ARG A 1 66 ? 11.868  -5.750  6.610   1.00 45.96  ? 66  ARG A NH1 1 
ATOM   513 N  NH2 . ARG A 1 66 ? 12.816  -4.607  8.309   1.00 51.43  ? 66  ARG A NH2 1 
ATOM   514 N  N   . LYS A 1 67 ? 12.290  -4.222  -0.251  1.00 37.91  ? 67  LYS A N   1 
ATOM   515 C  CA  . LYS A 1 67 ? 11.460  -4.606  -1.371  1.00 37.27  ? 67  LYS A CA  1 
ATOM   516 C  C   . LYS A 1 67 ? 10.166  -5.262  -0.950  1.00 36.26  ? 67  LYS A C   1 
ATOM   517 O  O   . LYS A 1 67 ? 10.157  -5.890  0.099   1.00 41.39  ? 67  LYS A O   1 
ATOM   518 C  CB  . LYS A 1 67 ? 12.194  -5.637  -2.238  1.00 41.89  ? 67  LYS A CB  1 
ATOM   519 C  CG  . LYS A 1 67 ? 13.425  -5.091  -2.906  1.00 43.32  ? 67  LYS A CG  1 
ATOM   520 C  CD  . LYS A 1 67 ? 13.790  -5.943  -4.102  1.00 46.51  ? 67  LYS A CD  1 
ATOM   521 C  CE  . LYS A 1 67 ? 15.252  -5.754  -4.426  1.00 49.27  ? 67  LYS A CE  1 
ATOM   522 N  NZ  . LYS A 1 67 ? 15.473  -5.923  -5.875  1.00 52.76  ? 67  LYS A NZ  1 
ATOM   523 N  N   . ILE A 1 68 ? 9.131   -5.156  -1.792  1.00 40.78  ? 68  ILE A N   1 
ATOM   524 C  CA  . ILE A 1 68 ? 7.769   -5.475  -1.446  1.00 39.60  ? 68  ILE A CA  1 
ATOM   525 C  C   . ILE A 1 68 ? 7.203   -6.659  -2.213  1.00 41.65  ? 68  ILE A C   1 
ATOM   526 O  O   . ILE A 1 68 ? 7.205   -6.653  -3.461  1.00 42.51  ? 68  ILE A O   1 
ATOM   527 C  CB  . ILE A 1 68 ? 6.782   -4.296  -1.805  1.00 36.10  ? 68  ILE A CB  1 
ATOM   528 C  CG1 . ILE A 1 68 ? 7.105   -3.063  -0.991  1.00 36.41  ? 68  ILE A CG1 1 
ATOM   529 C  CG2 . ILE A 1 68 ? 5.317   -4.712  -1.649  1.00 34.36  ? 68  ILE A CG2 1 
ATOM   530 C  CD1 . ILE A 1 68 ? 6.702   -1.779  -1.690  1.00 37.03  ? 68  ILE A CD1 1 
ATOM   531 N  N   . ILE A 1 69 ? 6.569   -7.568  -1.473  1.00 42.19  ? 69  ILE A N   1 
ATOM   532 C  CA  . ILE A 1 69 ? 5.807   -8.612  -2.044  1.00 44.79  ? 69  ILE A CA  1 
ATOM   533 C  C   . ILE A 1 69 ? 4.317   -8.270  -2.020  1.00 43.55  ? 69  ILE A C   1 
ATOM   534 O  O   . ILE A 1 69 ? 3.680   -8.176  -0.939  1.00 45.81  ? 69  ILE A O   1 
ATOM   535 C  CB  . ILE A 1 69 ? 6.121   -9.977  -1.346  1.00 48.65  ? 69  ILE A CB  1 
ATOM   536 C  CG1 . ILE A 1 69 ? 7.569   -10.369 -1.548  1.00 52.05  ? 69  ILE A CG1 1 
ATOM   537 C  CG2 . ILE A 1 69 ? 5.360   -11.101 -1.981  1.00 50.29  ? 69  ILE A CG2 1 
ATOM   538 C  CD1 . ILE A 1 69 ? 8.606   -9.427  -0.949  1.00 54.66  ? 69  ILE A CD1 1 
ATOM   539 N  N   . PRO A 1 70 ? 3.742   -8.041  -3.205  1.00 43.82  ? 70  PRO A N   1 
ATOM   540 C  CA  . PRO A 1 70 ? 2.403   -7.555  -3.196  1.00 42.07  ? 70  PRO A CA  1 
ATOM   541 C  C   . PRO A 1 70 ? 1.464   -8.724  -3.174  1.00 42.87  ? 70  PRO A C   1 
ATOM   542 O  O   . PRO A 1 70 ? 0.966   -9.165  -4.210  1.00 49.12  ? 70  PRO A O   1 
ATOM   543 C  CB  . PRO A 1 70 ? 2.317   -6.724  -4.487  1.00 40.15  ? 70  PRO A CB  1 
ATOM   544 C  CG  . PRO A 1 70 ? 3.188   -7.470  -5.422  1.00 42.09  ? 70  PRO A CG  1 
ATOM   545 C  CD  . PRO A 1 70 ? 4.277   -8.091  -4.579  1.00 44.13  ? 70  PRO A CD  1 
ATOM   546 N  N   . LEU A 1 71 ? 1.134   -9.164  -1.975  1.00 45.18  ? 71  LEU A N   1 
ATOM   547 C  CA  . LEU A 1 71 ? 0.197   -10.301 -1.806  1.00 45.61  ? 71  LEU A CA  1 
ATOM   548 C  C   . LEU A 1 71 ? -1.296  -10.006 -2.098  1.00 42.41  ? 71  LEU A C   1 
ATOM   549 O  O   . LEU A 1 71 ? -1.975  -10.841 -2.713  1.00 42.79  ? 71  LEU A O   1 
ATOM   550 C  CB  . LEU A 1 71 ? 0.371   -10.875 -0.419  1.00 49.13  ? 71  LEU A CB  1 
ATOM   551 C  CG  . LEU A 1 71 ? 1.739   -11.585 -0.217  1.00 56.01  ? 71  LEU A CG  1 
ATOM   552 C  CD1 . LEU A 1 71 ? 1.773   -12.237 1.162   1.00 59.91  ? 71  LEU A CD1 1 
ATOM   553 C  CD2 . LEU A 1 71 ? 2.081   -12.652 -1.276  1.00 57.00  ? 71  LEU A CD2 1 
ATOM   554 N  N   . CYS A 1 72 ? -1.812  -8.862  -1.638  1.00 38.11  ? 72  CYS A N   1 
ATOM   555 C  CA  . CYS A 1 72 ? -3.236  -8.483  -1.801  1.00 37.36  ? 72  CYS A CA  1 
ATOM   556 C  C   . CYS A 1 72 ? -3.465  -8.432  -3.283  1.00 37.16  ? 72  CYS A C   1 
ATOM   557 O  O   . CYS A 1 72 ? -2.562  -7.926  -3.964  1.00 39.78  ? 72  CYS A O   1 
ATOM   558 C  CB  . CYS A 1 72 ? -3.552  -7.111  -1.177  1.00 35.94  ? 72  CYS A CB  1 
ATOM   559 S  SG  . CYS A 1 72 ? -5.198  -6.461  -1.579  1.00 35.78  ? 72  CYS A SG  1 
ATOM   560 N  N   . PRO A 1 73 ? -4.581  -9.000  -3.816  1.00 37.12  ? 73  PRO A N   1 
ATOM   561 C  CA  . PRO A 1 73 ? -4.738  -9.024  -5.309  1.00 38.11  ? 73  PRO A CA  1 
ATOM   562 C  C   . PRO A 1 73 ? -4.699  -7.681  -6.004  1.00 40.44  ? 73  PRO A C   1 
ATOM   563 O  O   . PRO A 1 73 ? -4.063  -7.550  -7.111  1.00 37.87  ? 73  PRO A O   1 
ATOM   564 C  CB  . PRO A 1 73 ? -6.102  -9.699  -5.508  1.00 40.31  ? 73  PRO A CB  1 
ATOM   565 C  CG  . PRO A 1 73 ? -6.232  -10.598 -4.335  1.00 40.04  ? 73  PRO A CG  1 
ATOM   566 C  CD  . PRO A 1 73 ? -5.442  -10.019 -3.194  1.00 37.90  ? 73  PRO A CD  1 
ATOM   567 N  N   . PHE A 1 74 ? -5.289  -6.693  -5.321  1.00 38.10  ? 74  PHE A N   1 
ATOM   568 C  CA  . PHE A 1 74 ? -5.278  -5.287  -5.737  1.00 41.33  ? 74  PHE A CA  1 
ATOM   569 C  C   . PHE A 1 74 ? -3.942  -4.606  -5.800  1.00 39.41  ? 74  PHE A C   1 
ATOM   570 O  O   . PHE A 1 74 ? -3.643  -3.863  -6.771  1.00 38.17  ? 74  PHE A O   1 
ATOM   571 C  CB  . PHE A 1 74 ? -6.093  -4.364  -4.803  1.00 42.48  ? 74  PHE A CB  1 
ATOM   572 C  CG  . PHE A 1 74 ? -5.986  -2.917  -5.204  1.00 46.46  ? 74  PHE A CG  1 
ATOM   573 C  CD1 . PHE A 1 74 ? -6.735  -2.428  -6.278  1.00 48.93  ? 74  PHE A CD1 1 
ATOM   574 C  CD2 . PHE A 1 74 ? -5.049  -2.038  -4.598  1.00 46.28  ? 74  PHE A CD2 1 
ATOM   575 C  CE1 . PHE A 1 74 ? -6.628  -1.103  -6.684  1.00 48.39  ? 74  PHE A CE1 1 
ATOM   576 C  CE2 . PHE A 1 74 ? -4.940  -0.716  -5.015  1.00 44.73  ? 74  PHE A CE2 1 
ATOM   577 C  CZ  . PHE A 1 74 ? -5.718  -0.256  -6.069  1.00 47.32  ? 74  PHE A CZ  1 
ATOM   578 N  N   . ALA A 1 75 ? -3.177  -4.813  -4.732  1.00 41.09  ? 75  ALA A N   1 
ATOM   579 C  CA  . ALA A 1 75 ? -1.805  -4.348  -4.686  1.00 41.72  ? 75  ALA A CA  1 
ATOM   580 C  C   . ALA A 1 75 ? -1.066  -5.041  -5.833  1.00 41.89  ? 75  ALA A C   1 
ATOM   581 O  O   . ALA A 1 75 ? -0.314  -4.389  -6.584  1.00 40.37  ? 75  ALA A O   1 
ATOM   582 C  CB  . ALA A 1 75 ? -1.148  -4.699  -3.366  1.00 41.28  ? 75  ALA A CB  1 
ATOM   583 N  N   . LYS A 1 76 ? -1.262  -6.350  -5.960  1.00 46.40  ? 76  LYS A N   1 
ATOM   584 C  CA  . LYS A 1 76 ? -0.576  -7.167  -7.008  1.00 45.86  ? 76  LYS A CA  1 
ATOM   585 C  C   . LYS A 1 76 ? -0.874  -6.652  -8.396  1.00 48.85  ? 76  LYS A C   1 
ATOM   586 O  O   . LYS A 1 76 ? 0.010   -6.627  -9.290  1.00 48.87  ? 76  LYS A O   1 
ATOM   587 C  CB  . LYS A 1 76 ? -0.981  -8.643  -6.928  1.00 52.68  ? 76  LYS A CB  1 
ATOM   588 C  CG  . LYS A 1 76 ? -0.009  -9.622  -7.627  1.00 56.14  ? 76  LYS A CG  1 
ATOM   589 C  CD  . LYS A 1 76 ? -0.713  -10.849 -8.191  1.00 60.30  ? 76  LYS A CD  1 
ATOM   590 C  CE  . LYS A 1 76 ? -0.895  -10.813 -9.705  1.00 66.73  ? 76  LYS A CE  1 
ATOM   591 N  NZ  . LYS A 1 76 ? 0.209   -11.491 -10.437 1.00 68.56  ? 76  LYS A NZ  1 
ATOM   592 N  N   . HIS A 1 77 ? -2.126  -6.225  -8.583  1.00 47.63  ? 77  HIS A N   1 
ATOM   593 C  CA  . HIS A 1 77 ? -2.554  -5.605  -9.806  1.00 50.00  ? 77  HIS A CA  1 
ATOM   594 C  C   . HIS A 1 77 ? -1.844  -4.319  -10.138 1.00 48.41  ? 77  HIS A C   1 
ATOM   595 O  O   . HIS A 1 77 ? -1.566  -4.033  -11.329 1.00 47.78  ? 77  HIS A O   1 
ATOM   596 C  CB  . HIS A 1 77 ? -4.054  -5.362  -9.804  1.00 54.77  ? 77  HIS A CB  1 
ATOM   597 C  CG  . HIS A 1 77 ? -4.599  -5.072  -11.165 1.00 63.76  ? 77  HIS A CG  1 
ATOM   598 N  ND1 . HIS A 1 77 ? -4.363  -5.906  -12.252 1.00 69.82  ? 77  HIS A ND1 1 
ATOM   599 C  CD2 . HIS A 1 77 ? -5.319  -4.024  -11.635 1.00 67.42  ? 77  HIS A CD2 1 
ATOM   600 C  CE1 . HIS A 1 77 ? -4.953  -5.403  -13.319 1.00 72.10  ? 77  HIS A CE1 1 
ATOM   601 N  NE2 . HIS A 1 77 ? -5.540  -4.263  -12.973 1.00 72.56  ? 77  HIS A NE2 1 
ATOM   602 N  N   . GLU A 1 78 ? -1.624  -3.485  -9.115  1.00 47.75  ? 78  GLU A N   1 
ATOM   603 C  CA  . GLU A 1 78 ? -0.899  -2.238  -9.279  1.00 44.17  ? 78  GLU A CA  1 
ATOM   604 C  C   . GLU A 1 78 ? 0.511   -2.463  -9.681  1.00 40.90  ? 78  GLU A C   1 
ATOM   605 O  O   . GLU A 1 78 ? 1.010   -1.726  -10.506 1.00 41.90  ? 78  GLU A O   1 
ATOM   606 C  CB  . GLU A 1 78 ? -0.873  -1.381  -8.003  1.00 47.50  ? 78  GLU A CB  1 
ATOM   607 C  CG  . GLU A 1 78 ? -2.125  -0.593  -7.732  1.00 50.21  ? 78  GLU A CG  1 
ATOM   608 C  CD  . GLU A 1 78 ? -2.446  0.329   -8.847  1.00 55.75  ? 78  GLU A CD  1 
ATOM   609 O  OE1 . GLU A 1 78 ? -1.809  1.430   -8.966  1.00 58.92  ? 78  GLU A OE1 1 
ATOM   610 O  OE2 . GLU A 1 78 ? -3.348  -0.086  -9.603  1.00 61.97  ? 78  GLU A OE2 1 
ATOM   611 N  N   . PHE A 1 79 ? 1.171   -3.414  -9.036  1.00 38.83  ? 79  PHE A N   1 
ATOM   612 C  CA  . PHE A 1 79 ? 2.511   -3.751  -9.339  1.00 37.82  ? 79  PHE A CA  1 
ATOM   613 C  C   . PHE A 1 79 ? 2.622   -4.178  -10.835 1.00 39.24  ? 79  PHE A C   1 
ATOM   614 O  O   . PHE A 1 79 ? 3.410   -3.653  -11.566 1.00 36.63  ? 79  PHE A O   1 
ATOM   615 C  CB  . PHE A 1 79 ? 3.085   -4.779  -8.312  1.00 41.83  ? 79  PHE A CB  1 
ATOM   616 C  CG  . PHE A 1 79 ? 3.736   -4.106  -7.108  1.00 39.59  ? 79  PHE A CG  1 
ATOM   617 C  CD1 . PHE A 1 79 ? 2.960   -3.356  -6.211  1.00 40.42  ? 79  PHE A CD1 1 
ATOM   618 C  CD2 . PHE A 1 79 ? 5.116   -4.073  -6.971  1.00 38.83  ? 79  PHE A CD2 1 
ATOM   619 C  CE1 . PHE A 1 79 ? 3.553   -2.680  -5.150  1.00 37.58  ? 79  PHE A CE1 1 
ATOM   620 C  CE2 . PHE A 1 79 ? 5.722   -3.444  -5.900  1.00 38.14  ? 79  PHE A CE2 1 
ATOM   621 C  CZ  . PHE A 1 79 ? 4.912   -2.705  -4.998  1.00 38.05  ? 79  PHE A CZ  1 
ATOM   622 N  N   . ASP A 1 80 ? 1.652   -4.949  -11.325 1.00 44.01  ? 80  ASP A N   1 
ATOM   623 C  CA  . ASP A 1 80 ? 1.769   -5.508  -12.661 1.00 45.56  ? 80  ASP A CA  1 
ATOM   624 C  C   . ASP A 1 80 ? 1.756   -4.347  -13.645 1.00 48.34  ? 80  ASP A C   1 
ATOM   625 O  O   . ASP A 1 80 ? 2.673   -4.316  -14.533 1.00 49.07  ? 80  ASP A O   1 
ATOM   626 C  CB  . ASP A 1 80 ? 0.653   -6.541  -12.948 1.00 45.96  ? 80  ASP A CB  1 
ATOM   627 C  CG  . ASP A 1 80 ? 0.751   -7.784  -12.090 1.00 46.19  ? 80  ASP A CG  1 
ATOM   628 O  OD1 . ASP A 1 80 ? 1.851   -8.248  -11.623 1.00 43.70  ? 80  ASP A OD1 1 
ATOM   629 O  OD2 . ASP A 1 80 ? -0.329  -8.314  -11.850 1.00 49.06  ? 80  ASP A OD2 1 
ATOM   630 N  N   . LYS A 1 81 ? 0.842   -3.351  -13.431 1.00 44.87  ? 81  LYS A N   1 
ATOM   631 C  CA  . LYS A 1 81 ? 0.784   -2.129  -14.319 1.00 47.27  ? 81  LYS A CA  1 
ATOM   632 C  C   . LYS A 1 81 ? 1.941   -1.095  -14.266 1.00 45.52  ? 81  LYS A C   1 
ATOM   633 O  O   . LYS A 1 81 ? 2.155   -0.344  -15.205 1.00 47.59  ? 81  LYS A O   1 
ATOM   634 C  CB  . LYS A 1 81 ? -0.586  -1.353  -14.354 1.00 49.66  ? 81  LYS A CB  1 
ATOM   635 C  CG  . LYS A 1 81 ? -1.503  -1.277  -13.150 1.00 54.26  ? 81  LYS A CG  1 
ATOM   636 C  CD  . LYS A 1 81 ? -2.985  -1.442  -13.557 1.00 57.18  ? 81  LYS A CD  1 
ATOM   637 C  CE  . LYS A 1 81 ? -3.938  -1.060  -12.433 1.00 61.83  ? 81  LYS A CE  1 
ATOM   638 N  NZ  . LYS A 1 81 ? -5.445  -0.965  -12.647 1.00 62.88  ? 81  LYS A NZ  1 
ATOM   639 N  N   . THR A 1 82 ? 2.656   -1.015  -13.159 1.00 42.42  ? 82  THR A N   1 
ATOM   640 C  CA  . THR A 1 82 ? 3.470   0.134   -12.856 1.00 41.46  ? 82  THR A CA  1 
ATOM   641 C  C   . THR A 1 82 ? 4.915   -0.279  -13.033 1.00 41.71  ? 82  THR A C   1 
ATOM   642 O  O   . THR A 1 82 ? 5.481   -0.846  -12.175 1.00 38.32  ? 82  THR A O   1 
ATOM   643 C  CB  . THR A 1 82 ? 3.166   0.595   -11.378 1.00 39.94  ? 82  THR A CB  1 
ATOM   644 O  OG1 . THR A 1 82 ? 1.775   0.763   -11.206 1.00 40.62  ? 82  THR A OG1 1 
ATOM   645 C  CG2 . THR A 1 82 ? 3.849   1.857   -11.026 1.00 39.87  ? 82  THR A CG2 1 
ATOM   646 N  N   . ARG A 1 83 ? 5.542   0.092   -14.134 1.00 45.78  ? 83  ARG A N   1 
ATOM   647 C  CA  . ARG A 1 83 ? 6.947   -0.226  -14.374 1.00 47.93  ? 83  ARG A CA  1 
ATOM   648 C  C   . ARG A 1 83 ? 7.823   0.386   -13.305 1.00 46.34  ? 83  ARG A C   1 
ATOM   649 O  O   . ARG A 1 83 ? 8.835   -0.232  -12.879 1.00 44.79  ? 83  ARG A O   1 
ATOM   650 C  CB  . ARG A 1 83 ? 7.407   0.234   -15.777 1.00 52.08  ? 83  ARG A CB  1 
ATOM   651 C  CG  . ARG A 1 83 ? 6.603   -0.357  -16.929 1.00 56.67  ? 83  ARG A CG  1 
ATOM   652 C  CD  . ARG A 1 83 ? 6.834   -1.848  -17.216 1.00 58.63  ? 83  ARG A CD  1 
ATOM   653 N  NE  . ARG A 1 83 ? 6.552   -2.727  -16.101 1.00 54.05  ? 83  ARG A NE  1 
ATOM   654 C  CZ  . ARG A 1 83 ? 5.347   -3.104  -15.652 1.00 55.21  ? 83  ARG A CZ  1 
ATOM   655 N  NH1 . ARG A 1 83 ? 5.274   -3.882  -14.562 1.00 52.60  ? 83  ARG A NH1 1 
ATOM   656 N  NH2 . ARG A 1 83 ? 4.214   -2.687  -16.205 1.00 57.06  ? 83  ARG A NH2 1 
ATOM   657 N  N   . GLU A 1 84 ? 7.454   1.575   -12.844 1.00 45.83  ? 84  GLU A N   1 
ATOM   658 C  CA  . GLU A 1 84 ? 8.173   2.174   -11.708 1.00 46.38  ? 84  GLU A CA  1 
ATOM   659 C  C   . GLU A 1 84 ? 8.346   1.289   -10.443 1.00 43.71  ? 84  GLU A C   1 
ATOM   660 O  O   . GLU A 1 84 ? 9.333   1.499   -9.693  1.00 45.01  ? 84  GLU A O   1 
ATOM   661 C  CB  . GLU A 1 84 ? 7.590   3.510   -11.317 1.00 48.94  ? 84  GLU A CB  1 
ATOM   662 C  CG  . GLU A 1 84 ? 7.704   4.626   -12.367 1.00 54.20  ? 84  GLU A CG  1 
ATOM   663 C  CD  . GLU A 1 84 ? 6.617   4.562   -13.412 1.00 57.61  ? 84  GLU A CD  1 
ATOM   664 O  OE1 . GLU A 1 84 ? 5.703   3.681   -13.308 1.00 53.47  ? 84  GLU A OE1 1 
ATOM   665 O  OE2 . GLU A 1 84 ? 6.700   5.369   -14.365 1.00 62.70  ? 84  GLU A OE2 1 
ATOM   666 N  N   . TYR A 1 85 ? 7.476   0.281   -10.227 1.00 40.60  ? 85  TYR A N   1 
ATOM   667 C  CA  . TYR A 1 85 ? 7.583   -0.608  -9.062  1.00 38.37  ? 85  TYR A CA  1 
ATOM   668 C  C   . TYR A 1 85 ? 8.390   -1.883  -9.255  1.00 42.99  ? 85  TYR A C   1 
ATOM   669 O  O   . TYR A 1 85 ? 8.708   -2.587  -8.307  1.00 47.86  ? 85  TYR A O   1 
ATOM   670 C  CB  . TYR A 1 85 ? 6.198   -0.955  -8.574  1.00 37.19  ? 85  TYR A CB  1 
ATOM   671 C  CG  . TYR A 1 85 ? 5.363   0.229   -8.066  1.00 35.04  ? 85  TYR A CG  1 
ATOM   672 C  CD1 . TYR A 1 85 ? 5.923   1.472   -7.776  1.00 37.31  ? 85  TYR A CD1 1 
ATOM   673 C  CD2 . TYR A 1 85 ? 4.000   0.079   -7.878  1.00 36.13  ? 85  TYR A CD2 1 
ATOM   674 C  CE1 . TYR A 1 85 ? 5.109   2.559   -7.331  1.00 36.96  ? 85  TYR A CE1 1 
ATOM   675 C  CE2 . TYR A 1 85 ? 3.204   1.135   -7.444  1.00 36.06  ? 85  TYR A CE2 1 
ATOM   676 C  CZ  . TYR A 1 85 ? 3.764   2.351   -7.123  1.00 37.12  ? 85  TYR A CZ  1 
ATOM   677 O  OH  . TYR A 1 85 ? 2.941   3.403   -6.653  1.00 35.63  ? 85  TYR A OH  1 
ATOM   678 N  N   . ASP A 1 86 ? 8.728   -2.153  -10.498 1.00 45.15  ? 86  ASP A N   1 
ATOM   679 C  CA  . ASP A 1 86 ? 9.604   -3.287  -10.881 1.00 44.31  ? 86  ASP A CA  1 
ATOM   680 C  C   . ASP A 1 86 ? 10.915  -3.320  -10.080 1.00 43.50  ? 86  ASP A C   1 
ATOM   681 O  O   . ASP A 1 86 ? 11.267  -4.345  -9.516  1.00 41.24  ? 86  ASP A O   1 
ATOM   682 C  CB  . ASP A 1 86 ? 9.880   -3.222  -12.353 1.00 46.87  ? 86  ASP A CB  1 
ATOM   683 C  CG  . ASP A 1 86 ? 8.720   -3.763  -13.237 1.00 47.56  ? 86  ASP A CG  1 
ATOM   684 O  OD1 . ASP A 1 86 ? 7.796   -4.511  -12.776 1.00 45.08  ? 86  ASP A OD1 1 
ATOM   685 O  OD2 . ASP A 1 86 ? 8.856   -3.552  -14.478 1.00 51.82  ? 86  ASP A OD2 1 
ATOM   686 N  N   . ASP A 1 87 ? 11.603  -2.195  -9.937  1.00 43.14  ? 87  ASP A N   1 
ATOM   687 C  CA  . ASP A 1 87 ? 12.882  -2.222  -9.166  1.00 45.69  ? 87  ASP A CA  1 
ATOM   688 C  C   . ASP A 1 87 ? 12.709  -2.297  -7.596  1.00 42.81  ? 87  ASP A C   1 
ATOM   689 O  O   . ASP A 1 87 ? 13.721  -2.227  -6.862  1.00 38.81  ? 87  ASP A O   1 
ATOM   690 C  CB  . ASP A 1 87 ? 13.754  -0.992  -9.540  1.00 50.93  ? 87  ASP A CB  1 
ATOM   691 C  CG  . ASP A 1 87 ? 13.182  0.319   -8.998  1.00 51.92  ? 87  ASP A CG  1 
ATOM   692 O  OD1 . ASP A 1 87 ? 12.023  0.345   -8.548  1.00 48.93  ? 87  ASP A OD1 1 
ATOM   693 O  OD2 . ASP A 1 87 ? 13.906  1.339   -9.018  1.00 61.74  ? 87  ASP A OD2 1 
ATOM   694 N  N   . ILE A 1 88 ? 11.450  -2.358  -7.129  1.00 41.69  ? 88  ILE A N   1 
ATOM   695 C  CA  . ILE A 1 88 ? 11.088  -2.546  -5.658  1.00 41.79  ? 88  ILE A CA  1 
ATOM   696 C  C   . ILE A 1 88 ? 10.342  -3.843  -5.383  1.00 41.22  ? 88  ILE A C   1 
ATOM   697 O  O   . ILE A 1 88 ? 10.197  -4.205  -4.259  1.00 43.12  ? 88  ILE A O   1 
ATOM   698 C  CB  . ILE A 1 88 ? 10.405  -1.305  -4.982  1.00 42.47  ? 88  ILE A CB  1 
ATOM   699 C  CG1 . ILE A 1 88 ? 10.440  -1.422  -3.465  1.00 42.57  ? 88  ILE A CG1 1 
ATOM   700 C  CG2 . ILE A 1 88 ? 8.975   -1.006  -5.413  1.00 38.31  ? 88  ILE A CG2 1 
ATOM   701 C  CD1 . ILE A 1 88 ? 10.478  -0.091  -2.779  1.00 45.30  ? 88  ILE A CD1 1 
ATOM   702 N  N   . ARG A 1 89 ? 9.986   -4.597  -6.423  1.00 42.59  ? 89  ARG A N   1 
ATOM   703 C  CA  . ARG A 1 89 ? 9.350   -5.909  -6.268  1.00 43.21  ? 89  ARG A CA  1 
ATOM   704 C  C   . ARG A 1 89 ? 10.338  -7.000  -5.940  1.00 42.89  ? 89  ARG A C   1 
ATOM   705 O  O   . ARG A 1 89 ? 11.529  -6.930  -6.342  1.00 40.66  ? 89  ARG A O   1 
ATOM   706 C  CB  . ARG A 1 89 ? 8.675   -6.312  -7.565  1.00 41.94  ? 89  ARG A CB  1 
ATOM   707 C  CG  . ARG A 1 89 ? 7.667   -7.419  -7.406  1.00 42.58  ? 89  ARG A CG  1 
ATOM   708 C  CD  . ARG A 1 89 ? 6.687   -7.372  -8.591  1.00 42.48  ? 89  ARG A CD  1 
ATOM   709 N  NE  . ARG A 1 89 ? 5.577   -8.298  -8.485  1.00 42.71  ? 89  ARG A NE  1 
ATOM   710 C  CZ  . ARG A 1 89 ? 4.480   -8.257  -9.254  1.00 43.44  ? 89  ARG A CZ  1 
ATOM   711 N  NH1 . ARG A 1 89 ? 3.549   -9.172  -9.068  1.00 46.22  ? 89  ARG A NH1 1 
ATOM   712 N  NH2 . ARG A 1 89 ? 4.341   -7.373  -10.256 1.00 41.94  ? 89  ARG A NH2 1 
ATOM   713 N  N   . SER A 1 90 ? 9.830   -7.963  -5.178  1.00 44.40  ? 90  SER A N   1 
ATOM   714 C  CA  . SER A 1 90 ? 10.506  -9.207  -4.845  1.00 47.33  ? 90  SER A CA  1 
ATOM   715 C  C   . SER A 1 90 ? 9.424   -10.294 -4.920  1.00 49.04  ? 90  SER A C   1 
ATOM   716 O  O   . SER A 1 90 ? 8.240   -9.986  -5.036  1.00 53.23  ? 90  SER A O   1 
ATOM   717 C  CB  . SER A 1 90 ? 11.242  -9.187  -3.492  1.00 46.68  ? 90  SER A CB  1 
ATOM   718 O  OG  . SER A 1 90 ? 12.135  -10.331 -3.282  1.00 56.56  ? 90  SER A OG  1 
ATOM   719 N  N   . ALA A 1 91 ? 9.869   -11.546 -4.884  1.00 54.97  ? 91  ALA A N   1 
ATOM   720 C  CA  . ALA A 1 91 ? 9.115   -12.748 -5.254  1.00 55.54  ? 91  ALA A CA  1 
ATOM   721 C  C   . ALA A 1 91 ? 9.784   -13.954 -4.583  1.00 64.55  ? 91  ALA A C   1 
ATOM   722 O  O   . ALA A 1 91 ? 9.134   -14.729 -3.896  1.00 72.63  ? 91  ALA A O   1 
ATOM   723 C  CB  . ALA A 1 91 ? 9.181   -12.916 -6.764  1.00 54.72  ? 91  ALA A CB  1 
HETATM 724 NI NI  . NI  B 2 .  ? -8.321  -3.892  8.747   1.00 25.98  ? 101 NI  A NI  1 
HETATM 725 NI NI  . NI  C 2 .  ? -7.792  -2.299  -15.064 0.50 106.59 ? 102 NI  A NI  1 
HETATM 726 NI NI  . NI  D 2 .  ? -6.068  13.963  -0.151  1.00 41.35  ? 103 NI  A NI  1 
HETATM 727 CD CD  . CD  E 3 .  ? -2.092  -9.123  9.326   1.00 39.59  ? 104 CD  A CD  1 
HETATM 728 P  P   . PO4 F 4 .  ? -10.478 2.080   -5.756  0.70 51.61  ? 105 PO4 A P   1 
HETATM 729 O  O1  . PO4 F 4 .  ? -10.608 2.411   -7.230  0.70 53.16  ? 105 PO4 A O1  1 
HETATM 730 O  O2  . PO4 F 4 .  ? -9.041  2.027   -5.380  0.70 41.16  ? 105 PO4 A O2  1 
HETATM 731 O  O3  . PO4 F 4 .  ? -11.066 0.733   -5.444  0.70 47.66  ? 105 PO4 A O3  1 
HETATM 732 O  O4  . PO4 F 4 .  ? -11.216 3.144   -5.017  0.70 46.70  ? 105 PO4 A O4  1 
HETATM 733 O  O   . HOH G 5 .  ? -12.077 1.302   -8.543  1.00 61.92  ? 201 HOH A O   1 
HETATM 734 O  O   . HOH G 5 .  ? -7.525  -1.843  -12.788 1.00 67.84  ? 202 HOH A O   1 
HETATM 735 O  O   . HOH G 5 .  ? -6.917  11.797  -0.466  1.00 31.75  ? 203 HOH A O   1 
HETATM 736 O  O   . HOH G 5 .  ? 6.875   -2.154  11.130  1.00 41.09  ? 204 HOH A O   1 
HETATM 737 O  O   . HOH G 5 .  ? -2.285  -7.793  -13.440 1.00 47.48  ? 205 HOH A O   1 
HETATM 738 O  O   . HOH G 5 .  ? 15.872  -2.316  6.207   1.00 44.94  ? 206 HOH A O   1 
HETATM 739 O  O   . HOH G 5 .  ? 6.151   -10.191 -6.794  1.00 45.09  ? 207 HOH A O   1 
HETATM 740 O  O   . HOH G 5 .  ? -7.425  3.134   -7.109  1.00 46.08  ? 208 HOH A O   1 
HETATM 741 O  O   . HOH G 5 .  ? -9.049  5.030   11.379  1.00 57.43  ? 209 HOH A O   1 
HETATM 742 O  O   . HOH G 5 .  ? 10.653  6.543   6.143   1.00 45.36  ? 210 HOH A O   1 
HETATM 743 O  O   . HOH G 5 .  ? -10.860 5.842   -4.676  1.00 39.69  ? 211 HOH A O   1 
HETATM 744 O  O   . HOH G 5 .  ? -11.566 -4.265  4.379   1.00 29.55  ? 212 HOH A O   1 
HETATM 745 O  O   . HOH G 5 .  ? 3.816   3.102   8.749   1.00 56.41  ? 213 HOH A O   1 
HETATM 746 O  O   . HOH G 5 .  ? 5.372   5.637   -4.664  1.00 45.68  ? 214 HOH A O   1 
HETATM 747 O  O   . HOH G 5 .  ? 0.369   2.656   -6.793  1.00 40.28  ? 215 HOH A O   1 
HETATM 748 O  O   . HOH G 5 .  ? 11.319  -0.169  -11.703 1.00 42.26  ? 216 HOH A O   1 
HETATM 749 O  O   . HOH G 5 .  ? -7.812  11.072  7.002   1.00 40.25  ? 217 HOH A O   1 
HETATM 750 O  O   . HOH G 5 .  ? 11.129  7.125   -1.007  1.00 39.09  ? 218 HOH A O   1 
HETATM 751 O  O   . HOH G 5 .  ? 10.648  -1.618  -15.197 1.00 46.32  ? 219 HOH A O   1 
HETATM 752 O  O   . HOH G 5 .  ? 5.397   7.014   2.483   1.00 35.83  ? 220 HOH A O   1 
HETATM 753 O  O   . HOH G 5 .  ? -3.493  -7.698  10.161  1.00 40.65  ? 221 HOH A O   1 
HETATM 754 O  O   . HOH G 5 .  ? -20.229 8.101   -3.215  1.00 51.31  ? 222 HOH A O   1 
HETATM 755 O  O   . HOH G 5 .  ? -6.791  -4.398  -15.461 1.00 74.06  ? 223 HOH A O   1 
HETATM 756 O  O   . HOH G 5 .  ? 5.777   -4.905  -10.770 1.00 45.75  ? 224 HOH A O   1 
HETATM 757 O  O   . HOH G 5 .  ? 6.076   -4.305  13.334  1.00 30.68  ? 225 HOH A O   1 
HETATM 758 O  O   . HOH G 5 .  ? -9.212  6.459   -10.258 1.00 65.16  ? 226 HOH A O   1 
HETATM 759 O  O   . HOH G 5 .  ? 0.376   8.716   -2.275  1.00 38.10  ? 227 HOH A O   1 
HETATM 760 O  O   . HOH G 5 .  ? 13.470  -5.567  -7.890  1.00 44.68  ? 228 HOH A O   1 
HETATM 761 O  O   . HOH G 5 .  ? 16.948  4.388   5.627   1.00 68.77  ? 229 HOH A O   1 
HETATM 762 O  O   . HOH G 5 .  ? -10.922 -1.581  -3.760  1.00 50.28  ? 230 HOH A O   1 
HETATM 763 O  O   . HOH G 5 .  ? 8.378   5.268   -4.874  1.00 49.44  ? 231 HOH A O   1 
HETATM 764 O  O   . HOH G 5 .  ? 1.687   -0.788  17.462  1.00 50.11  ? 232 HOH A O   1 
HETATM 765 O  O   . HOH G 5 .  ? -11.351 -1.985  6.462   1.00 41.14  ? 233 HOH A O   1 
HETATM 766 O  O   . HOH G 5 .  ? 10.562  -6.972  -10.598 1.00 61.19  ? 234 HOH A O   1 
HETATM 767 O  O   . HOH G 5 .  ? -21.032 -4.833  -2.180  1.00 57.72  ? 235 HOH A O   1 
HETATM 768 O  O   . HOH G 5 .  ? 5.082   1.262   10.231  1.00 32.83  ? 236 HOH A O   1 
HETATM 769 O  O   . HOH G 5 .  ? 11.274  -12.910 -2.161  1.00 52.19  ? 237 HOH A O   1 
HETATM 770 O  O   . HOH G 5 .  ? 17.144  6.376   2.824   1.00 65.41  ? 238 HOH A O   1 
HETATM 771 O  O   . HOH G 5 .  ? 14.285  -0.890  -1.522  1.00 52.38  ? 239 HOH A O   1 
HETATM 772 O  O   . HOH G 5 .  ? -3.891  14.480  8.953   1.00 54.13  ? 240 HOH A O   1 
HETATM 773 O  O   . HOH G 5 .  ? -1.724  13.294  3.134   1.00 33.21  ? 241 HOH A O   1 
HETATM 774 O  O   . HOH G 5 .  ? -8.952  13.281  5.675   1.00 43.53  ? 242 HOH A O   1 
HETATM 775 O  O   . HOH G 5 .  ? -0.359  10.351  10.638  1.00 44.52  ? 243 HOH A O   1 
HETATM 776 O  O   . HOH G 5 .  ? 0.076   3.342   15.443  1.00 37.25  ? 244 HOH A O   1 
HETATM 777 O  O   . HOH G 5 .  ? 8.835   2.590   10.504  1.00 48.81  ? 245 HOH A O   1 
HETATM 778 O  O   . HOH G 5 .  ? -4.177  -3.854  11.109  1.00 47.90  ? 246 HOH A O   1 
HETATM 779 O  O   . HOH G 5 .  ? -8.369  0.989   -13.463 1.00 58.10  ? 247 HOH A O   1 
HETATM 780 O  O   . HOH G 5 .  ? 7.924   -11.028 -9.056  1.00 41.96  ? 248 HOH A O   1 
HETATM 781 O  O   . HOH G 5 .  ? 13.831  6.766   -1.232  1.00 42.93  ? 249 HOH A O   1 
HETATM 782 O  O   A HOH G 5 .  ? -18.021 -4.508  -0.729  0.50 24.47  ? 250 HOH A O   1 
HETATM 783 O  O   B HOH G 5 .  ? -17.370 -3.196  0.353   0.50 41.28  ? 250 HOH A O   1 
HETATM 784 O  O   . HOH G 5 .  ? 5.999   -6.513  12.987  1.00 48.21  ? 251 HOH A O   1 
HETATM 785 O  O   . HOH G 5 .  ? -0.173  -8.294  10.843  1.00 35.03  ? 252 HOH A O   1 
HETATM 786 O  O   . HOH G 5 .  ? -7.293  5.334   14.434  1.00 58.91  ? 253 HOH A O   1 
HETATM 787 O  O   . HOH G 5 .  ? -8.684  -2.041  -10.099 1.00 59.03  ? 254 HOH A O   1 
HETATM 788 O  O   . HOH G 5 .  ? -6.883  17.296  2.804   1.00 42.85  ? 255 HOH A O   1 
HETATM 789 O  O   . HOH G 5 .  ? -11.390 -6.116  -0.768  1.00 64.09  ? 256 HOH A O   1 
HETATM 790 O  O   . HOH G 5 .  ? -8.855  -6.589  -7.838  1.00 59.15  ? 257 HOH A O   1 
HETATM 791 O  O   . HOH G 5 .  ? -21.794 7.177   0.785   1.00 46.11  ? 258 HOH A O   1 
HETATM 792 O  O   . HOH G 5 .  ? 9.381   -14.638 1.583   1.00 55.35  ? 259 HOH A O   1 
HETATM 793 O  O   . HOH G 5 .  ? -9.147  -4.294  -9.009  1.00 48.17  ? 260 HOH A O   1 
HETATM 794 O  O   . HOH G 5 .  ? 4.697   -15.137 1.806   1.00 54.47  ? 261 HOH A O   1 
# 
loop_
_atom_site_anisotrop.id 
_atom_site_anisotrop.type_symbol 
_atom_site_anisotrop.pdbx_label_atom_id 
_atom_site_anisotrop.pdbx_label_alt_id 
_atom_site_anisotrop.pdbx_label_comp_id 
_atom_site_anisotrop.pdbx_label_asym_id 
_atom_site_anisotrop.pdbx_label_seq_id 
_atom_site_anisotrop.pdbx_PDB_ins_code 
_atom_site_anisotrop.U[1][1] 
_atom_site_anisotrop.U[2][2] 
_atom_site_anisotrop.U[3][3] 
_atom_site_anisotrop.U[1][2] 
_atom_site_anisotrop.U[1][3] 
_atom_site_anisotrop.U[2][3] 
_atom_site_anisotrop.pdbx_auth_seq_id 
_atom_site_anisotrop.pdbx_auth_comp_id 
_atom_site_anisotrop.pdbx_auth_asym_id 
_atom_site_anisotrop.pdbx_auth_atom_id 
1   N  N   . GLU A 2  ? 0.6400 0.5533 0.6237 0.0299  -0.0007 -0.0060 2   GLU A N   
2   C  CA  . GLU A 2  ? 0.5542 0.5026 0.5435 0.0173  0.0111  0.0110  2   GLU A CA  
3   C  C   . GLU A 2  ? 0.5304 0.4816 0.5014 0.0095  0.0122  0.0020  2   GLU A C   
4   O  O   . GLU A 2  ? 0.5372 0.5005 0.5105 0.0147  0.0192  0.0117  2   GLU A O   
5   C  CB  . GLU A 2  ? 0.5641 0.5322 0.5746 -0.0012 0.0052  0.0289  2   GLU A CB  
6   C  CG  . GLU A 2  ? 0.6021 0.5890 0.6383 0.0021  0.0084  0.0533  2   GLU A CG  
7   C  CD  . GLU A 2  ? 0.5995 0.6056 0.6430 -0.0183 -0.0060 0.0719  2   GLU A CD  
8   O  OE1 . GLU A 2  ? 0.5687 0.5829 0.6243 -0.0223 -0.0113 0.0831  2   GLU A OE1 
9   O  OE2 . GLU A 2  ? 0.6463 0.6551 0.6808 -0.0285 -0.0170 0.0768  2   GLU A OE2 
10  N  N   . ILE A 3  ? 0.4980 0.4426 0.4609 -0.0008 0.0073  -0.0079 3   ILE A N   
11  C  CA  . ILE A 3  ? 0.4758 0.4187 0.4218 -0.0049 0.0093  -0.0156 3   ILE A CA  
12  C  C   . ILE A 3  ? 0.4825 0.4131 0.4214 0.0048  0.0096  -0.0281 3   ILE A C   
13  O  O   . ILE A 3  ? 0.5043 0.4243 0.4521 0.0035  0.0014  -0.0321 3   ILE A O   
14  C  CB  . ILE A 3  ? 0.4767 0.4176 0.4068 -0.0102 0.0101  -0.0159 3   ILE A CB  
15  C  CG1 . ILE A 3  ? 0.5018 0.4422 0.4135 -0.0138 0.0021  -0.0081 3   ILE A CG1 
16  C  CG2 . ILE A 3  ? 0.4924 0.4220 0.4037 -0.0087 0.0119  -0.0266 3   ILE A CG2 
17  C  CD1 . ILE A 3  ? 0.5508 0.4856 0.4247 -0.0011 0.0096  -0.0052 3   ILE A CD1 
18  N  N   . ARG A 4  ? 0.4689 0.4035 0.3990 0.0140  0.0159  -0.0273 4   ARG A N   
19  C  CA  . ARG A 4  ? 0.5195 0.4390 0.4291 0.0294  0.0137  -0.0393 4   ARG A CA  
20  C  C   . ARG A 4  ? 0.5163 0.4425 0.4290 0.0202  0.0163  -0.0397 4   ARG A C   
21  O  O   . ARG A 4  ? 0.4373 0.3730 0.3613 0.0078  0.0195  -0.0328 4   ARG A O   
22  C  CB  . ARG A 4  ? 0.5548 0.4737 0.4392 0.0624  0.0252  -0.0337 4   ARG A CB  
23  C  CG  . ARG A 4  ? 0.5698 0.5150 0.4790 0.0667  0.0402  -0.0081 4   ARG A CG  
24  C  CD  . ARG A 4  ? 0.6454 0.5901 0.5276 0.1119  0.0596  0.0041  4   ARG A CD  
25  N  NE  . ARG A 4  ? 0.7054 0.5979 0.5392 0.1333  0.0435  -0.0268 4   ARG A NE  
26  C  CZ  . ARG A 4  ? 0.8870 0.7410 0.6505 0.1836  0.0453  -0.0410 4   ARG A CZ  
27  N  NH1 . ARG A 4  ? 0.9162 0.7928 0.6504 0.2212  0.0735  -0.0206 4   ARG A NH1 
28  N  NH2 . ARG A 4  ? 0.9629 0.7491 0.6811 0.2013  0.0148  -0.0743 4   ARG A NH2 
29  N  N   . GLU A 5  ? 0.5449 0.4575 0.4451 0.0277  0.0079  -0.0493 5   GLU A N   
30  C  CA  . GLU A 5  ? 0.5344 0.4518 0.4441 0.0195  0.0090  -0.0480 5   GLU A CA  
31  C  C   . GLU A 5  ? 0.5469 0.4670 0.4355 0.0377  0.0121  -0.0462 5   GLU A C   
32  O  O   . GLU A 5  ? 0.5343 0.4380 0.3860 0.0622  0.0055  -0.0532 5   GLU A O   
33  C  CB  . GLU A 5  ? 0.5736 0.4804 0.5037 0.0115  -0.0082 -0.0480 5   GLU A CB  
34  C  CG  . GLU A 5  ? 0.6214 0.5403 0.5711 0.0060  -0.0004 -0.0383 5   GLU A CG  
35  C  CD  . GLU A 5  ? 0.7108 0.6357 0.7075 -0.0022 -0.0112 -0.0190 5   GLU A CD  
36  O  OE1 . GLU A 5  ? 0.8068 0.7167 0.8277 -0.0081 -0.0429 -0.0150 5   GLU A OE1 
37  O  OE2 . GLU A 5  ? 0.7574 0.7001 0.7734 -0.0002 0.0096  -0.0024 5   GLU A OE2 
38  N  N   . GLY A 6  ? 0.5033 0.4409 0.4085 0.0327  0.0231  -0.0350 6   GLY A N   
39  C  CA  . GLY A 6  ? 0.5085 0.4557 0.4026 0.0492  0.0273  -0.0263 6   GLY A CA  
40  C  C   . GLY A 6  ? 0.4387 0.3888 0.3579 0.0342  0.0263  -0.0239 6   GLY A C   
41  O  O   . GLY A 6  ? 0.4974 0.4391 0.4323 0.0195  0.0249  -0.0296 6   GLY A O   
42  N  N   . HIS A 7  ? 0.4219 0.3864 0.3412 0.0457  0.0310  -0.0106 7   HIS A N   
43  C  CA  . HIS A 7  ? 0.3821 0.3524 0.3286 0.0365  0.0325  -0.0031 7   HIS A CA  
44  C  C   . HIS A 7  ? 0.3774 0.3438 0.3583 0.0213  0.0384  0.0018  7   HIS A C   
45  O  O   . HIS A 7  ? 0.3832 0.3623 0.3897 0.0208  0.0401  0.0209  7   HIS A O   
46  C  CB  . HIS A 7  ? 0.3981 0.3887 0.3379 0.0553  0.0371  0.0160  7   HIS A CB  
47  C  CG  . HIS A 7  ? 0.4176 0.4121 0.3856 0.0461  0.0347  0.0232  7   HIS A CG  
48  N  ND1 . HIS A 7  ? 0.4282 0.4472 0.4113 0.0565  0.0420  0.0478  7   HIS A ND1 
49  C  CD2 . HIS A 7  ? 0.3991 0.3809 0.3899 0.0307  0.0308  0.0159  7   HIS A CD2 
50  C  CE1 . HIS A 7  ? 0.4158 0.4321 0.4294 0.0445  0.0391  0.0505  7   HIS A CE1 
51  N  NE2 . HIS A 7  ? 0.3954 0.3903 0.4132 0.0315  0.0342  0.0328  7   HIS A NE2 
52  N  N   . ASN A 8  ? 0.4017 0.3462 0.3824 0.0136  0.0381  -0.0114 8   ASN A N   
53  C  CA  . ASN A 8  ? 0.4156 0.3323 0.4005 0.0094  0.0345  -0.0170 8   ASN A CA  
54  C  C   . ASN A 8  ? 0.4503 0.3528 0.4271 0.0016  0.0205  -0.0221 8   ASN A C   
55  O  O   . ASN A 8  ? 0.4630 0.3392 0.4529 -0.0056 0.0007  -0.0208 8   ASN A O   
56  C  CB  . ASN A 8  ? 0.4527 0.3689 0.4730 0.0080  0.0304  -0.0015 8   ASN A CB  
57  C  CG  . ASN A 8  ? 0.4434 0.3674 0.4726 0.0158  0.0429  0.0038  8   ASN A CG  
58  O  OD1 . ASN A 8  ? 0.4725 0.3943 0.4881 0.0221  0.0527  -0.0019 8   ASN A OD1 
59  N  ND2 . ASN A 8  ? 0.4697 0.4127 0.5324 0.0157  0.0430  0.0243  8   ASN A ND2 
60  N  N   . LYS A 9  ? 0.4427 0.3569 0.4030 0.0018  0.0237  -0.0265 9   LYS A N   
61  C  CA  . LYS A 9  ? 0.4787 0.3898 0.4409 -0.0059 0.0114  -0.0236 9   LYS A CA  
62  C  C   . LYS A 9  ? 0.4417 0.3577 0.3809 -0.0035 0.0168  -0.0324 9   LYS A C   
63  O  O   . LYS A 9  ? 0.4628 0.3902 0.3959 0.0032  0.0250  -0.0350 9   LYS A O   
64  C  CB  . LYS A 9  ? 0.4949 0.4364 0.5042 -0.0081 0.0085  0.0085  9   LYS A CB  
65  C  CG  . LYS A 9  ? 0.5336 0.5113 0.5404 0.0096  0.0278  0.0249  9   LYS A CG  
66  C  CD  . LYS A 9  ? 0.5908 0.6088 0.6545 0.0171  0.0346  0.0734  9   LYS A CD  
67  C  CE  . LYS A 9  ? 0.6412 0.6751 0.7348 0.0209  0.0390  0.0939  9   LYS A CE  
68  N  NZ  . LYS A 9  ? 0.6995 0.7889 0.8581 0.0369  0.0546  0.1569  9   LYS A NZ  
69  N  N   . PHE A 10 ? 0.4476 0.4047 0.3954 0.0282  0.0370  -0.0411 10  PHE A N   
70  C  CA  . PHE A 10 ? 0.4511 0.3981 0.4217 0.0280  0.0534  -0.0432 10  PHE A CA  
71  C  C   . PHE A 10 ? 0.4596 0.4059 0.4194 0.0331  0.0602  -0.0311 10  PHE A C   
72  O  O   . PHE A 10 ? 0.4493 0.4020 0.3949 0.0347  0.0538  -0.0182 10  PHE A O   
73  C  CB  . PHE A 10 ? 0.4547 0.3953 0.4511 0.0299  0.0628  -0.0336 10  PHE A CB  
74  C  CG  . PHE A 10 ? 0.4438 0.3863 0.4639 0.0235  0.0610  -0.0471 10  PHE A CG  
75  C  CD1 . PHE A 10 ? 0.4880 0.4241 0.5395 0.0162  0.0717  -0.0662 10  PHE A CD1 
76  C  CD2 . PHE A 10 ? 0.4595 0.4105 0.4776 0.0242  0.0511  -0.0422 10  PHE A CD2 
77  C  CE1 . PHE A 10 ? 0.4721 0.4156 0.5547 0.0077  0.0693  -0.0813 10  PHE A CE1 
78  C  CE2 . PHE A 10 ? 0.4417 0.3994 0.4893 0.0190  0.0500  -0.0531 10  PHE A CE2 
79  C  CZ  . PHE A 10 ? 0.4851 0.4422 0.5669 0.0096  0.0575  -0.0737 10  PHE A CZ  
80  N  N   . TYR A 11 ? 0.4330 0.3718 0.4019 0.0345  0.0742  -0.0377 11  TYR A N   
81  C  CA  . TYR A 11 ? 0.4252 0.3673 0.3930 0.0410  0.0829  -0.0242 11  TYR A CA  
82  C  C   . TYR A 11 ? 0.4377 0.3681 0.4329 0.0477  0.1051  -0.0221 11  TYR A C   
83  O  O   . TYR A 11 ? 0.4711 0.3853 0.4849 0.0447  0.1164  -0.0363 11  TYR A O   
84  C  CB  . TYR A 11 ? 0.4379 0.3844 0.3796 0.0396  0.0798  -0.0297 11  TYR A CB  
85  C  CG  . TYR A 11 ? 0.4430 0.3799 0.3757 0.0375  0.0879  -0.0536 11  TYR A CG  
86  C  CD1 . TYR A 11 ? 0.4557 0.3947 0.3780 0.0311  0.0754  -0.0740 11  TYR A CD1 
87  C  CD2 . TYR A 11 ? 0.4909 0.4188 0.4312 0.0419  0.1080  -0.0580 11  TYR A CD2 
88  C  CE1 . TYR A 11 ? 0.4910 0.4265 0.4048 0.0273  0.0788  -0.1012 11  TYR A CE1 
89  C  CE2 . TYR A 11 ? 0.4947 0.4120 0.4227 0.0387  0.1160  -0.0859 11  TYR A CE2 
90  C  CZ  . TYR A 11 ? 0.5134 0.4361 0.4262 0.0305  0.0996  -0.1088 11  TYR A CZ  
91  O  OH  . TYR A 11 ? 0.5208 0.4397 0.4231 0.0246  0.1014  -0.1415 11  TYR A OH  
92  N  N   . ILE A 12 ? 0.4440 0.3841 0.4470 0.0570  0.1117  -0.0034 12  ILE A N   
93  C  CA  . ILE A 12 ? 0.4387 0.3705 0.4691 0.0681  0.1347  0.0048  12  ILE A CA  
94  C  C   . ILE A 12 ? 0.4946 0.4351 0.5233 0.0723  0.1426  0.0067  12  ILE A C   
95  O  O   . ILE A 12 ? 0.4991 0.4615 0.5187 0.0713  0.1308  0.0164  12  ILE A O   
96  C  CB  . ILE A 12 ? 0.4185 0.3636 0.4654 0.0811  0.1362  0.0327  12  ILE A CB  
97  C  CG1 . ILE A 12 ? 0.3998 0.3396 0.4424 0.0780  0.1287  0.0346  12  ILE A CG1 
98  C  CG2 . ILE A 12 ? 0.4197 0.3534 0.5001 0.0977  0.1640  0.0478  12  ILE A CG2 
99  C  CD1 . ILE A 12 ? 0.3848 0.3419 0.4306 0.0925  0.1273  0.0626  12  ILE A CD1 
100 N  N   . ASN A 13 ? 0.5459 0.4673 0.5882 0.0767  0.1659  -0.0033 13  ASN A N   
101 C  CA  . ASN A 13 ? 0.6207 0.5473 0.6688 0.0842  0.1818  0.0006  13  ASN A CA  
102 C  C   . ASN A 13 ? 0.6533 0.5788 0.7418 0.1021  0.2050  0.0211  13  ASN A C   
103 O  O   . ASN A 13 ? 0.6874 0.5891 0.7959 0.1068  0.2214  0.0200  13  ASN A O   
104 C  CB  . ASN A 13 ? 0.6420 0.5450 0.6701 0.0777  0.1951  -0.0297 13  ASN A CB  
105 C  CG  . ASN A 13 ? 0.6340 0.5439 0.6186 0.0655  0.1736  -0.0452 13  ASN A CG  
106 O  OD1 . ASN A 13 ? 0.6052 0.5346 0.5786 0.0640  0.1575  -0.0300 13  ASN A OD1 
107 N  ND2 . ASN A 13 ? 0.6649 0.5596 0.6262 0.0576  0.1740  -0.0759 13  ASN A ND2 
108 N  N   . ASP A 14 ? 0.6607 0.6126 0.7662 0.1130  0.2083  0.0416  14  ASP A N   
109 C  CA  . ASP A 14 ? 0.6681 0.6223 0.8162 0.1348  0.2335  0.0641  14  ASP A CA  
110 C  C   . ASP A 14 ? 0.7151 0.6315 0.8718 0.1380  0.2687  0.0447  14  ASP A C   
111 O  O   . ASP A 14 ? 0.6766 0.5673 0.8027 0.1224  0.2701  0.0113  14  ASP A O   
112 C  CB  . ASP A 14 ? 0.6760 0.6782 0.8478 0.1461  0.2253  0.0906  14  ASP A CB  
113 C  CG  . ASP A 14 ? 0.6862 0.6966 0.8543 0.1396  0.2319  0.0806  14  ASP A CG  
114 O  OD1 . ASP A 14 ? 0.7249 0.7023 0.8675 0.1310  0.2464  0.0552  14  ASP A OD1 
115 O  OD2 . ASP A 14 ? 0.6722 0.7251 0.8627 0.1427  0.2224  0.0972  14  ASP A OD2 
116 N  N   . GLN A 16 ? 0.9730 0.8556 1.1523 0.1553  0.3402  0.0239  16  GLN A N   
117 C  CA  . GLN A 16 ? 0.9493 0.8315 1.0980 0.1487  0.3474  0.0054  16  GLN A CA  
118 C  C   . GLN A 16 ? 0.8853 0.7684 0.9762 0.1276  0.3195  -0.0179 16  GLN A C   
119 O  O   . GLN A 16 ? 0.8251 0.7010 0.8815 0.1238  0.3290  -0.0351 16  GLN A O   
120 C  CB  . GLN A 16 ? 0.9498 0.8713 1.1290 0.1614  0.3534  0.0343  16  GLN A CB  
121 C  CG  . GLN A 16 ? 0.9063 0.8779 1.1136 0.1645  0.3238  0.0668  16  GLN A CG  
122 C  CD  . GLN A 16 ? 0.9119 0.8939 1.1664 0.1856  0.3307  0.0948  16  GLN A CD  
123 O  OE1 . GLN A 16 ? 0.9148 0.9040 1.2131 0.2068  0.3580  0.1132  16  GLN A OE1 
124 N  NE2 . GLN A 16 ? 0.9155 0.8994 1.1616 0.1825  0.3080  0.1012  16  GLN A NE2 
125 N  N   . GLY A 17 ? 0.7904 0.6824 0.8699 0.1168  0.2882  -0.0162 17  GLY A N   
126 C  CA  . GLY A 17 ? 0.7665 0.6574 0.7947 0.0992  0.2623  -0.0374 17  GLY A CA  
127 C  C   . GLY A 17 ? 0.7151 0.6373 0.7295 0.0937  0.2367  -0.0193 17  GLY A C   
128 O  O   . GLY A 17 ? 0.6918 0.6136 0.6644 0.0836  0.2207  -0.0311 17  GLY A O   
129 N  N   . LYS A 18 ? 0.6890 0.6400 0.7404 0.1007  0.2329  0.0092  18  LYS A N   
130 C  CA  . LYS A 18 ? 0.6605 0.6406 0.7084 0.0927  0.2102  0.0229  18  LYS A CA  
131 C  C   . LYS A 18 ? 0.6087 0.5921 0.6500 0.0855  0.1825  0.0242  18  LYS A C   
132 O  O   . LYS A 18 ? 0.5837 0.5659 0.6477 0.0935  0.1845  0.0318  18  LYS A O   
133 C  CB  . LYS A 18 ? 0.6723 0.6874 0.7683 0.1019  0.2162  0.0474  18  LYS A CB  
134 C  CG  . LYS A 18 ? 0.6946 0.7412 0.7975 0.0908  0.1975  0.0572  18  LYS A CG  
135 C  CD  . LYS A 18 ? 0.6987 0.7919 0.8524 0.0966  0.1861  0.0780  18  LYS A CD  
136 C  CE  . LYS A 18 ? 0.6938 0.8114 0.8455 0.0808  0.1569  0.0779  18  LYS A CE  
137 N  NZ  . LYS A 18 ? 0.6997 0.8644 0.8881 0.0866  0.1379  0.0923  18  LYS A NZ  
138 N  N   . GLN A 19 ? 0.5577 0.5447 0.5711 0.0732  0.1617  0.0199  19  GLN A N   
139 C  CA  . GLN A 19 ? 0.5891 0.5769 0.5925 0.0662  0.1379  0.0191  19  GLN A CA  
140 C  C   . GLN A 19 ? 0.5791 0.5981 0.6101 0.0678  0.1258  0.0379  19  GLN A C   
141 O  O   . GLN A 19 ? 0.5471 0.5898 0.5923 0.0636  0.1230  0.0456  19  GLN A O   
142 C  CB  . GLN A 19 ? 0.5569 0.5351 0.5226 0.0556  0.1242  0.0082  19  GLN A CB  
143 C  CG  . GLN A 19 ? 0.5845 0.5582 0.5389 0.0497  0.1042  0.0036  19  GLN A CG  
144 C  CD  . GLN A 19 ? 0.5717 0.5418 0.4965 0.0429  0.0920  0.0002  19  GLN A CD  
145 O  OE1 . GLN A 19 ? 0.5866 0.5463 0.4861 0.0424  0.0882  -0.0125 19  GLN A OE1 
146 N  NE2 . GLN A 19 ? 0.5520 0.5325 0.4827 0.0380  0.0861  0.0112  19  GLN A NE2 
147 N  N   . ILE A 20 ? 0.5430 0.5644 0.5849 0.0746  0.1206  0.0451  20  ILE A N   
148 C  CA  . ILE A 20 ? 0.5087 0.5643 0.5700 0.0796  0.1069  0.0622  20  ILE A CA  
149 C  C   . ILE A 20 ? 0.4902 0.5435 0.5300 0.0733  0.0878  0.0593  20  ILE A C   
150 O  O   . ILE A 20 ? 0.4611 0.5417 0.5069 0.0777  0.0744  0.0702  20  ILE A O   
151 C  CB  . ILE A 20 ? 0.5261 0.5932 0.6191 0.0999  0.1211  0.0814  20  ILE A CB  
152 C  CG1 . ILE A 20 ? 0.5383 0.5655 0.6284 0.1066  0.1408  0.0762  20  ILE A CG1 
153 C  CG2 . ILE A 20 ? 0.5494 0.6332 0.6709 0.1058  0.1361  0.0874  20  ILE A CG2 
154 C  CD1 . ILE A 20 ? 0.5535 0.5833 0.6733 0.1288  0.1576  0.0996  20  ILE A CD1 
155 N  N   . ALA A 21 ? 0.4594 0.4840 0.4737 0.0642  0.0862  0.0440  21  ALA A N   
156 C  CA  . ALA A 21 ? 0.4593 0.4795 0.4552 0.0584  0.0712  0.0405  21  ALA A CA  
157 C  C   . ALA A 21 ? 0.4367 0.4310 0.4108 0.0494  0.0699  0.0242  21  ALA A C   
158 O  O   . ALA A 21 ? 0.4146 0.3937 0.3860 0.0495  0.0791  0.0145  21  ALA A O   
159 C  CB  . ALA A 21 ? 0.4603 0.4798 0.4630 0.0699  0.0747  0.0518  21  ALA A CB  
160 N  N   . GLU A 22 ? 0.4134 0.4064 0.3723 0.0427  0.0571  0.0208  22  GLU A N   
161 C  CA  . GLU A 22 ? 0.4091 0.3852 0.3503 0.0371  0.0533  0.0092  22  GLU A CA  
162 C  C   . GLU A 22 ? 0.3938 0.3689 0.3276 0.0344  0.0432  0.0103  22  GLU A C   
163 O  O   . GLU A 22 ? 0.4449 0.4318 0.3789 0.0325  0.0378  0.0155  22  GLU A O   
164 C  CB  . GLU A 22 ? 0.4148 0.3885 0.3410 0.0328  0.0536  0.0062  22  GLU A CB  
165 C  CG  . GLU A 22 ? 0.4353 0.4124 0.3575 0.0261  0.0479  0.0110  22  GLU A CG  
166 C  CD  . GLU A 22 ? 0.4437 0.4119 0.3509 0.0246  0.0536  0.0126  22  GLU A CD  
167 O  OE1 . GLU A 22 ? 0.5048 0.4741 0.4185 0.0183  0.0574  0.0176  22  GLU A OE1 
168 O  OE2 . GLU A 22 ? 0.5151 0.4766 0.4044 0.0298  0.0559  0.0088  22  GLU A OE2 
169 N  N   . ILE A 23 ? 0.3952 0.3593 0.3234 0.0335  0.0405  0.0032  23  ILE A N   
170 C  CA  . ILE A 23 ? 0.3889 0.3483 0.3087 0.0314  0.0336  0.0028  23  ILE A CA  
171 C  C   . ILE A 23 ? 0.3978 0.3519 0.3086 0.0312  0.0287  -0.0031 23  ILE A C   
172 O  O   . ILE A 23 ? 0.3996 0.3561 0.3151 0.0323  0.0278  -0.0116 23  ILE A O   
173 C  CB  . ILE A 23 ? 0.4100 0.3674 0.3399 0.0355  0.0372  0.0053  23  ILE A CB  
174 C  CG1 . ILE A 23 ? 0.4008 0.3538 0.3212 0.0346  0.0337  0.0057  23  ILE A CG1 
175 C  CG2 . ILE A 23 ? 0.3947 0.3472 0.3424 0.0364  0.0429  -0.0016 23  ILE A CG2 
176 C  CD1 . ILE A 23 ? 0.4436 0.3934 0.3664 0.0398  0.0399  0.0100  23  ILE A CD1 
177 N  N   . VAL A 24 ? 0.4027 0.3514 0.3032 0.0305  0.0259  0.0009  24  VAL A N   
178 C  CA  . VAL A 24 ? 0.4062 0.3534 0.2959 0.0349  0.0219  0.0019  24  VAL A CA  
179 C  C   . VAL A 24 ? 0.4307 0.3728 0.3258 0.0384  0.0196  0.0047  24  VAL A C   
180 O  O   . VAL A 24 ? 0.4604 0.3918 0.3574 0.0356  0.0246  0.0066  24  VAL A O   
181 C  CB  . VAL A 24 ? 0.4193 0.3612 0.2941 0.0352  0.0274  0.0097  24  VAL A CB  
182 C  CG1 . VAL A 24 ? 0.4300 0.3690 0.2896 0.0448  0.0255  0.0182  24  VAL A CG1 
183 C  CG2 . VAL A 24 ? 0.4219 0.3705 0.2936 0.0340  0.0321  0.0063  24  VAL A CG2 
184 N  N   . PHE A 25 ? 0.4460 0.3991 0.3475 0.0439  0.0121  0.0012  25  PHE A N   
185 C  CA  . PHE A 25 ? 0.4386 0.3921 0.3537 0.0488  0.0112  0.0039  25  PHE A CA  
186 C  C   . PHE A 25 ? 0.4935 0.4617 0.4052 0.0592  0.0014  0.0086  25  PHE A C   
187 O  O   . PHE A 25 ? 0.5139 0.4986 0.4156 0.0611  -0.0080 0.0031  25  PHE A O   
188 C  CB  . PHE A 25 ? 0.4294 0.3882 0.3692 0.0452  0.0136  -0.0040 25  PHE A CB  
189 C  CG  . PHE A 25 ? 0.4300 0.4057 0.3864 0.0419  0.0074  -0.0168 25  PHE A CG  
190 C  CD1 . PHE A 25 ? 0.4448 0.4174 0.3997 0.0360  0.0117  -0.0241 25  PHE A CD1 
191 C  CD2 . PHE A 25 ? 0.4353 0.4313 0.4119 0.0446  -0.0023 -0.0232 25  PHE A CD2 
192 C  CE1 . PHE A 25 ? 0.4427 0.4260 0.4157 0.0310  0.0093  -0.0404 25  PHE A CE1 
193 C  CE2 . PHE A 25 ? 0.4542 0.4672 0.4498 0.0382  -0.0087 -0.0411 25  PHE A CE2 
194 C  CZ  . PHE A 25 ? 0.4483 0.4525 0.4412 0.0305  -0.0020 -0.0516 25  PHE A CZ  
195 N  N   . VAL A 26 ? 0.5232 0.4878 0.4418 0.0679  0.0036  0.0187  26  VAL A N   
196 C  CA  . VAL A 26 ? 0.6173 0.5981 0.5312 0.0833  -0.0050 0.0302  26  VAL A CA  
197 C  C   . VAL A 26 ? 0.6088 0.6044 0.5531 0.0922  -0.0082 0.0335  26  VAL A C   
198 O  O   . VAL A 26 ? 0.6243 0.5990 0.5793 0.0947  0.0058  0.0404  26  VAL A O   
199 C  CB  . VAL A 26 ? 0.6559 0.6137 0.5468 0.0911  0.0070  0.0490  26  VAL A CB  
200 C  CG1 . VAL A 26 ? 0.7263 0.6894 0.6189 0.1122  0.0075  0.0703  26  VAL A CG1 
201 C  CG2 . VAL A 26 ? 0.7113 0.6710 0.5750 0.0881  0.0058  0.0482  26  VAL A CG2 
202 N  N   . PRO A 27 ? 0.6179 0.6523 0.5779 0.0975  -0.0267 0.0272  27  PRO A N   
203 C  CA  . PRO A 27 ? 0.6346 0.6904 0.6288 0.1091  -0.0305 0.0340  27  PRO A CA  
204 C  C   . PRO A 27 ? 0.6589 0.7071 0.6427 0.1312  -0.0245 0.0613  27  PRO A C   
205 O  O   . PRO A 27 ? 0.6368 0.6848 0.5880 0.1409  -0.0278 0.0739  27  PRO A O   
206 C  CB  . PRO A 27 ? 0.6317 0.7379 0.6451 0.1077  -0.0554 0.0174  27  PRO A CB  
207 C  CG  . PRO A 27 ? 0.6571 0.7669 0.6287 0.1059  -0.0652 0.0112  27  PRO A CG  
208 C  CD  . PRO A 27 ? 0.6363 0.6996 0.5831 0.0949  -0.0449 0.0132  27  PRO A CD  
209 N  N   . THR A 28 ? 0.6894 0.7239 0.6993 0.1388  -0.0096 0.0713  28  THR A N   
210 C  CA  . THR A 28 ? 0.7398 0.7764 0.7584 0.1638  -0.0036 0.0977  28  THR A CA  
211 C  C   . THR A 28 ? 0.7435 0.8176 0.8120 0.1733  -0.0110 0.0981  28  THR A C   
212 O  O   . THR A 28 ? 0.6925 0.7628 0.7892 0.1604  -0.0031 0.0828  28  THR A O   
213 C  CB  . THR A 28 ? 0.7654 0.7467 0.7773 0.1660  0.0273  0.1090  28  THR A CB  
214 O  OG1 . THR A 28 ? 0.7882 0.7502 0.8163 0.1512  0.0404  0.0917  28  THR A OG1 
215 C  CG2 . THR A 28 ? 0.7963 0.7421 0.7693 0.1569  0.0374  0.1104  28  THR A CG2 
216 N  N   . GLY A 29 ? 0.6687 0.8362 0.8462 0.1582  0.1122  0.1630  29  GLY A N   
217 C  CA  . GLY A 29 ? 0.6818 0.8742 0.8745 0.1700  0.1177  0.1785  29  GLY A CA  
218 C  C   . GLY A 29 ? 0.6612 0.9017 0.8181 0.1600  0.0927  0.1501  29  GLY A C   
219 O  O   . GLY A 29 ? 0.6578 0.9389 0.7919 0.1487  0.0707  0.1232  29  GLY A O   
220 N  N   . GLU A 30 ? 0.6512 0.8897 0.8171 0.1648  0.0956  0.1528  30  GLU A N   
221 C  CA  . GLU A 30 ? 0.6297 0.8951 0.7888 0.1521  0.0706  0.1260  30  GLU A CA  
222 C  C   . GLU A 30 ? 0.6065 0.8062 0.7524 0.1428  0.0698  0.1002  30  GLU A C   
223 O  O   . GLU A 30 ? 0.5232 0.7337 0.6863 0.1290  0.0467  0.0840  30  GLU A O   
224 C  CB  . GLU A 30 ? 0.6579 0.9842 0.8484 0.1599  0.0707  0.1592  30  GLU A CB  
225 C  CG  . GLU A 30 ? 0.6390 1.0313 0.8463 0.1439  0.0366  0.1317  30  GLU A CG  
226 C  CD  . GLU A 30 ? 0.6839 1.1126 0.9258 0.1458  0.0350  0.1605  30  GLU A CD  
227 O  OE1 . GLU A 30 ? 0.6361 1.0488 0.9067 0.1316  0.0167  0.1443  30  GLU A OE1 
228 O  OE2 . GLU A 30 ? 0.7047 1.1822 0.9582 0.1615  0.0522  0.2087  30  GLU A OE2 
229 N  N   . ASN A 31 ? 0.6070 0.7526 0.7363 0.1495  0.0937  0.0977  31  ASN A N   
230 C  CA  . ASN A 31 ? 0.6007 0.7265 0.7178 0.1442  0.0979  0.0858  31  ASN A CA  
231 C  C   . ASN A 31 ? 0.5861 0.6749 0.6718 0.1342  0.1005  0.0568  31  ASN A C   
232 O  O   . ASN A 31 ? 0.5715 0.6729 0.6468 0.1275  0.1015  0.0532  31  ASN A O   
233 C  CB  . ASN A 31 ? 0.6800 0.8148 0.8093 0.1643  0.1257  0.1006  31  ASN A CB  
234 C  CG  . ASN A 31 ? 0.6860 0.8691 0.8477 0.1707  0.1204  0.1363  31  ASN A CG  
235 O  OD1 . ASN A 31 ? 0.7618 0.9633 0.9454 0.1814  0.1246  0.1583  31  ASN A OD1 
236 N  ND2 . ASN A 31 ? 0.6790 0.8954 0.8540 0.1616  0.1082  0.1508  31  ASN A ND2 
237 N  N   . LEU A 32 ? 0.5932 0.6543 0.6681 0.1315  0.1004  0.0433  32  LEU A N   
238 C  CA  . LEU A 32 ? 0.5688 0.5984 0.6175 0.1202  0.1022  0.0162  32  LEU A CA  
239 C  C   . LEU A 32 ? 0.4945 0.5230 0.5338 0.1067  0.0804  0.0090  32  LEU A C   
240 O  O   . LEU A 32 ? 0.4218 0.4782 0.4735 0.1098  0.0690  0.0176  32  LEU A O   
241 C  CB  . LEU A 32 ? 0.5975 0.5912 0.6579 0.1297  0.1268  -0.0002 32  LEU A CB  
242 C  CG  . LEU A 32 ? 0.6758 0.6816 0.7437 0.1442  0.1496  -0.0175 32  LEU A CG  
243 C  CD1 . LEU A 32 ? 0.7165 0.6828 0.8312 0.1592  0.1745  -0.0450 32  LEU A CD1 
244 C  CD2 . LEU A 32 ? 0.6546 0.7040 0.6837 0.1331  0.1469  -0.0381 32  LEU A CD2 
245 N  N   . ALA A 33 ? 0.4778 0.4911 0.4959 0.0930  0.0761  -0.0086 33  ALA A N   
246 C  CA  . ALA A 33 ? 0.4472 0.4573 0.4580 0.0827  0.0606  -0.0180 33  ALA A CA  
247 C  C   . ALA A 33 ? 0.4576 0.4444 0.4450 0.0707  0.0679  -0.0342 33  ALA A C   
248 O  O   . ALA A 33 ? 0.4915 0.4864 0.4648 0.0654  0.0761  -0.0444 33  ALA A O   
249 C  CB  . ALA A 33 ? 0.4236 0.4548 0.4568 0.0755  0.0377  -0.0195 33  ALA A CB  
250 N  N   . ILE A 34 ? 0.4323 0.4080 0.4177 0.0659  0.0649  -0.0362 34  ILE A N   
251 C  CA  . ILE A 34 ? 0.4796 0.4380 0.4504 0.0505  0.0664  -0.0523 34  ILE A CA  
252 C  C   . ILE A 34 ? 0.4537 0.4310 0.4119 0.0380  0.0481  -0.0519 34  ILE A C   
253 O  O   . ILE A 34 ? 0.3981 0.3946 0.3674 0.0441  0.0365  -0.0451 34  ILE A O   
254 C  CB  . ILE A 34 ? 0.5250 0.4586 0.5242 0.0517  0.0757  -0.0446 34  ILE A CB  
255 C  CG1 . ILE A 34 ? 0.5863 0.4920 0.6205 0.0632  0.0960  -0.0522 34  ILE A CG1 
256 C  CG2 . ILE A 34 ? 0.5563 0.4754 0.5514 0.0316  0.0712  -0.0603 34  ILE A CG2 
257 C  CD1 . ILE A 34 ? 0.6291 0.5183 0.7309 0.0707  0.1046  -0.0196 34  ILE A CD1 
258 N  N   . ILE A 35 ? 0.4086 0.3969 0.3500 0.0223  0.0456  -0.0602 35  ILE A N   
259 C  CA  . ILE A 35 ? 0.4072 0.4133 0.3496 0.0112  0.0301  -0.0525 35  ILE A CA  
260 C  C   . ILE A 35 ? 0.4093 0.4011 0.3399 -0.0007 0.0327  -0.0621 35  ILE A C   
261 O  O   . ILE A 35 ? 0.4870 0.4821 0.4025 -0.0175 0.0373  -0.0813 35  ILE A O   
262 C  CB  . ILE A 35 ? 0.3967 0.4446 0.3414 -0.0015 0.0226  -0.0378 35  ILE A CB  
263 C  CG1 . ILE A 35 ? 0.3960 0.4616 0.3760 0.0086  0.0184  -0.0155 35  ILE A CG1 
264 C  CG2 . ILE A 35 ? 0.3688 0.4332 0.3283 -0.0101 0.0086  -0.0248 35  ILE A CG2 
265 C  CD1 . ILE A 35 ? 0.3994 0.5246 0.4119 -0.0028 0.0086  0.0241  35  ILE A CD1 
266 N  N   . GLU A 36 ? 0.3972 0.3895 0.3402 0.0061  0.0286  -0.0508 36  GLU A N   
267 C  CA  . GLU A 36 ? 0.4120 0.3969 0.3620 -0.0054 0.0300  -0.0453 36  GLU A CA  
268 C  C   . GLU A 36 ? 0.4154 0.4199 0.3553 -0.0232 0.0194  -0.0439 36  GLU A C   
269 O  O   . GLU A 36 ? 0.3856 0.3774 0.3313 -0.0436 0.0199  -0.0512 36  GLU A O   
270 C  CB  . GLU A 36 ? 0.4348 0.4364 0.4111 0.0088  0.0332  -0.0182 36  GLU A CB  
271 C  CG  . GLU A 36 ? 0.4210 0.4850 0.3963 0.0202  0.0237  -0.0047 36  GLU A CG  
272 C  CD  . GLU A 36 ? 0.4140 0.5324 0.4167 0.0312  0.0281  0.0342  36  GLU A CD  
273 O  OE1 . GLU A 36 ? 0.3946 0.5870 0.3965 0.0375  0.0216  0.0462  36  GLU A OE1 
274 O  OE2 . GLU A 36 ? 0.4106 0.5141 0.4438 0.0349  0.0386  0.0585  36  GLU A OE2 
275 N  N   . HIS A 37 ? 0.3837 0.4184 0.3219 -0.0171 0.0089  -0.0382 37  HIS A N   
276 C  CA  . HIS A 37 ? 0.3889 0.4518 0.3290 -0.0273 -0.0008 -0.0281 37  HIS A CA  
277 C  C   . HIS A 37 ? 0.3712 0.4582 0.3357 -0.0198 -0.0106 -0.0214 37  HIS A C   
278 O  O   . HIS A 37 ? 0.3238 0.4113 0.3173 0.0004  -0.0136 -0.0297 37  HIS A O   
279 C  CB  . HIS A 37 ? 0.3767 0.4709 0.3305 -0.0134 -0.0025 -0.0160 37  HIS A CB  
280 C  CG  . HIS A 37 ? 0.4028 0.5355 0.3637 -0.0187 -0.0108 -0.0044 37  HIS A CG  
281 N  ND1 . HIS A 37 ? 0.4424 0.5737 0.3944 -0.0457 -0.0148 0.0063  37  HIS A ND1 
282 C  CD2 . HIS A 37 ? 0.3968 0.5792 0.3787 0.0009  -0.0161 -0.0078 37  HIS A CD2 
283 C  CE1 . HIS A 37 ? 0.4038 0.5788 0.3686 -0.0431 -0.0216 0.0207  37  HIS A CE1 
284 N  NE2 . HIS A 37 ? 0.3904 0.5963 0.3756 -0.0128 -0.0213 0.0105  37  HIS A NE2 
285 N  N   . THR A 38 ? 0.4001 0.5152 0.3682 -0.0366 -0.0174 -0.0042 38  THR A N   
286 C  CA  . THR A 38 ? 0.3929 0.5395 0.4132 -0.0315 -0.0278 0.0202  38  THR A CA  
287 C  C   . THR A 38 ? 0.4093 0.5918 0.4304 -0.0445 -0.0336 0.0386  38  THR A C   
288 O  O   . THR A 38 ? 0.4703 0.6699 0.4504 -0.0699 -0.0329 0.0413  38  THR A O   
289 C  CB  . THR A 38 ? 0.4220 0.6036 0.4563 -0.0449 -0.0301 0.0514  38  THR A CB  
290 O  OG1 . THR A 38 ? 0.4557 0.6205 0.4557 -0.0453 -0.0203 0.0343  38  THR A OG1 
291 C  CG2 . THR A 38 ? 0.3885 0.5878 0.5255 -0.0306 -0.0420 0.0874  38  THR A CG2 
292 N  N   . ASP A 39 ? 0.4431 0.5303 0.5506 0.1164  0.0019  0.0226  39  ASP A N   
293 C  CA  . ASP A 39 ? 0.4599 0.4887 0.5724 0.0867  0.0070  0.0335  39  ASP A CA  
294 C  C   . ASP A 39 ? 0.3640 0.4193 0.4884 0.0539  0.0182  0.0386  39  ASP A C   
295 O  O   . ASP A 39 ? 0.3273 0.4218 0.4528 0.0462  0.0219  0.0379  39  ASP A O   
296 C  CB  . ASP A 39 ? 0.5518 0.5064 0.6466 0.0858  0.0028  0.0539  39  ASP A CB  
297 C  CG  . ASP A 39 ? 0.5773 0.5496 0.6721 0.0720  0.0095  0.0731  39  ASP A CG  
298 O  OD1 . ASP A 39 ? 0.6651 0.6422 0.7710 0.0443  0.0172  0.0768  39  ASP A OD1 
299 O  OD2 . ASP A 39 ? 0.6329 0.6222 0.7149 0.0931  0.0059  0.0822  39  ASP A OD2 
300 N  N   . VAL A 40 ? 0.3821 0.4141 0.5110 0.0373  0.0213  0.0398  40  VAL A N   
301 C  CA  . VAL A 40 ? 0.4115 0.4477 0.5401 0.0173  0.0273  0.0434  40  VAL A CA  
302 C  C   . VAL A 40 ? 0.4504 0.4633 0.5806 0.0135  0.0278  0.0482  40  VAL A C   
303 O  O   . VAL A 40 ? 0.4912 0.4962 0.6255 0.0134  0.0259  0.0436  40  VAL A O   
304 C  CB  . VAL A 40 ? 0.3930 0.4525 0.5177 0.0077  0.0290  0.0383  40  VAL A CB  
305 C  CG1 . VAL A 40 ? 0.4127 0.4469 0.5201 -0.0092 0.0314  0.0473  40  VAL A CG1 
306 C  CG2 . VAL A 40 ? 0.3800 0.4960 0.5049 0.0050  0.0296  0.0297  40  VAL A CG2 
307 N  N   . ASP A 41 ? 0.4716 0.4855 0.5976 0.0111  0.0292  0.0517  41  ASP A N   
308 C  CA  . ASP A 41 ? 0.5503 0.5746 0.6779 0.0112  0.0293  0.0512  41  ASP A CA  
309 C  C   . ASP A 41 ? 0.5800 0.6088 0.7059 0.0156  0.0279  0.0446  41  ASP A C   
310 O  O   . ASP A 41 ? 0.4861 0.5018 0.6011 0.0196  0.0269  0.0456  41  ASP A O   
311 C  CB  . ASP A 41 ? 0.6007 0.6396 0.7207 0.0204  0.0280  0.0478  41  ASP A CB  
312 C  CG  . ASP A 41 ? 0.6698 0.7548 0.7926 0.0252  0.0276  0.0427  41  ASP A CG  
313 O  OD1 . ASP A 41 ? 0.7171 0.8358 0.8477 0.0086  0.0313  0.0504  41  ASP A OD1 
314 O  OD2 . ASP A 41 ? 0.6615 0.7559 0.7745 0.0455  0.0228  0.0320  41  ASP A OD2 
315 N  N   . GLU A 42 ? 0.5908 0.6465 0.7253 0.0087  0.0284  0.0393  42  GLU A N   
316 C  CA  . GLU A 42 ? 0.5922 0.6701 0.7297 0.0111  0.0271  0.0287  42  GLU A CA  
317 C  C   . GLU A 42 ? 0.4927 0.5839 0.6124 0.0374  0.0234  0.0288  42  GLU A C   
318 O  O   . GLU A 42 ? 0.5279 0.6386 0.6428 0.0471  0.0215  0.0250  42  GLU A O   
319 C  CB  . GLU A 42 ? 0.6204 0.7355 0.7700 -0.0123 0.0284  0.0176  42  GLU A CB  
320 C  CG  . GLU A 42 ? 0.6906 0.7726 0.8455 -0.0334 0.0263  0.0077  42  GLU A CG  
321 C  CD  . GLU A 42 ? 0.7795 0.9097 0.9430 -0.0528 0.0257  -0.0144 42  GLU A CD  
322 O  OE1 . GLU A 42 ? 0.7982 0.9828 0.9647 -0.0318 0.0250  -0.0249 42  GLU A OE1 
323 O  OE2 . GLU A 42 ? 0.8297 0.9432 0.9919 -0.0922 0.0253  -0.0211 42  GLU A OE2 
324 N  N   . SER A 43 ? 0.4851 0.5621 0.5900 0.0532  0.0204  0.0321  43  SER A N   
325 C  CA  . SER A 43 ? 0.5275 0.5874 0.6001 0.0885  0.0116  0.0317  43  SER A CA  
326 C  C   . SER A 43 ? 0.6302 0.6192 0.6738 0.0858  0.0092  0.0473  43  SER A C   
327 O  O   . SER A 43 ? 0.6513 0.6033 0.6560 0.1122  0.0003  0.0541  43  SER A O   
328 C  CB  . SER A 43 ? 0.5389 0.5936 0.6017 0.1052  0.0068  0.0237  43  SER A CB  
329 O  OG  . SER A 43 ? 0.4555 0.4757 0.5268 0.0793  0.0118  0.0300  43  SER A OG  
330 N  N   . LEU A 44 ? 0.6281 0.6014 0.6847 0.0539  0.0162  0.0540  44  LEU A N   
331 C  CA  . LEU A 44 ? 0.6881 0.6146 0.7173 0.0361  0.0161  0.0688  44  LEU A CA  
332 C  C   . LEU A 44 ? 0.6981 0.6610 0.7349 0.0233  0.0207  0.0750  44  LEU A C   
333 O  O   . LEU A 44 ? 0.7907 0.7415 0.8076 0.0001  0.0229  0.0884  44  LEU A O   
334 C  CB  . LEU A 44 ? 0.6831 0.5963 0.7187 0.0107  0.0197  0.0660  44  LEU A CB  
335 C  CG  . LEU A 44 ? 0.6970 0.5818 0.7244 0.0210  0.0146  0.0553  44  LEU A CG  
336 C  CD1 . LEU A 44 ? 0.6635 0.5623 0.7039 -0.0049 0.0194  0.0492  44  LEU A CD1 
337 C  CD2 . LEU A 44 ? 0.8040 0.6047 0.7782 0.0338  0.0031  0.0590  44  LEU A CD2 
338 N  N   . LYS A 45 ? 0.7445 0.7589 0.8063 0.0354  0.0216  0.0630  45  LYS A N   
339 C  CA  . LYS A 45 ? 0.7400 0.8023 0.8211 0.0267  0.0250  0.0550  45  LYS A CA  
340 C  C   . LYS A 45 ? 0.7304 0.8099 0.7863 0.0188  0.0258  0.0708  45  LYS A C   
341 O  O   . LYS A 45 ? 0.7659 0.8966 0.8350 0.0074  0.0290  0.0631  45  LYS A O   
342 C  CB  . LYS A 45 ? 0.7603 0.8637 0.8652 0.0370  0.0234  0.0342  45  LYS A CB  
343 C  CG  . LYS A 45 ? 0.7998 0.9404 0.8910 0.0563  0.0201  0.0345  45  LYS A CG  
344 C  CD  . LYS A 45 ? 0.7760 0.9720 0.8766 0.0546  0.0206  0.0226  45  LYS A CD  
345 C  CE  . LYS A 45 ? 0.7584 0.9819 0.8925 0.0447  0.0195  -0.0113 45  LYS A CE  
346 N  NZ  . LYS A 45 ? 0.7748 1.0710 0.9153 0.0527  0.0169  -0.0325 45  LYS A NZ  
347 N  N   . GLY A 46 ? 0.7866 0.9051 0.8169 -0.0683 -0.0529 0.1524  46  GLY A N   
348 C  CA  . GLY A 46 ? 0.7629 0.9051 0.7794 -0.0662 -0.0527 0.1628  46  GLY A CA  
349 C  C   . GLY A 46 ? 0.6994 0.8308 0.7107 -0.0544 -0.0339 0.1548  46  GLY A C   
350 O  O   . GLY A 46 ? 0.7367 0.8927 0.7256 -0.0520 -0.0350 0.1620  46  GLY A O   
351 N  N   . GLN A 47 ? 0.6116 0.7148 0.6433 -0.0454 -0.0183 0.1403  47  GLN A N   
352 C  CA  . GLN A 47 ? 0.5645 0.6623 0.6286 -0.0344 -0.0035 0.1421  47  GLN A CA  
353 C  C   . GLN A 47 ? 0.5622 0.6426 0.5988 -0.0294 0.0039  0.1207  47  GLN A C   
354 O  O   . GLN A 47 ? 0.5445 0.6157 0.6191 -0.0211 0.0128  0.1183  47  GLN A O   
355 C  CB  . GLN A 47 ? 0.5734 0.6590 0.6844 -0.0232 0.0055  0.1325  47  GLN A CB  
356 C  CG  . GLN A 47 ? 0.5668 0.6724 0.7187 -0.0236 0.0026  0.1567  47  GLN A CG  
357 C  CD  . GLN A 47 ? 0.5756 0.6781 0.7664 -0.0060 0.0126  0.1400  47  GLN A CD  
358 O  OE1 . GLN A 47 ? 0.5826 0.6712 0.7923 0.0087  0.0195  0.1116  47  GLN A OE1 
359 N  NE2 . GLN A 47 ? 0.5975 0.7190 0.8015 -0.0052 0.0118  0.1558  47  GLN A NE2 
360 N  N   . GLY A 48 ? 0.5405 0.6164 0.5210 -0.0337 -0.0021 0.1039  48  GLY A N   
361 C  CA  . GLY A 48 ? 0.5605 0.6234 0.5120 -0.0278 0.0054  0.0853  48  GLY A CA  
362 C  C   . GLY A 48 ? 0.5457 0.5774 0.5037 -0.0220 0.0144  0.0606  48  GLY A C   
363 O  O   . GLY A 48 ? 0.5228 0.5458 0.4712 -0.0170 0.0215  0.0508  48  GLY A O   
364 N  N   . ILE A 49 ? 0.5353 0.5597 0.5089 -0.0208 0.0142  0.0533  49  ILE A N   
365 C  CA  . ILE A 49 ? 0.5310 0.5445 0.5100 -0.0108 0.0224  0.0320  49  ILE A CA  
366 C  C   . ILE A 49 ? 0.5189 0.5179 0.4616 -0.0118 0.0240  0.0164  49  ILE A C   
367 O  O   . ILE A 49 ? 0.5239 0.5165 0.4663 -0.0042 0.0310  0.0022  49  ILE A O   
368 C  CB  . ILE A 49 ? 0.5246 0.5525 0.5227 -0.0037 0.0240  0.0323  49  ILE A CB  
369 C  CG1 . ILE A 49 ? 0.5215 0.5619 0.5666 0.0026  0.0246  0.0413  49  ILE A CG1 
370 C  CG2 . ILE A 49 ? 0.5462 0.5806 0.5395 0.0109  0.0319  0.0101  49  ILE A CG2 
371 C  CD1 . ILE A 49 ? 0.5073 0.5422 0.5917 0.0161  0.0277  0.0212  49  ILE A CD1 
372 N  N   . GLY A 50 ? 0.5015 0.4952 0.4226 -0.0210 0.0151  0.0180  50  GLY A N   
373 C  CA  . GLY A 50 ? 0.4988 0.4758 0.3978 -0.0218 0.0146  0.0033  50  GLY A CA  
374 C  C   . GLY A 50 ? 0.5063 0.4760 0.3845 -0.0165 0.0218  -0.0070 50  GLY A C   
375 O  O   . GLY A 50 ? 0.4759 0.4364 0.3504 -0.0110 0.0296  -0.0165 50  GLY A O   
376 N  N   . LYS A 51 ? 0.5350 0.5179 0.4035 -0.0164 0.0202  0.0008  51  LYS A N   
377 C  CA  . LYS A 51 ? 0.5444 0.5342 0.4003 -0.0086 0.0295  0.0013  51  LYS A CA  
378 C  C   . LYS A 51 ? 0.5184 0.5035 0.4060 -0.0037 0.0399  0.0055  51  LYS A C   
379 O  O   . LYS A 51 ? 0.4888 0.4696 0.3705 0.0019  0.0476  0.0008  51  LYS A O   
380 C  CB  . LYS A 51 ? 0.6026 0.6265 0.4508 -0.0065 0.0276  0.0213  51  LYS A CB  
381 C  CG  . LYS A 51 ? 0.6429 0.6915 0.5009 0.0034  0.0408  0.0420  51  LYS A CG  
382 C  CD  . LYS A 51 ? 0.6990 0.8019 0.5416 0.0104  0.0409  0.0680  51  LYS A CD  
383 C  CE  . LYS A 51 ? 0.7453 0.8684 0.5775 0.0038  0.0259  0.0730  51  LYS A CE  
384 N  NZ  . LYS A 51 ? 0.8066 0.9272 0.5834 0.0054  0.0107  0.0349  51  LYS A NZ  
385 N  N   . GLN A 52 ? 0.4852 0.4738 0.4111 -0.0044 0.0380  0.0126  52  GLN A N   
386 C  CA  . GLN A 52 ? 0.4622 0.4470 0.4297 0.0015  0.0407  0.0071  52  GLN A CA  
387 C  C   . GLN A 52 ? 0.4448 0.4202 0.3993 0.0068  0.0426  -0.0170 52  GLN A C   
388 O  O   . GLN A 52 ? 0.4256 0.3986 0.3980 0.0111  0.0439  -0.0242 52  GLN A O   
389 C  CB  . GLN A 52 ? 0.4662 0.4574 0.4830 0.0033  0.0355  0.0115  52  GLN A CB  
390 C  CG  . GLN A 52 ? 0.4859 0.4938 0.5335 -0.0009 0.0350  0.0456  52  GLN A CG  
391 C  CD  . GLN A 52 ? 0.5215 0.5378 0.6198 -0.0009 0.0297  0.0587  52  GLN A CD  
392 O  OE1 . GLN A 52 ? 0.5305 0.5374 0.6581 0.0062  0.0264  0.0360  52  GLN A OE1 
393 N  NE2 . GLN A 52 ? 0.5614 0.6035 0.6742 -0.0062 0.0291  0.0972  52  GLN A NE2 
394 N  N   . LEU A 53 ? 0.4257 0.4015 0.3541 0.0056  0.0421  -0.0229 53  LEU A N   
395 C  CA  . LEU A 53 ? 0.4471 0.4283 0.3658 0.0121  0.0452  -0.0352 53  LEU A CA  
396 C  C   . LEU A 53 ? 0.4289 0.3967 0.3275 0.0101  0.0497  -0.0359 53  LEU A C   
397 O  O   . LEU A 53 ? 0.4484 0.4213 0.3494 0.0159  0.0531  -0.0430 53  LEU A O   
398 C  CB  . LEU A 53 ? 0.4328 0.4287 0.3467 0.0116  0.0439  -0.0267 53  LEU A CB  
399 C  CG  . LEU A 53 ? 0.4149 0.4354 0.3488 0.0197  0.0429  -0.0260 53  LEU A CG  
400 C  CD1 . LEU A 53 ? 0.4270 0.4697 0.3610 0.0196  0.0438  -0.0068 53  LEU A CD1 
401 C  CD2 . LEU A 53 ? 0.4280 0.4716 0.3765 0.0380  0.0444  -0.0503 53  LEU A CD2 
402 N  N   . VAL A 54 ? 0.4392 0.3941 0.3187 0.0038  0.0484  -0.0313 54  VAL A N   
403 C  CA  . VAL A 54 ? 0.4607 0.4041 0.3240 0.0064  0.0539  -0.0362 54  VAL A CA  
404 C  C   . VAL A 54 ? 0.4367 0.3860 0.3101 0.0120  0.0613  -0.0319 54  VAL A C   
405 O  O   . VAL A 54 ? 0.4418 0.3889 0.3175 0.0164  0.0670  -0.0348 54  VAL A O   
406 C  CB  . VAL A 54 ? 0.4875 0.4225 0.3277 0.0042  0.0482  -0.0421 54  VAL A CB  
407 C  CG1 . VAL A 54 ? 0.5040 0.4325 0.3277 0.0129  0.0554  -0.0525 54  VAL A CG1 
408 C  CG2 . VAL A 54 ? 0.4926 0.4175 0.3416 -0.0035 0.0359  -0.0455 54  VAL A CG2 
409 N  N   . ALA A 55 ? 0.4168 0.3771 0.3056 0.0113  0.0605  -0.0191 55  ALA A N   
410 C  CA  . ALA A 55 ? 0.4266 0.3962 0.3485 0.0150  0.0647  -0.0061 55  ALA A CA  
411 C  C   . ALA A 55 ? 0.4243 0.3890 0.3766 0.0170  0.0608  -0.0196 55  ALA A C   
412 O  O   . ALA A 55 ? 0.4367 0.4043 0.4053 0.0198  0.0645  -0.0135 55  ALA A O   
413 C  CB  . ALA A 55 ? 0.4113 0.3981 0.3699 0.0130  0.0618  0.0182  55  ALA A CB  
414 N  N   . LYS A 56 ? 0.4125 0.3781 0.3739 0.0180  0.0524  -0.0380 56  LYS A N   
415 C  CA  . LYS A 56 ? 0.4459 0.4193 0.4275 0.0244  0.0455  -0.0588 56  LYS A CA  
416 C  C   . LYS A 56 ? 0.4636 0.4421 0.4190 0.0272  0.0512  -0.0617 56  LYS A C   
417 O  O   . LYS A 56 ? 0.4648 0.4505 0.4397 0.0306  0.0469  -0.0688 56  LYS A O   
418 C  CB  . LYS A 56 ? 0.4834 0.4731 0.4677 0.0322  0.0379  -0.0808 56  LYS A CB  
419 C  CG  . LYS A 56 ? 0.5172 0.5044 0.5459 0.0339  0.0287  -0.0877 56  LYS A CG  
420 C  CD  . LYS A 56 ? 0.5570 0.5394 0.6508 0.0366  0.0146  -0.1023 56  LYS A CD  
421 C  CE  . LYS A 56 ? 0.6016 0.6045 0.7099 0.0528  -0.0003 -0.1485 56  LYS A CE  
422 N  NZ  . LYS A 56 ? 0.6512 0.6459 0.8375 0.0554  -0.0220 -0.1725 56  LYS A NZ  
423 N  N   . VAL A 57 ? 0.4869 0.4626 0.4076 0.0255  0.0587  -0.0541 57  VAL A N   
424 C  CA  . VAL A 57 ? 0.4779 0.4575 0.3859 0.0278  0.0648  -0.0498 57  VAL A CA  
425 C  C   . VAL A 57 ? 0.4536 0.4199 0.3645 0.0277  0.0722  -0.0418 57  VAL A C   
426 O  O   . VAL A 57 ? 0.4861 0.4609 0.4068 0.0312  0.0741  -0.0401 57  VAL A O   
427 C  CB  . VAL A 57 ? 0.4854 0.4596 0.3772 0.0248  0.0681  -0.0405 57  VAL A CB  
428 C  CG1 . VAL A 57 ? 0.5083 0.4831 0.4039 0.0274  0.0747  -0.0312 57  VAL A CG1 
429 C  CG2 . VAL A 57 ? 0.4725 0.4715 0.3673 0.0270  0.0635  -0.0384 57  VAL A CG2 
430 N  N   . VAL A 58 ? 0.4494 0.4040 0.3528 0.0260  0.0767  -0.0341 58  VAL A N   
431 C  CA  . VAL A 58 ? 0.4589 0.4152 0.3663 0.0308  0.0866  -0.0215 58  VAL A CA  
432 C  C   . VAL A 58 ? 0.4516 0.4195 0.4040 0.0309  0.0828  -0.0120 58  VAL A C   
433 O  O   . VAL A 58 ? 0.3965 0.3691 0.3585 0.0348  0.0888  -0.0042 58  VAL A O   
434 C  CB  . VAL A 58 ? 0.4651 0.4268 0.3544 0.0337  0.0919  -0.0121 58  VAL A CB  
435 C  CG1 . VAL A 58 ? 0.5002 0.4809 0.3952 0.0440  0.1051  0.0072  58  VAL A CG1 
436 C  CG2 . VAL A 58 ? 0.4830 0.4318 0.3351 0.0346  0.0904  -0.0286 58  VAL A CG2 
437 N  N   . GLU A 59 ? 0.4329 0.4046 0.4233 0.0266  0.0704  -0.0135 59  GLU A N   
438 C  CA  . GLU A 59 ? 0.4476 0.4265 0.5001 0.0254  0.0593  -0.0097 59  GLU A CA  
439 C  C   . GLU A 59 ? 0.4456 0.4308 0.5019 0.0277  0.0499  -0.0315 59  GLU A C   
440 O  O   . GLU A 59 ? 0.4380 0.4306 0.5311 0.0274  0.0453  -0.0237 59  GLU A O   
441 C  CB  . GLU A 59 ? 0.4868 0.4643 0.5930 0.0217  0.0437  -0.0142 59  GLU A CB  
442 C  CG  . GLU A 59 ? 0.5151 0.4989 0.6260 0.0198  0.0534  0.0183  59  GLU A CG  
443 C  CD  . GLU A 59 ? 0.5667 0.5710 0.7425 0.0196  0.0570  0.0630  59  GLU A CD  
444 O  OE1 . GLU A 59 ? 0.6033 0.6184 0.7904 0.0228  0.0641  0.0799  59  GLU A OE1 
445 O  OE2 . GLU A 59 ? 0.6182 0.6347 0.8405 0.0170  0.0541  0.0896  59  GLU A OE2 
446 N  N   . LYS A 60 ? 0.4623 0.4533 0.4836 0.0309  0.0469  -0.0536 60  LYS A N   
447 C  CA  . LYS A 60 ? 0.4679 0.4811 0.4828 0.0363  0.0399  -0.0691 60  LYS A CA  
448 C  C   . LYS A 60 ? 0.4645 0.4791 0.4636 0.0368  0.0538  -0.0485 60  LYS A C   
449 O  O   . LYS A 60 ? 0.4541 0.4855 0.4746 0.0386  0.0472  -0.0485 60  LYS A O   
450 C  CB  . LYS A 60 ? 0.4584 0.4928 0.4399 0.0431  0.0380  -0.0853 60  LYS A CB  
451 C  CG  . LYS A 60 ? 0.4649 0.5444 0.4438 0.0540  0.0271  -0.1030 60  LYS A CG  
452 C  CD  . LYS A 60 ? 0.4800 0.6024 0.4276 0.0663  0.0285  -0.1096 60  LYS A CD  
453 C  CE  . LYS A 60 ? 0.4935 0.6785 0.4342 0.0804  0.0203  -0.1178 60  LYS A CE  
454 N  NZ  . LYS A 60 ? 0.5454 0.7595 0.5042 0.0938  -0.0050 -0.1674 60  LYS A NZ  
455 N  N   . MSE A 61 ? 0.4360 0.5302 0.4653 0.0622  0.0251  -0.0230 61  MSE A N   
456 C  CA  . MSE A 61 ? 0.4673 0.5636 0.4850 0.0597  0.0349  -0.0200 61  MSE A CA  
457 C  C   . MSE A 61 ? 0.4983 0.5926 0.5074 0.0528  0.0366  -0.0188 61  MSE A C   
458 O  O   . MSE A 61 ? 0.5117 0.6139 0.5282 0.0547  0.0429  -0.0221 61  MSE A O   
459 C  CB  . MSE A 61 ? 0.4910 0.5860 0.5049 0.0575  0.0377  -0.0205 61  MSE A CB  
460 C  CG  . MSE A 61 ? 0.4906 0.5932 0.5096 0.0582  0.0384  -0.0238 61  MSE A CG  
461 SE SE  . MSE A 61 ? 0.5628 0.6707 0.5760 0.0523  0.0407  -0.0223 61  MSE A SE  
462 C  CE  . MSE A 61 ? 0.5757 0.7016 0.5988 0.0486  0.0448  -0.0367 61  MSE A CE  
463 N  N   . ARG A 62 ? 0.5267 0.6111 0.5216 0.0411  0.0282  -0.0142 62  ARG A N   
464 C  CA  . ARG A 62 ? 0.5179 0.6041 0.4968 0.0251  0.0311  -0.0147 62  ARG A CA  
465 C  C   . ARG A 62 ? 0.5152 0.6067 0.5026 0.0316  0.0321  -0.0154 62  ARG A C   
466 O  O   . ARG A 62 ? 0.5189 0.6262 0.5098 0.0264  0.0423  -0.0226 62  ARG A O   
467 C  CB  . ARG A 62 ? 0.5498 0.6166 0.5025 0.0035  0.0135  -0.0031 62  ARG A CB  
468 C  CG  . ARG A 62 ? 0.6010 0.6671 0.5298 -0.0191 0.0157  -0.0029 62  ARG A CG  
469 C  CD  . ARG A 62 ? 0.6485 0.6908 0.5396 -0.0525 -0.0082 0.0142  62  ARG A CD  
470 N  NE  . ARG A 62 ? 0.6722 0.7080 0.5403 -0.0742 -0.0151 0.0202  62  ARG A NE  
471 C  CZ  . ARG A 62 ? 0.7086 0.7637 0.5541 -0.0986 0.0086  0.0049  62  ARG A CZ  
472 N  NH1 . ARG A 62 ? 0.7211 0.7671 0.5389 -0.1240 -0.0004 0.0125  62  ARG A NH1 
473 N  NH2 . ARG A 62 ? 0.7011 0.7860 0.5559 -0.1001 0.0405  -0.0211 62  ARG A NH2 
474 N  N   . ARG A 63 ? 0.5109 0.5934 0.5071 0.0415  0.0225  -0.0123 63  ARG A N   
475 C  CA  . ARG A 63 ? 0.5139 0.6011 0.5126 0.0428  0.0243  -0.0136 63  ARG A CA  
476 C  C   . ARG A 63 ? 0.4830 0.5886 0.4936 0.0492  0.0341  -0.0165 63  ARG A C   
477 O  O   . ARG A 63 ? 0.4733 0.5883 0.4860 0.0455  0.0356  -0.0164 63  ARG A O   
478 C  CB  . ARG A 63 ? 0.5278 0.6040 0.5372 0.0488  0.0154  -0.0171 63  ARG A CB  
479 C  CG  . ARG A 63 ? 0.5516 0.6011 0.5575 0.0422  -0.0048 -0.0115 63  ARG A CG  
480 C  CD  . ARG A 63 ? 0.5633 0.6036 0.5957 0.0514  -0.0123 -0.0239 63  ARG A CD  
481 N  NE  . ARG A 63 ? 0.5416 0.6001 0.6028 0.0636  -0.0028 -0.0408 63  ARG A NE  
482 C  CZ  . ARG A 63 ? 0.5603 0.6150 0.6534 0.0728  -0.0143 -0.0488 63  ARG A CZ  
483 N  NH1 . ARG A 63 ? 0.5848 0.6097 0.6898 0.0729  -0.0440 -0.0379 63  ARG A NH1 
484 N  NH2 . ARG A 63 ? 0.5384 0.6196 0.6541 0.0782  0.0011  -0.0687 63  ARG A NH2 
485 N  N   . GLU A 64 ? 0.4818 0.5901 0.5005 0.0560  0.0359  -0.0170 64  GLU A N   
486 C  CA  . GLU A 64 ? 0.5261 0.6410 0.5535 0.0576  0.0341  -0.0134 64  GLU A CA  
487 C  C   . GLU A 64 ? 0.5282 0.6472 0.5760 0.0627  0.0345  -0.0161 64  GLU A C   
488 O  O   . GLU A 64 ? 0.5234 0.6393 0.5866 0.0657  0.0248  -0.0111 64  GLU A O   
489 C  CB  . GLU A 64 ? 0.5279 0.6403 0.5474 0.0541  0.0330  -0.0124 64  GLU A CB  
490 C  CG  . GLU A 64 ? 0.5651 0.6817 0.5790 0.0486  0.0372  -0.0219 64  GLU A CG  
491 C  CD  . GLU A 64 ? 0.6167 0.7427 0.6226 0.0360  0.0417  -0.0290 64  GLU A CD  
492 O  OE1 . GLU A 64 ? 0.6143 0.7372 0.6111 0.0298  0.0379  -0.0203 64  GLU A OE1 
493 O  OE2 . GLU A 64 ? 0.6023 0.7394 0.6131 0.0292  0.0496  -0.0465 64  GLU A OE2 
494 N  N   . LYS A 65 ? 0.5489 0.6732 0.5975 0.0596  0.0439  -0.0261 65  LYS A N   
495 C  CA  . LYS A 65 ? 0.5456 0.6819 0.6219 0.0613  0.0508  -0.0408 65  LYS A CA  
496 C  C   . LYS A 65 ? 0.5131 0.6378 0.6044 0.0702  0.0460  -0.0408 65  LYS A C   
497 O  O   . LYS A 65 ? 0.4557 0.5827 0.5872 0.0792  0.0389  -0.0479 65  LYS A O   
498 C  CB  . LYS A 65 ? 0.5716 0.7261 0.6817 0.0650  0.0477  -0.0474 65  LYS A CB  
499 C  CG  . LYS A 65 ? 0.6659 0.8349 0.7594 0.0508  0.0562  -0.0519 65  LYS A CG  
500 C  CD  . LYS A 65 ? 0.7498 0.9170 0.8372 0.0517  0.0448  -0.0376 65  LYS A CD  
501 C  CE  . LYS A 65 ? 0.8404 1.0036 0.8914 0.0356  0.0488  -0.0345 65  LYS A CE  
502 N  NZ  . LYS A 65 ? 0.8756 1.0644 0.9316 0.0185  0.0606  -0.0505 65  LYS A NZ  
503 N  N   . ARG A 66 ? 0.4434 0.5550 0.5087 0.0674  0.0461  -0.0336 66  ARG A N   
504 C  CA  . ARG A 66 ? 0.4546 0.5531 0.5250 0.0707  0.0423  -0.0329 66  ARG A CA  
505 C  C   . ARG A 66 ? 0.4291 0.5283 0.4845 0.0626  0.0547  -0.0425 66  ARG A C   
506 O  O   . ARG A 66 ? 0.4694 0.5708 0.5007 0.0535  0.0572  -0.0388 66  ARG A O   
507 C  CB  . ARG A 66 ? 0.4627 0.5498 0.5119 0.0672  0.0319  -0.0171 66  ARG A CB  
508 C  CG  . ARG A 66 ? 0.4777 0.5641 0.5240 0.0628  0.0194  -0.0050 66  ARG A CG  
509 C  CD  . ARG A 66 ? 0.5107 0.5887 0.5318 0.0477  0.0115  0.0056  66  ARG A CD  
510 N  NE  . ARG A 66 ? 0.5414 0.6117 0.5557 0.0345  -0.0073 0.0207  66  ARG A NE  
511 C  CZ  . ARG A 66 ? 0.5467 0.5941 0.5604 0.0240  -0.0321 0.0373  66  ARG A CZ  
512 N  NH1 . ARG A 66 ? 0.5649 0.5933 0.5881 0.0281  -0.0397 0.0383  66  ARG A NH1 
513 N  NH2 . ARG A 66 ? 0.6378 0.6771 0.6392 0.0056  -0.0541 0.0553  66  ARG A NH2 
514 N  N   . LYS A 67 ? 0.4246 0.5195 0.4963 0.0634  0.0593  -0.0549 67  LYS A N   
515 C  CA  . LYS A 67 ? 0.4239 0.5161 0.4761 0.0515  0.0691  -0.0620 67  LYS A CA  
516 C  C   . LYS A 67 ? 0.4213 0.4975 0.4586 0.0528  0.0603  -0.0490 67  LYS A C   
517 O  O   . LYS A 67 ? 0.4870 0.5510 0.5345 0.0602  0.0481  -0.0402 67  LYS A O   
518 C  CB  . LYS A 67 ? 0.4699 0.5691 0.5525 0.0486  0.0832  -0.0909 67  LYS A CB  
519 C  CG  . LYS A 67 ? 0.4736 0.5999 0.5721 0.0385  0.0995  -0.1144 67  LYS A CG  
520 C  CD  . LYS A 67 ? 0.5026 0.6442 0.6202 0.0234  0.1223  -0.1521 67  LYS A CD  
521 C  CE  . LYS A 67 ? 0.5116 0.6887 0.6716 0.0181  0.1397  -0.1868 67  LYS A CE  
522 N  NZ  . LYS A 67 ? 0.5509 0.7552 0.6985 -0.0177 0.1709  -0.2249 67  LYS A NZ  
523 N  N   . ILE A 68 ? 0.5290 0.3403 0.6801 0.0105  -0.0928 -0.0003 68  ILE A N   
524 C  CA  . ILE A 68 ? 0.5429 0.3406 0.6210 0.0092  -0.0975 0.0072  68  ILE A CA  
525 C  C   . ILE A 68 ? 0.5645 0.3568 0.6613 0.0178  -0.0786 -0.0027 68  ILE A C   
526 O  O   . ILE A 68 ? 0.5734 0.3653 0.6765 0.0208  -0.0429 -0.0271 68  ILE A O   
527 C  CB  . ILE A 68 ? 0.5298 0.3204 0.5210 0.0077  -0.0753 -0.0054 68  ILE A CB  
528 C  CG1 . ILE A 68 ? 0.5456 0.3340 0.5039 -0.0043 -0.0858 0.0005  68  ILE A CG1 
529 C  CG2 . ILE A 68 ? 0.5278 0.3115 0.4661 0.0084  -0.0740 -0.0037 68  ILE A CG2 
530 C  CD1 . ILE A 68 ? 0.5717 0.3516 0.4835 -0.0007 -0.0574 -0.0147 68  ILE A CD1 
531 N  N   . ILE A 69 ? 0.5785 0.3613 0.6631 0.0152  -0.0997 0.0143  69  ILE A N   
532 C  CA  . ILE A 69 ? 0.6143 0.3894 0.6981 0.0188  -0.0816 0.0046  69  ILE A CA  
533 C  C   . ILE A 69 ? 0.6283 0.4017 0.6244 0.0134  -0.0738 -0.0012 69  ILE A C   
534 O  O   . ILE A 69 ? 0.6748 0.4405 0.6250 0.0033  -0.0934 0.0130  69  ILE A O   
535 C  CB  . ILE A 69 ? 0.6488 0.4101 0.7893 0.0195  -0.1066 0.0263  69  ILE A CB  
536 C  CG1 . ILE A 69 ? 0.6508 0.4189 0.9077 0.0294  -0.1112 0.0295  69  ILE A CG1 
537 C  CG2 . ILE A 69 ? 0.6732 0.4230 0.8145 0.0209  -0.0815 0.0122  69  ILE A CG2 
538 C  CD1 . ILE A 69 ? 0.6695 0.4538 0.9534 0.0265  -0.1394 0.0438  69  ILE A CD1 
539 N  N   . PRO A 70 ? 0.6373 0.4172 0.6102 0.0158  -0.0452 -0.0225 70  PRO A N   
540 C  CA  . PRO A 70 ? 0.6341 0.4198 0.5445 0.0134  -0.0430 -0.0255 70  PRO A CA  
541 C  C   . PRO A 70 ? 0.6473 0.4314 0.5501 0.0081  -0.0401 -0.0288 70  PRO A C   
542 O  O   . PRO A 70 ? 0.7266 0.5162 0.6233 0.0049  -0.0220 -0.0442 70  PRO A O   
543 C  CB  . PRO A 70 ? 0.6147 0.4061 0.5048 0.0153  -0.0236 -0.0396 70  PRO A CB  
544 C  CG  . PRO A 70 ? 0.6280 0.4129 0.5583 0.0106  -0.0027 -0.0543 70  PRO A CG  
545 C  CD  . PRO A 70 ? 0.6328 0.4132 0.6306 0.0155  -0.0146 -0.0444 70  PRO A CD  
546 N  N   . LEU A 71 ? 0.6841 0.4577 0.5748 0.0009  -0.0575 -0.0152 71  LEU A N   
547 C  CA  . LEU A 71 ? 0.6959 0.4630 0.5740 -0.0079 -0.0534 -0.0185 71  LEU A CA  
548 C  C   . LEU A 71 ? 0.6618 0.4482 0.5012 -0.0123 -0.0411 -0.0336 71  LEU A C   
549 O  O   . LEU A 71 ? 0.6645 0.4573 0.5038 -0.0176 -0.0287 -0.0460 71  LEU A O   
550 C  CB  . LEU A 71 ? 0.7521 0.4933 0.6209 -0.0206 -0.0769 0.0031  71  LEU A CB  
551 C  CG  . LEU A 71 ? 0.8246 0.5483 0.7553 -0.0152 -0.0963 0.0230  71  LEU A CG  
552 C  CD1 . LEU A 71 ? 0.8918 0.5833 0.8011 -0.0335 -0.1288 0.0520  71  LEU A CD1 
553 C  CD2 . LEU A 71 ? 0.8171 0.5386 0.8101 -0.0049 -0.0740 0.0099  71  LEU A CD2 
554 N  N   . CYS A 72 ? 0.6124 0.4082 0.4274 -0.0118 -0.0435 -0.0339 72  CYS A N   
555 C  CA  . CYS A 72 ? 0.5997 0.4180 0.4017 -0.0132 -0.0338 -0.0471 72  CYS A CA  
556 C  C   . CYS A 72 ? 0.5863 0.4263 0.3991 -0.0051 -0.0300 -0.0543 72  CYS A C   
557 O  O   . CYS A 72 ? 0.6199 0.4547 0.4368 0.0024  -0.0308 -0.0502 72  CYS A O   
558 C  CB  . CYS A 72 ? 0.5834 0.4048 0.3772 -0.0107 -0.0314 -0.0478 72  CYS A CB  
559 S  SG  . CYS A 72 ? 0.5629 0.4184 0.3779 -0.0042 -0.0210 -0.0627 72  CYS A SG  
560 N  N   . PRO A 73 ? 0.5789 0.4401 0.3913 -0.0122 -0.0260 -0.0654 73  PRO A N   
561 C  CA  . PRO A 73 ? 0.5876 0.4648 0.3954 -0.0149 -0.0272 -0.0698 73  PRO A CA  
562 C  C   . PRO A 73 ? 0.6157 0.5016 0.4190 -0.0043 -0.0389 -0.0600 73  PRO A C   
563 O  O   . PRO A 73 ? 0.5931 0.4692 0.3766 -0.0109 -0.0378 -0.0589 73  PRO A O   
564 C  CB  . PRO A 73 ? 0.6057 0.5099 0.4158 -0.0275 -0.0272 -0.0812 73  PRO A CB  
565 C  CG  . PRO A 73 ? 0.6073 0.4953 0.4187 -0.0350 -0.0162 -0.0869 73  PRO A CG  
566 C  CD  . PRO A 73 ? 0.5896 0.4517 0.3987 -0.0268 -0.0188 -0.0749 73  PRO A CD  
567 N  N   . PHE A 74 ? 0.5767 0.4735 0.3973 0.0085  -0.0453 -0.0544 74  PHE A N   
568 C  CA  . PHE A 74 ? 0.6155 0.5135 0.4411 0.0225  -0.0561 -0.0418 74  PHE A CA  
569 C  C   . PHE A 74 ? 0.6069 0.4757 0.4148 0.0274  -0.0513 -0.0348 74  PHE A C   
570 O  O   . PHE A 74 ? 0.5996 0.4601 0.3905 0.0289  -0.0587 -0.0252 74  PHE A O   
571 C  CB  . PHE A 74 ? 0.6146 0.5231 0.4763 0.0351  -0.0533 -0.0425 74  PHE A CB  
572 C  CG  . PHE A 74 ? 0.6635 0.5649 0.5368 0.0513  -0.0617 -0.0280 74  PHE A CG  
573 C  CD1 . PHE A 74 ? 0.6827 0.6028 0.5735 0.0579  -0.0862 -0.0127 74  PHE A CD1 
574 C  CD2 . PHE A 74 ? 0.6747 0.5467 0.5369 0.0568  -0.0493 -0.0260 74  PHE A CD2 
575 C  CE1 . PHE A 74 ? 0.6775 0.5829 0.5781 0.0727  -0.0972 0.0058  74  PHE A CE1 
576 C  CE2 . PHE A 74 ? 0.6565 0.5158 0.5271 0.0705  -0.0542 -0.0128 74  PHE A CE2 
577 C  CZ  . PHE A 74 ? 0.6784 0.5514 0.5680 0.0797  -0.0782 0.0044  74  PHE A CZ  
578 N  N   . ALA A 75 ? 0.6331 0.4852 0.4429 0.0266  -0.0413 -0.0382 75  ALA A N   
579 C  CA  . ALA A 75 ? 0.6506 0.4804 0.4539 0.0283  -0.0373 -0.0339 75  ALA A CA  
580 C  C   . ALA A 75 ? 0.6573 0.4802 0.4539 0.0194  -0.0311 -0.0391 75  ALA A C   
581 O  O   . ALA A 75 ? 0.6467 0.4561 0.4310 0.0178  -0.0257 -0.0383 75  ALA A O   
582 C  CB  . ALA A 75 ? 0.6475 0.4642 0.4564 0.0228  -0.0368 -0.0329 75  ALA A CB  
583 N  N   . LYS A 76 ? 0.7105 0.5379 0.5142 0.0099  -0.0261 -0.0477 76  LYS A N   
584 C  CA  . LYS A 76 ? 0.7073 0.5236 0.5112 -0.0042 -0.0093 -0.0603 76  LYS A CA  
585 C  C   . LYS A 76 ? 0.7593 0.5743 0.5222 -0.0178 -0.0078 -0.0626 76  LYS A C   
586 O  O   . LYS A 76 ? 0.7710 0.5657 0.5202 -0.0329 0.0111  -0.0731 76  LYS A O   
587 C  CB  . LYS A 76 ? 0.7889 0.6073 0.6055 -0.0143 -0.0010 -0.0706 76  LYS A CB  
588 C  CG  . LYS A 76 ? 0.8311 0.6302 0.6715 -0.0273 0.0258  -0.0876 76  LYS A CG  
589 C  CD  . LYS A 76 ? 0.8872 0.6864 0.7173 -0.0469 0.0412  -0.1037 76  LYS A CD  
590 C  CE  . LYS A 76 ? 0.9854 0.7807 0.7692 -0.0758 0.0584  -0.1208 76  LYS A CE  
591 N  NZ  . LYS A 76 ? 1.0105 0.7772 0.8171 -0.0945 0.0996  -0.1459 76  LYS A NZ  
592 N  N   . HIS A 77 ? 0.7433 0.5780 0.4881 -0.0161 -0.0283 -0.0525 77  HIS A N   
593 C  CA  . HIS A 77 ? 0.7879 0.6211 0.4905 -0.0300 -0.0412 -0.0441 77  HIS A CA  
594 C  C   . HIS A 77 ? 0.7827 0.5918 0.4648 -0.0254 -0.0431 -0.0324 77  HIS A C   
595 O  O   . HIS A 77 ? 0.7992 0.5860 0.4300 -0.0492 -0.0418 -0.0308 77  HIS A O   
596 C  CB  . HIS A 77 ? 0.8347 0.6998 0.5461 -0.0243 -0.0703 -0.0308 77  HIS A CB  
597 C  CG  . HIS A 77 ? 0.9636 0.8294 0.6293 -0.0471 -0.0936 -0.0179 77  HIS A CG  
598 N  ND1 . HIS A 77 ? 1.0629 0.9149 0.6751 -0.0858 -0.0821 -0.0314 77  HIS A ND1 
599 C  CD2 . HIS A 77 ? 1.0086 0.8818 0.6710 -0.0415 -0.1289 0.0090  77  HIS A CD2 
600 C  CE1 . HIS A 77 ? 1.1077 0.9590 0.6727 -0.1078 -0.1134 -0.0119 77  HIS A CE1 
601 N  NE2 . HIS A 77 ? 1.0973 0.9625 0.6967 -0.0788 -0.1461 0.0160  77  HIS A NE2 
602 N  N   . GLU A 78 ? 0.7642 0.5731 0.4768 -0.0004 -0.0456 -0.0244 78  GLU A N   
603 C  CA  . GLU A 78 ? 0.7325 0.5161 0.4296 0.0046  -0.0432 -0.0154 78  GLU A CA  
604 C  C   . GLU A 78 ? 0.7031 0.4624 0.3885 -0.0109 -0.0169 -0.0315 78  GLU A C   
605 O  O   . GLU A 78 ? 0.7377 0.4699 0.3843 -0.0242 -0.0109 -0.0288 78  GLU A O   
606 C  CB  . GLU A 78 ? 0.7625 0.5484 0.4937 0.0283  -0.0438 -0.0098 78  GLU A CB  
607 C  CG  . GLU A 78 ? 0.7855 0.5848 0.5374 0.0449  -0.0616 0.0047  78  GLU A CG  
608 C  CD  . GLU A 78 ? 0.8694 0.6529 0.5960 0.0436  -0.0803 0.0257  78  GLU A CD  
609 O  OE1 . GLU A 78 ? 0.9251 0.6775 0.6358 0.0473  -0.0746 0.0339  78  GLU A OE1 
610 O  OE2 . GLU A 78 ? 0.9446 0.7453 0.6644 0.0357  -0.1031 0.0353  78  GLU A OE2 
611 N  N   . PHE A 79 ? 0.4991 0.5077 0.4684 0.0648  0.0352  -0.0080 79  PHE A N   
612 C  CA  . PHE A 79 ? 0.4989 0.4944 0.4434 0.0631  0.0357  -0.0123 79  PHE A CA  
613 C  C   . PHE A 79 ? 0.5181 0.5216 0.4513 0.0655  0.0215  -0.0239 79  PHE A C   
614 O  O   . PHE A 79 ? 0.4915 0.5031 0.3971 0.0680  0.0236  -0.0220 79  PHE A O   
615 C  CB  . PHE A 79 ? 0.5497 0.5383 0.5012 0.0582  0.0411  -0.0100 79  PHE A CB  
616 C  CG  . PHE A 79 ? 0.5269 0.5151 0.4621 0.0618  0.0532  -0.0050 79  PHE A CG  
617 C  CD1 . PHE A 79 ? 0.5304 0.5362 0.4690 0.0675  0.0620  -0.0025 79  PHE A CD1 
618 C  CD2 . PHE A 79 ? 0.5255 0.5042 0.4453 0.0635  0.0530  -0.0106 79  PHE A CD2 
619 C  CE1 . PHE A 79 ? 0.4984 0.5093 0.4203 0.0763  0.0673  -0.0098 79  PHE A CE1 
620 C  CE2 . PHE A 79 ? 0.5200 0.5003 0.4287 0.0684  0.0571  -0.0126 79  PHE A CE2 
621 C  CZ  . PHE A 79 ? 0.5143 0.5095 0.4215 0.0759  0.0627  -0.0146 79  PHE A CZ  
622 N  N   . ASP A 80 ? 0.5680 0.5788 0.5252 0.0653  0.0058  -0.0347 80  ASP A N   
623 C  CA  . ASP A 80 ? 0.5867 0.6130 0.5314 0.0733  -0.0124 -0.0580 80  ASP A CA  
624 C  C   . ASP A 80 ? 0.6284 0.6753 0.5330 0.0801  -0.0134 -0.0454 80  ASP A C   
625 O  O   . ASP A 80 ? 0.6421 0.7143 0.5081 0.0864  -0.0109 -0.0511 80  ASP A O   
626 C  CB  . ASP A 80 ? 0.5756 0.6033 0.5671 0.0714  -0.0373 -0.0771 80  ASP A CB  
627 C  CG  . ASP A 80 ? 0.5704 0.5740 0.6107 0.0605  -0.0416 -0.0795 80  ASP A CG  
628 O  OD1 . ASP A 80 ? 0.5467 0.5335 0.5802 0.0617  -0.0352 -0.0812 80  ASP A OD1 
629 O  OD2 . ASP A 80 ? 0.5889 0.5915 0.6835 0.0492  -0.0539 -0.0747 80  ASP A OD2 
630 N  N   . LYS A 81 ? 0.5827 0.6237 0.4984 0.0795  -0.0155 -0.0248 81  LYS A N   
631 C  CA  . LYS A 81 ? 0.6196 0.6706 0.5059 0.0848  -0.0228 -0.0006 81  LYS A CA  
632 C  C   . LYS A 81 ? 0.6078 0.6505 0.4712 0.0781  -0.0076 0.0283  81  LYS A C   
633 O  O   . LYS A 81 ? 0.6376 0.6960 0.4744 0.0777  -0.0136 0.0563  81  LYS A O   
634 C  CB  . LYS A 81 ? 0.6417 0.6889 0.5559 0.0917  -0.0405 0.0102  81  LYS A CB  
635 C  CG  . LYS A 81 ? 0.6854 0.7233 0.6527 0.0922  -0.0351 0.0025  81  LYS A CG  
636 C  CD  . LYS A 81 ? 0.7022 0.7623 0.7078 0.0998  -0.0575 -0.0072 81  LYS A CD  
637 C  CE  . LYS A 81 ? 0.7394 0.8091 0.8005 0.1039  -0.0486 -0.0113 81  LYS A CE  
638 N  NZ  . LYS A 81 ? 0.7238 0.8251 0.8402 0.1134  -0.0678 -0.0201 81  LYS A NZ  
639 N  N   . THR A 82 ? 0.5705 0.5917 0.4494 0.0713  0.0089  0.0260  82  THR A N   
640 C  CA  . THR A 82 ? 0.5626 0.5671 0.4455 0.0636  0.0153  0.0499  82  THR A CA  
641 C  C   . THR A 82 ? 0.5647 0.5899 0.4298 0.0553  0.0318  0.0491  82  THR A C   
642 O  O   . THR A 82 ? 0.5211 0.5388 0.3961 0.0547  0.0408  0.0299  82  THR A O   
643 C  CB  . THR A 82 ? 0.5417 0.5156 0.4601 0.0671  0.0171  0.0374  82  THR A CB  
644 O  OG1 . THR A 82 ? 0.5433 0.5162 0.4838 0.0783  0.0059  0.0300  82  THR A OG1 
645 C  CG2 . THR A 82 ? 0.5423 0.4916 0.4809 0.0620  0.0127  0.0522  82  THR A CG2 
646 N  N   . ARG A 83 ? 0.6134 0.6722 0.4540 0.0491  0.0359  0.0743  83  ARG A N   
647 C  CA  . ARG A 83 ? 0.6312 0.7275 0.4621 0.0421  0.0550  0.0735  83  ARG A CA  
648 C  C   . ARG A 83 ? 0.6078 0.6761 0.4768 0.0295  0.0613  0.0797  83  ARG A C   
649 O  O   . ARG A 83 ? 0.5801 0.6646 0.4570 0.0294  0.0730  0.0590  83  ARG A O   
650 C  CB  . ARG A 83 ? 0.6748 0.8312 0.4725 0.0356  0.0628  0.1100  83  ARG A CB  
651 C  CG  . ARG A 83 ? 0.7351 0.9322 0.4857 0.0528  0.0520  0.0979  83  ARG A CG  
652 C  CD  . ARG A 83 ? 0.7530 0.9885 0.4861 0.0729  0.0542  0.0386  83  ARG A CD  
653 N  NE  . ARG A 83 ? 0.6999 0.8825 0.4711 0.0782  0.0462  -0.0016 83  ARG A NE  
654 C  CZ  . ARG A 83 ? 0.7219 0.8624 0.5133 0.0827  0.0268  -0.0170 83  ARG A CZ  
655 N  NH1 . ARG A 83 ? 0.6896 0.7916 0.5174 0.0823  0.0247  -0.0397 83  ARG A NH1 
656 N  NH2 . ARG A 83 ? 0.7488 0.8885 0.5304 0.0862  0.0094  -0.0044 83  ARG A NH2 
657 N  N   . GLU A 84 ? 0.6053 0.6317 0.5041 0.0222  0.0486  0.1018  84  GLU A N   
658 C  CA  . GLU A 84 ? 0.6085 0.6045 0.5493 0.0146  0.0460  0.0949  84  GLU A CA  
659 C  C   . GLU A 84 ? 0.5780 0.5639 0.5189 0.0269  0.0496  0.0516  84  GLU A C   
660 O  O   . GLU A 84 ? 0.5875 0.5696 0.5529 0.0216  0.0495  0.0423  84  GLU A O   
661 C  CB  . GLU A 84 ? 0.6435 0.5913 0.6245 0.0130  0.0232  0.1092  84  GLU A CB  
662 C  CG  . GLU A 84 ? 0.7045 0.6497 0.7049 -0.0052 0.0124  0.1662  84  GLU A CG  
663 C  CD  . GLU A 84 ? 0.7556 0.7128 0.7203 0.0035  0.0053  0.1887  84  GLU A CD  
664 O  OE1 . GLU A 84 ? 0.7107 0.6753 0.6453 0.0233  0.0067  0.1545  84  GLU A OE1 
665 O  OE2 . GLU A 84 ? 0.8163 0.7799 0.7859 -0.0110 -0.0037 0.2450  84  GLU A OE2 
666 N  N   . TYR A 85 ? 0.5460 0.5321 0.4645 0.0411  0.0505  0.0302  85  TYR A N   
667 C  CA  . TYR A 85 ? 0.5201 0.4999 0.4377 0.0497  0.0529  0.0041  85  TYR A CA  
668 C  C   . TYR A 85 ? 0.5747 0.5756 0.4829 0.0521  0.0592  -0.0091 85  TYR A C   
669 O  O   . TYR A 85 ? 0.6377 0.6313 0.5494 0.0577  0.0572  -0.0219 85  TYR A O   
670 C  CB  . TYR A 85 ? 0.5091 0.4797 0.4239 0.0593  0.0496  -0.0032 85  TYR A CB  
671 C  CG  . TYR A 85 ? 0.4809 0.4366 0.4138 0.0660  0.0415  -0.0039 85  TYR A CG  
672 C  CD1 . TYR A 85 ? 0.5083 0.4452 0.4639 0.0647  0.0314  -0.0041 85  TYR A CD1 
673 C  CD2 . TYR A 85 ? 0.4903 0.4533 0.4290 0.0750  0.0405  -0.0086 85  TYR A CD2 
674 C  CE1 . TYR A 85 ? 0.5004 0.4203 0.4835 0.0773  0.0166  -0.0150 85  TYR A CE1 
675 C  CE2 . TYR A 85 ? 0.4834 0.4410 0.4455 0.0876  0.0317  -0.0177 85  TYR A CE2 
676 C  CZ  . TYR A 85 ? 0.4977 0.4318 0.4808 0.0914  0.0186  -0.0250 85  TYR A CZ  
677 O  OH  . TYR A 85 ? 0.4700 0.3966 0.4870 0.1106  0.0034  -0.0450 85  TYR A OH  
678 N  N   . ASP A 86 ? 0.5955 0.6273 0.4924 0.0507  0.0646  -0.0066 86  ASP A N   
679 C  CA  . ASP A 86 ? 0.5751 0.6371 0.4712 0.0589  0.0682  -0.0293 86  ASP A CA  
680 C  C   . ASP A 86 ? 0.5556 0.6224 0.4746 0.0577  0.0710  -0.0367 86  ASP A C   
681 O  O   . ASP A 86 ? 0.5263 0.5853 0.4552 0.0688  0.0631  -0.0567 86  ASP A O   
682 C  CB  . ASP A 86 ? 0.5966 0.7113 0.4729 0.0599  0.0773  -0.0267 86  ASP A CB  
683 C  CG  . ASP A 86 ? 0.6113 0.7321 0.4637 0.0707  0.0660  -0.0384 86  ASP A CG  
684 O  OD1 . ASP A 86 ? 0.5876 0.6735 0.4517 0.0767  0.0506  -0.0545 86  ASP A OD1 
685 O  OD2 . ASP A 86 ? 0.6571 0.8308 0.4810 0.0736  0.0722  -0.0330 86  ASP A OD2 
686 N  N   . ASP A 87 ? 0.5429 0.6172 0.4789 0.0439  0.0766  -0.0191 87  ASP A N   
687 C  CA  . ASP A 87 ? 0.5618 0.6460 0.5282 0.0431  0.0746  -0.0303 87  ASP A CA  
688 C  C   . ASP A 87 ? 0.5386 0.5809 0.5071 0.0508  0.0578  -0.0416 87  ASP A C   
689 O  O   . ASP A 87 ? 0.4778 0.5271 0.4696 0.0520  0.0497  -0.0525 87  ASP A O   
690 C  CB  . ASP A 87 ? 0.6080 0.7188 0.6082 0.0215  0.0823  -0.0068 87  ASP A CB  
691 C  CG  . ASP A 87 ? 0.6306 0.6950 0.6468 0.0096  0.0687  0.0108  87  ASP A CG  
692 O  OD1 . ASP A 87 ? 0.6134 0.6389 0.6065 0.0200  0.0595  0.0049  87  ASP A OD1 
693 O  OD2 . ASP A 87 ? 0.7381 0.8078 0.8000 -0.0099 0.0650  0.0286  87  ASP A OD2 
694 N  N   . ILE A 88 ? 0.5426 0.5538 0.4877 0.0560  0.0532  -0.0384 88  ILE A N   
695 C  CA  . ILE A 88 ? 0.5542 0.5455 0.4880 0.0661  0.0426  -0.0450 88  ILE A CA  
696 C  C   . ILE A 88 ? 0.5550 0.5385 0.4725 0.0735  0.0413  -0.0398 88  ILE A C   
697 O  O   . ILE A 88 ? 0.5843 0.5641 0.4899 0.0801  0.0352  -0.0353 88  ILE A O   
698 C  CB  . ILE A 88 ? 0.5675 0.5452 0.5007 0.0673  0.0377  -0.0478 88  ILE A CB  
699 C  CG1 . ILE A 88 ? 0.5731 0.5548 0.4894 0.0816  0.0279  -0.0618 88  ILE A CG1 
700 C  CG2 . ILE A 88 ? 0.5208 0.4898 0.4450 0.0677  0.0435  -0.0388 88  ILE A CG2 
701 C  CD1 . ILE A 88 ? 0.6044 0.5821 0.5348 0.0881  0.0142  -0.0845 88  ILE A CD1 
702 N  N   . ARG A 89 ? 0.5706 0.5555 0.4919 0.0724  0.0439  -0.0397 89  ARG A N   
703 C  CA  . ARG A 89 ? 0.5815 0.5521 0.5082 0.0757  0.0354  -0.0351 89  ARG A CA  
704 C  C   . ARG A 89 ? 0.5731 0.5379 0.5184 0.0851  0.0202  -0.0427 89  ARG A C   
705 O  O   . ARG A 89 ? 0.5346 0.5180 0.4921 0.0917  0.0193  -0.0620 89  ARG A O   
706 C  CB  . ARG A 89 ? 0.5619 0.5359 0.4955 0.0747  0.0345  -0.0441 89  ARG A CB  
707 C  CG  . ARG A 89 ? 0.5697 0.5243 0.5238 0.0722  0.0220  -0.0369 89  ARG A CG  
708 C  CD  . ARG A 89 ? 0.5647 0.5273 0.5219 0.0704  0.0197  -0.0475 89  ARG A CD  
709 N  NE  . ARG A 89 ? 0.5617 0.5083 0.5527 0.0634  0.0057  -0.0405 89  ARG A NE  
710 C  CZ  . ARG A 89 ? 0.5646 0.5190 0.5667 0.0602  -0.0005 -0.0469 89  ARG A CZ  
711 N  NH1 . ARG A 89 ? 0.5887 0.5297 0.6376 0.0500  -0.0160 -0.0389 89  ARG A NH1 
712 N  NH2 . ARG A 89 ? 0.5478 0.5246 0.5208 0.0661  0.0045  -0.0585 89  ARG A NH2 
713 N  N   . SER A 90 ? 0.5965 0.5400 0.5503 0.0847  0.0079  -0.0232 90  SER A N   
714 C  CA  . SER A 90 ? 0.6303 0.5548 0.6129 0.0938  -0.0157 -0.0218 90  SER A CA  
715 C  C   . SER A 90 ? 0.6513 0.5477 0.6643 0.0852  -0.0294 -0.0022 90  SER A C   
716 O  O   . SER A 90 ? 0.7047 0.6065 0.7110 0.0721  -0.0168 0.0116  90  SER A O   
717 C  CB  . SER A 90 ? 0.6265 0.5526 0.5943 0.0998  -0.0249 -0.0030 90  SER A CB  
718 O  OG  . SER A 90 ? 0.7464 0.6529 0.7495 0.1131  -0.0541 -0.0043 90  SER A OG  
719 N  N   . ALA A 91 ? 0.7214 0.5879 0.7790 0.0930  -0.0591 -0.0032 91  ALA A N   
720 C  CA  . ALA A 91 ? 0.7217 0.5522 0.8359 0.0867  -0.0847 0.0024  91  ALA A CA  
721 C  C   . ALA A 91 ? 0.8335 0.6239 0.9950 0.0945  -0.1217 0.0216  91  ALA A C   
722 O  O   . ALA A 91 ? 0.9349 0.6954 1.1293 0.0776  -0.1386 0.0724  91  ALA A O   
723 C  CB  . ALA A 91 ? 0.7019 0.5398 0.8375 0.1005  -0.0923 -0.0571 91  ALA A CB  
724 NI NI  . NI  B .  ? 0.3504 0.3445 0.2922 0.0716  0.0274  0.0161  101 NI  A NI  
725 NI NI  . NI  C .  ? 1.5657 1.2709 1.2130 -0.2871 0.3323  0.2032  102 NI  A NI  
# 
